data_1RPG
# 
_entry.id   1RPG 
# 
_audit_conform.dict_name       mmcif_pdbx.dic 
_audit_conform.dict_version    5.398 
_audit_conform.dict_location   http://mmcif.pdb.org/dictionaries/ascii/mmcif_pdbx.dic 
# 
loop_
_database_2.database_id 
_database_2.database_code 
_database_2.pdbx_database_accession 
_database_2.pdbx_DOI 
PDB   1RPG         pdb_00001rpg 10.2210/pdb1rpg/pdb 
WWPDB D_1000176177 ?            ?                   
# 
loop_
_pdbx_audit_revision_history.ordinal 
_pdbx_audit_revision_history.data_content_type 
_pdbx_audit_revision_history.major_revision 
_pdbx_audit_revision_history.minor_revision 
_pdbx_audit_revision_history.revision_date 
1 'Structure model' 1 0 1994-12-20 
2 'Structure model' 1 1 2008-03-24 
3 'Structure model' 1 2 2011-07-13 
4 'Structure model' 1 3 2024-06-05 
5 'Structure model' 1 4 2024-11-13 
# 
_pdbx_audit_revision_details.ordinal             1 
_pdbx_audit_revision_details.revision_ordinal    1 
_pdbx_audit_revision_details.data_content_type   'Structure model' 
_pdbx_audit_revision_details.provider            repository 
_pdbx_audit_revision_details.type                'Initial release' 
_pdbx_audit_revision_details.description         ? 
_pdbx_audit_revision_details.details             ? 
# 
loop_
_pdbx_audit_revision_group.ordinal 
_pdbx_audit_revision_group.revision_ordinal 
_pdbx_audit_revision_group.data_content_type 
_pdbx_audit_revision_group.group 
1 2 'Structure model' 'Version format compliance' 
2 3 'Structure model' 'Version format compliance' 
3 4 'Structure model' 'Data collection'           
4 4 'Structure model' 'Database references'       
5 4 'Structure model' 'Derived calculations'      
6 4 'Structure model' Other                       
7 5 'Structure model' 'Structure summary'         
# 
loop_
_pdbx_audit_revision_category.ordinal 
_pdbx_audit_revision_category.revision_ordinal 
_pdbx_audit_revision_category.data_content_type 
_pdbx_audit_revision_category.category 
1 4 'Structure model' chem_comp_atom            
2 4 'Structure model' chem_comp_bond            
3 4 'Structure model' database_2                
4 4 'Structure model' pdbx_database_status      
5 4 'Structure model' struct_conn               
6 4 'Structure model' struct_site               
7 5 'Structure model' pdbx_entry_details        
8 5 'Structure model' pdbx_modification_feature 
# 
loop_
_pdbx_audit_revision_item.ordinal 
_pdbx_audit_revision_item.revision_ordinal 
_pdbx_audit_revision_item.data_content_type 
_pdbx_audit_revision_item.item 
1 4 'Structure model' '_database_2.pdbx_DOI'                
2 4 'Structure model' '_database_2.pdbx_database_accession' 
3 4 'Structure model' '_pdbx_database_status.process_site'  
4 4 'Structure model' '_struct_conn.pdbx_leaving_atom_flag' 
5 4 'Structure model' '_struct_site.pdbx_auth_asym_id'      
6 4 'Structure model' '_struct_site.pdbx_auth_comp_id'      
7 4 'Structure model' '_struct_site.pdbx_auth_seq_id'       
# 
_pdbx_database_status.status_code                     REL 
_pdbx_database_status.entry_id                        1RPG 
_pdbx_database_status.recvd_initial_deposition_date   1994-08-29 
_pdbx_database_status.deposit_site                    ? 
_pdbx_database_status.process_site                    BNL 
_pdbx_database_status.SG_entry                        . 
_pdbx_database_status.pdb_format_compatible           Y 
_pdbx_database_status.status_code_mr                  ? 
_pdbx_database_status.status_code_sf                  ? 
_pdbx_database_status.status_code_cs                  ? 
_pdbx_database_status.status_code_nmr_data            ? 
_pdbx_database_status.methods_development_category    ? 
# 
loop_
_audit_author.name 
_audit_author.pdbx_ordinal 
'Zegers, I.' 1 
'Wyns, L.'   2 
'Palmer, R.' 3 
# 
_citation.id                        primary 
_citation.title                     
;The structures of RNase A complexed with 3'-CMP and d(CpA): active site conformation and conserved water molecules.
;
_citation.journal_abbrev            'Protein Sci.' 
_citation.journal_volume            3 
_citation.page_first                2322 
_citation.page_last                 2339 
_citation.year                      1994 
_citation.journal_id_ASTM           PRCIEI 
_citation.country                   US 
_citation.journal_id_ISSN           0961-8368 
_citation.journal_id_CSD            0795 
_citation.book_publisher            ? 
_citation.pdbx_database_id_PubMed   7756988 
_citation.pdbx_database_id_DOI      ? 
# 
loop_
_citation_author.citation_id 
_citation_author.name 
_citation_author.ordinal 
_citation_author.identifier_ORCID 
primary 'Zegers, I.'    1 ? 
primary 'Maes, D.'      2 ? 
primary 'Dao-Thi, M.H.' 3 ? 
primary 'Poortmans, F.' 4 ? 
primary 'Palmer, R.'    5 ? 
primary 'Wyns, L.'      6 ? 
# 
loop_
_entity.id 
_entity.type 
_entity.src_method 
_entity.pdbx_description 
_entity.formula_weight 
_entity.pdbx_number_of_molecules 
_entity.pdbx_ec 
_entity.pdbx_mutation 
_entity.pdbx_fragment 
_entity.details 
1 polymer     man 'RIBONUCLEASE A'                                         13708.326 1   3.1.27.5 ? ? ? 
2 non-polymer syn "2'-DEOXYCYTIDINE-2'-DEOXYADENOSINE-3',5'-MONOPHOSPHATE" 540.424   1   ?        ? ? ? 
3 non-polymer syn '(4S)-2-METHYL-2,4-PENTANEDIOL'                          118.174   1   ?        ? ? ? 
4 water       nat water                                                    18.015    164 ?        ? ? ? 
# 
_entity_poly.entity_id                      1 
_entity_poly.type                           'polypeptide(L)' 
_entity_poly.nstd_linkage                   no 
_entity_poly.nstd_monomer                   no 
_entity_poly.pdbx_seq_one_letter_code       
;KETAAAKFERQHMDSSTSAASSSNYCNQMMKSRNLTKDRCKPVNTFVHESLADVQAVCSQKNVACKNGQTNCYQSYSTMS
ITDCRETGSSKYPNCAYKTTQANKHIIVACEGNPYVPVHFDASV
;
_entity_poly.pdbx_seq_one_letter_code_can   
;KETAAAKFERQHMDSSTSAASSSNYCNQMMKSRNLTKDRCKPVNTFVHESLADVQAVCSQKNVACKNGQTNCYQSYSTMS
ITDCRETGSSKYPNCAYKTTQANKHIIVACEGNPYVPVHFDASV
;
_entity_poly.pdbx_strand_id                 A 
_entity_poly.pdbx_target_identifier         ? 
# 
loop_
_pdbx_entity_nonpoly.entity_id 
_pdbx_entity_nonpoly.name 
_pdbx_entity_nonpoly.comp_id 
2 "2'-DEOXYCYTIDINE-2'-DEOXYADENOSINE-3',5'-MONOPHOSPHATE" CPA 
3 '(4S)-2-METHYL-2,4-PENTANEDIOL'                          MPD 
4 water                                                    HOH 
# 
loop_
_entity_poly_seq.entity_id 
_entity_poly_seq.num 
_entity_poly_seq.mon_id 
_entity_poly_seq.hetero 
1 1   LYS n 
1 2   GLU n 
1 3   THR n 
1 4   ALA n 
1 5   ALA n 
1 6   ALA n 
1 7   LYS n 
1 8   PHE n 
1 9   GLU n 
1 10  ARG n 
1 11  GLN n 
1 12  HIS n 
1 13  MET n 
1 14  ASP n 
1 15  SER n 
1 16  SER n 
1 17  THR n 
1 18  SER n 
1 19  ALA n 
1 20  ALA n 
1 21  SER n 
1 22  SER n 
1 23  SER n 
1 24  ASN n 
1 25  TYR n 
1 26  CYS n 
1 27  ASN n 
1 28  GLN n 
1 29  MET n 
1 30  MET n 
1 31  LYS n 
1 32  SER n 
1 33  ARG n 
1 34  ASN n 
1 35  LEU n 
1 36  THR n 
1 37  LYS n 
1 38  ASP n 
1 39  ARG n 
1 40  CYS n 
1 41  LYS n 
1 42  PRO n 
1 43  VAL n 
1 44  ASN n 
1 45  THR n 
1 46  PHE n 
1 47  VAL n 
1 48  HIS n 
1 49  GLU n 
1 50  SER n 
1 51  LEU n 
1 52  ALA n 
1 53  ASP n 
1 54  VAL n 
1 55  GLN n 
1 56  ALA n 
1 57  VAL n 
1 58  CYS n 
1 59  SER n 
1 60  GLN n 
1 61  LYS n 
1 62  ASN n 
1 63  VAL n 
1 64  ALA n 
1 65  CYS n 
1 66  LYS n 
1 67  ASN n 
1 68  GLY n 
1 69  GLN n 
1 70  THR n 
1 71  ASN n 
1 72  CYS n 
1 73  TYR n 
1 74  GLN n 
1 75  SER n 
1 76  TYR n 
1 77  SER n 
1 78  THR n 
1 79  MET n 
1 80  SER n 
1 81  ILE n 
1 82  THR n 
1 83  ASP n 
1 84  CYS n 
1 85  ARG n 
1 86  GLU n 
1 87  THR n 
1 88  GLY n 
1 89  SER n 
1 90  SER n 
1 91  LYS n 
1 92  TYR n 
1 93  PRO n 
1 94  ASN n 
1 95  CYS n 
1 96  ALA n 
1 97  TYR n 
1 98  LYS n 
1 99  THR n 
1 100 THR n 
1 101 GLN n 
1 102 ALA n 
1 103 ASN n 
1 104 LYS n 
1 105 HIS n 
1 106 ILE n 
1 107 ILE n 
1 108 VAL n 
1 109 ALA n 
1 110 CYS n 
1 111 GLU n 
1 112 GLY n 
1 113 ASN n 
1 114 PRO n 
1 115 TYR n 
1 116 VAL n 
1 117 PRO n 
1 118 VAL n 
1 119 HIS n 
1 120 PHE n 
1 121 ASP n 
1 122 ALA n 
1 123 SER n 
1 124 VAL n 
# 
_entity_src_gen.entity_id                          1 
_entity_src_gen.pdbx_src_id                        1 
_entity_src_gen.pdbx_alt_source_flag               sample 
_entity_src_gen.pdbx_seq_type                      ? 
_entity_src_gen.pdbx_beg_seq_num                   ? 
_entity_src_gen.pdbx_end_seq_num                   ? 
_entity_src_gen.gene_src_common_name               cattle 
_entity_src_gen.gene_src_genus                     Bos 
_entity_src_gen.pdbx_gene_src_gene                 ? 
_entity_src_gen.gene_src_species                   ? 
_entity_src_gen.gene_src_strain                    ? 
_entity_src_gen.gene_src_tissue                    ? 
_entity_src_gen.gene_src_tissue_fraction           ? 
_entity_src_gen.gene_src_details                   ? 
_entity_src_gen.pdbx_gene_src_fragment             ? 
_entity_src_gen.pdbx_gene_src_scientific_name      'Bos taurus' 
_entity_src_gen.pdbx_gene_src_ncbi_taxonomy_id     9913 
_entity_src_gen.pdbx_gene_src_variant              ? 
_entity_src_gen.pdbx_gene_src_cell_line            S2 
_entity_src_gen.pdbx_gene_src_atcc                 ? 
_entity_src_gen.pdbx_gene_src_organ                PANCREAS 
_entity_src_gen.pdbx_gene_src_organelle            ? 
_entity_src_gen.pdbx_gene_src_cell                 ? 
_entity_src_gen.pdbx_gene_src_cellular_location    ? 
_entity_src_gen.host_org_common_name               ? 
_entity_src_gen.pdbx_host_org_scientific_name      ? 
_entity_src_gen.pdbx_host_org_ncbi_taxonomy_id     ? 
_entity_src_gen.host_org_genus                     ? 
_entity_src_gen.pdbx_host_org_gene                 ? 
_entity_src_gen.pdbx_host_org_organ                ? 
_entity_src_gen.host_org_species                   ? 
_entity_src_gen.pdbx_host_org_tissue               ? 
_entity_src_gen.pdbx_host_org_tissue_fraction      ? 
_entity_src_gen.pdbx_host_org_strain               ? 
_entity_src_gen.pdbx_host_org_variant              ? 
_entity_src_gen.pdbx_host_org_cell_line            ? 
_entity_src_gen.pdbx_host_org_atcc                 ? 
_entity_src_gen.pdbx_host_org_culture_collection   ? 
_entity_src_gen.pdbx_host_org_cell                 ? 
_entity_src_gen.pdbx_host_org_organelle            ? 
_entity_src_gen.pdbx_host_org_cellular_location    ? 
_entity_src_gen.pdbx_host_org_vector_type          ? 
_entity_src_gen.pdbx_host_org_vector               ? 
_entity_src_gen.host_org_details                   ? 
_entity_src_gen.expression_system_id               ? 
_entity_src_gen.plasmid_name                       ? 
_entity_src_gen.plasmid_details                    ? 
_entity_src_gen.pdbx_description                   ? 
# 
loop_
_chem_comp.id 
_chem_comp.type 
_chem_comp.mon_nstd_flag 
_chem_comp.name 
_chem_comp.pdbx_synonyms 
_chem_comp.formula 
_chem_comp.formula_weight 
ALA 'L-peptide linking' y ALANINE                                                  ? 'C3 H7 N O2'      89.093  
ARG 'L-peptide linking' y ARGININE                                                 ? 'C6 H15 N4 O2 1'  175.209 
ASN 'L-peptide linking' y ASPARAGINE                                               ? 'C4 H8 N2 O3'     132.118 
ASP 'L-peptide linking' y 'ASPARTIC ACID'                                          ? 'C4 H7 N O4'      133.103 
CPA non-polymer         . "2'-DEOXYCYTIDINE-2'-DEOXYADENOSINE-3',5'-MONOPHOSPHATE" ? 'C19 H25 N8 O9 P' 540.424 
CYS 'L-peptide linking' y CYSTEINE                                                 ? 'C3 H7 N O2 S'    121.158 
GLN 'L-peptide linking' y GLUTAMINE                                                ? 'C5 H10 N2 O3'    146.144 
GLU 'L-peptide linking' y 'GLUTAMIC ACID'                                          ? 'C5 H9 N O4'      147.129 
GLY 'peptide linking'   y GLYCINE                                                  ? 'C2 H5 N O2'      75.067  
HIS 'L-peptide linking' y HISTIDINE                                                ? 'C6 H10 N3 O2 1'  156.162 
HOH non-polymer         . WATER                                                    ? 'H2 O'            18.015  
ILE 'L-peptide linking' y ISOLEUCINE                                               ? 'C6 H13 N O2'     131.173 
LEU 'L-peptide linking' y LEUCINE                                                  ? 'C6 H13 N O2'     131.173 
LYS 'L-peptide linking' y LYSINE                                                   ? 'C6 H15 N2 O2 1'  147.195 
MET 'L-peptide linking' y METHIONINE                                               ? 'C5 H11 N O2 S'   149.211 
MPD non-polymer         . '(4S)-2-METHYL-2,4-PENTANEDIOL'                          ? 'C6 H14 O2'       118.174 
PHE 'L-peptide linking' y PHENYLALANINE                                            ? 'C9 H11 N O2'     165.189 
PRO 'L-peptide linking' y PROLINE                                                  ? 'C5 H9 N O2'      115.130 
SER 'L-peptide linking' y SERINE                                                   ? 'C3 H7 N O3'      105.093 
THR 'L-peptide linking' y THREONINE                                                ? 'C4 H9 N O3'      119.119 
TYR 'L-peptide linking' y TYROSINE                                                 ? 'C9 H11 N O3'     181.189 
VAL 'L-peptide linking' y VALINE                                                   ? 'C5 H11 N O2'     117.146 
# 
loop_
_pdbx_poly_seq_scheme.asym_id 
_pdbx_poly_seq_scheme.entity_id 
_pdbx_poly_seq_scheme.seq_id 
_pdbx_poly_seq_scheme.mon_id 
_pdbx_poly_seq_scheme.ndb_seq_num 
_pdbx_poly_seq_scheme.pdb_seq_num 
_pdbx_poly_seq_scheme.auth_seq_num 
_pdbx_poly_seq_scheme.pdb_mon_id 
_pdbx_poly_seq_scheme.auth_mon_id 
_pdbx_poly_seq_scheme.pdb_strand_id 
_pdbx_poly_seq_scheme.pdb_ins_code 
_pdbx_poly_seq_scheme.hetero 
A 1 1   LYS 1   1   1   LYS LYS A . n 
A 1 2   GLU 2   2   2   GLU GLU A . n 
A 1 3   THR 3   3   3   THR THR A . n 
A 1 4   ALA 4   4   4   ALA ALA A . n 
A 1 5   ALA 5   5   5   ALA ALA A . n 
A 1 6   ALA 6   6   6   ALA ALA A . n 
A 1 7   LYS 7   7   7   LYS LYS A . n 
A 1 8   PHE 8   8   8   PHE PHE A . n 
A 1 9   GLU 9   9   9   GLU GLU A . n 
A 1 10  ARG 10  10  10  ARG ARG A . n 
A 1 11  GLN 11  11  11  GLN GLN A . n 
A 1 12  HIS 12  12  12  HIS HIS A . n 
A 1 13  MET 13  13  13  MET MET A . n 
A 1 14  ASP 14  14  14  ASP ASP A . n 
A 1 15  SER 15  15  15  SER SER A . n 
A 1 16  SER 16  16  16  SER SER A . n 
A 1 17  THR 17  17  17  THR THR A . n 
A 1 18  SER 18  18  18  SER SER A . n 
A 1 19  ALA 19  19  19  ALA ALA A . n 
A 1 20  ALA 20  20  20  ALA ALA A . n 
A 1 21  SER 21  21  21  SER SER A . n 
A 1 22  SER 22  22  22  SER SER A . n 
A 1 23  SER 23  23  23  SER SER A . n 
A 1 24  ASN 24  24  24  ASN ASN A . n 
A 1 25  TYR 25  25  25  TYR TYR A . n 
A 1 26  CYS 26  26  26  CYS CYS A . n 
A 1 27  ASN 27  27  27  ASN ASN A . n 
A 1 28  GLN 28  28  28  GLN GLN A . n 
A 1 29  MET 29  29  29  MET MET A . n 
A 1 30  MET 30  30  30  MET MET A . n 
A 1 31  LYS 31  31  31  LYS LYS A . n 
A 1 32  SER 32  32  32  SER SER A . n 
A 1 33  ARG 33  33  33  ARG ARG A . n 
A 1 34  ASN 34  34  34  ASN ASN A . n 
A 1 35  LEU 35  35  35  LEU LEU A . n 
A 1 36  THR 36  36  36  THR THR A . n 
A 1 37  LYS 37  37  37  LYS LYS A . n 
A 1 38  ASP 38  38  38  ASP ASP A . n 
A 1 39  ARG 39  39  39  ARG ARG A . n 
A 1 40  CYS 40  40  40  CYS CYS A . n 
A 1 41  LYS 41  41  41  LYS LYS A . n 
A 1 42  PRO 42  42  42  PRO PRO A . n 
A 1 43  VAL 43  43  43  VAL VAL A . n 
A 1 44  ASN 44  44  44  ASN ASN A . n 
A 1 45  THR 45  45  45  THR THR A . n 
A 1 46  PHE 46  46  46  PHE PHE A . n 
A 1 47  VAL 47  47  47  VAL VAL A . n 
A 1 48  HIS 48  48  48  HIS HIS A . n 
A 1 49  GLU 49  49  49  GLU GLU A . n 
A 1 50  SER 50  50  50  SER SER A . n 
A 1 51  LEU 51  51  51  LEU LEU A . n 
A 1 52  ALA 52  52  52  ALA ALA A . n 
A 1 53  ASP 53  53  53  ASP ASP A . n 
A 1 54  VAL 54  54  54  VAL VAL A . n 
A 1 55  GLN 55  55  55  GLN GLN A . n 
A 1 56  ALA 56  56  56  ALA ALA A . n 
A 1 57  VAL 57  57  57  VAL VAL A . n 
A 1 58  CYS 58  58  58  CYS CYS A . n 
A 1 59  SER 59  59  59  SER SER A . n 
A 1 60  GLN 60  60  60  GLN GLN A . n 
A 1 61  LYS 61  61  61  LYS LYS A . n 
A 1 62  ASN 62  62  62  ASN ASN A . n 
A 1 63  VAL 63  63  63  VAL VAL A . n 
A 1 64  ALA 64  64  64  ALA ALA A . n 
A 1 65  CYS 65  65  65  CYS CYS A . n 
A 1 66  LYS 66  66  66  LYS LYS A . n 
A 1 67  ASN 67  67  67  ASN ASN A . n 
A 1 68  GLY 68  68  68  GLY GLY A . n 
A 1 69  GLN 69  69  69  GLN GLN A . n 
A 1 70  THR 70  70  70  THR THR A . n 
A 1 71  ASN 71  71  71  ASN ASN A . n 
A 1 72  CYS 72  72  72  CYS CYS A . n 
A 1 73  TYR 73  73  73  TYR TYR A . n 
A 1 74  GLN 74  74  74  GLN GLN A . n 
A 1 75  SER 75  75  75  SER SER A . n 
A 1 76  TYR 76  76  76  TYR TYR A . n 
A 1 77  SER 77  77  77  SER SER A . n 
A 1 78  THR 78  78  78  THR THR A . n 
A 1 79  MET 79  79  79  MET MET A . n 
A 1 80  SER 80  80  80  SER SER A . n 
A 1 81  ILE 81  81  81  ILE ILE A . n 
A 1 82  THR 82  82  82  THR THR A . n 
A 1 83  ASP 83  83  83  ASP ASP A . n 
A 1 84  CYS 84  84  84  CYS CYS A . n 
A 1 85  ARG 85  85  85  ARG ARG A . n 
A 1 86  GLU 86  86  86  GLU GLU A . n 
A 1 87  THR 87  87  87  THR THR A . n 
A 1 88  GLY 88  88  88  GLY GLY A . n 
A 1 89  SER 89  89  89  SER SER A . n 
A 1 90  SER 90  90  90  SER SER A . n 
A 1 91  LYS 91  91  91  LYS LYS A . n 
A 1 92  TYR 92  92  92  TYR TYR A . n 
A 1 93  PRO 93  93  93  PRO PRO A . n 
A 1 94  ASN 94  94  94  ASN ASN A . n 
A 1 95  CYS 95  95  95  CYS CYS A . n 
A 1 96  ALA 96  96  96  ALA ALA A . n 
A 1 97  TYR 97  97  97  TYR TYR A . n 
A 1 98  LYS 98  98  98  LYS LYS A . n 
A 1 99  THR 99  99  99  THR THR A . n 
A 1 100 THR 100 100 100 THR THR A . n 
A 1 101 GLN 101 101 101 GLN GLN A . n 
A 1 102 ALA 102 102 102 ALA ALA A . n 
A 1 103 ASN 103 103 103 ASN ASN A . n 
A 1 104 LYS 104 104 104 LYS LYS A . n 
A 1 105 HIS 105 105 105 HIS HIS A . n 
A 1 106 ILE 106 106 106 ILE ILE A . n 
A 1 107 ILE 107 107 107 ILE ILE A . n 
A 1 108 VAL 108 108 108 VAL VAL A . n 
A 1 109 ALA 109 109 109 ALA ALA A . n 
A 1 110 CYS 110 110 110 CYS CYS A . n 
A 1 111 GLU 111 111 111 GLU GLU A . n 
A 1 112 GLY 112 112 112 GLY GLY A . n 
A 1 113 ASN 113 113 113 ASN ASN A . n 
A 1 114 PRO 114 114 114 PRO PRO A . n 
A 1 115 TYR 115 115 115 TYR TYR A . n 
A 1 116 VAL 116 116 116 VAL VAL A . n 
A 1 117 PRO 117 117 117 PRO PRO A . n 
A 1 118 VAL 118 118 118 VAL VAL A . n 
A 1 119 HIS 119 119 119 HIS HIS A . n 
A 1 120 PHE 120 120 120 PHE PHE A . n 
A 1 121 ASP 121 121 121 ASP ASP A . n 
A 1 122 ALA 122 122 122 ALA ALA A . n 
A 1 123 SER 123 123 123 SER SER A . n 
A 1 124 VAL 124 124 124 VAL VAL A . n 
# 
loop_
_pdbx_nonpoly_scheme.asym_id 
_pdbx_nonpoly_scheme.entity_id 
_pdbx_nonpoly_scheme.mon_id 
_pdbx_nonpoly_scheme.ndb_seq_num 
_pdbx_nonpoly_scheme.pdb_seq_num 
_pdbx_nonpoly_scheme.auth_seq_num 
_pdbx_nonpoly_scheme.pdb_mon_id 
_pdbx_nonpoly_scheme.auth_mon_id 
_pdbx_nonpoly_scheme.pdb_strand_id 
_pdbx_nonpoly_scheme.pdb_ins_code 
B 2 CPA 1   126 126 CPA CPA A . 
C 3 MPD 1   127 127 MPD MPD A . 
D 4 HOH 1   128 128 HOH HOH A . 
D 4 HOH 2   129 129 HOH HOH A . 
D 4 HOH 3   130 130 HOH HOH A . 
D 4 HOH 4   131 131 HOH HOH A . 
D 4 HOH 5   132 132 HOH HOH A . 
D 4 HOH 6   133 133 HOH HOH A . 
D 4 HOH 7   134 134 HOH HOH A . 
D 4 HOH 8   135 135 HOH HOH A . 
D 4 HOH 9   136 136 HOH HOH A . 
D 4 HOH 10  137 137 HOH HOH A . 
D 4 HOH 11  138 138 HOH HOH A . 
D 4 HOH 12  139 139 HOH HOH A . 
D 4 HOH 13  140 140 HOH HOH A . 
D 4 HOH 14  141 141 HOH HOH A . 
D 4 HOH 15  142 142 HOH HOH A . 
D 4 HOH 16  143 143 HOH HOH A . 
D 4 HOH 17  144 144 HOH HOH A . 
D 4 HOH 18  145 145 HOH HOH A . 
D 4 HOH 19  146 146 HOH HOH A . 
D 4 HOH 20  147 147 HOH HOH A . 
D 4 HOH 21  148 148 HOH HOH A . 
D 4 HOH 22  149 149 HOH HOH A . 
D 4 HOH 23  150 150 HOH HOH A . 
D 4 HOH 24  151 151 HOH HOH A . 
D 4 HOH 25  152 152 HOH HOH A . 
D 4 HOH 26  153 153 HOH HOH A . 
D 4 HOH 27  154 154 HOH HOH A . 
D 4 HOH 28  155 155 HOH HOH A . 
D 4 HOH 29  156 156 HOH HOH A . 
D 4 HOH 30  157 157 HOH HOH A . 
D 4 HOH 31  158 158 HOH HOH A . 
D 4 HOH 32  159 159 HOH HOH A . 
D 4 HOH 33  160 160 HOH HOH A . 
D 4 HOH 34  161 161 HOH HOH A . 
D 4 HOH 35  162 162 HOH HOH A . 
D 4 HOH 36  163 163 HOH HOH A . 
D 4 HOH 37  164 164 HOH HOH A . 
D 4 HOH 38  165 165 HOH HOH A . 
D 4 HOH 39  166 166 HOH HOH A . 
D 4 HOH 40  167 167 HOH HOH A . 
D 4 HOH 41  168 168 HOH HOH A . 
D 4 HOH 42  169 169 HOH HOH A . 
D 4 HOH 43  170 170 HOH HOH A . 
D 4 HOH 44  171 171 HOH HOH A . 
D 4 HOH 45  172 172 HOH HOH A . 
D 4 HOH 46  173 173 HOH HOH A . 
D 4 HOH 47  174 174 HOH HOH A . 
D 4 HOH 48  175 175 HOH HOH A . 
D 4 HOH 49  176 176 HOH HOH A . 
D 4 HOH 50  177 177 HOH HOH A . 
D 4 HOH 51  178 178 HOH HOH A . 
D 4 HOH 52  179 179 HOH HOH A . 
D 4 HOH 53  180 180 HOH HOH A . 
D 4 HOH 54  181 181 HOH HOH A . 
D 4 HOH 55  182 182 HOH HOH A . 
D 4 HOH 56  183 183 HOH HOH A . 
D 4 HOH 57  184 184 HOH HOH A . 
D 4 HOH 58  185 185 HOH HOH A . 
D 4 HOH 59  186 186 HOH HOH A . 
D 4 HOH 60  187 187 HOH HOH A . 
D 4 HOH 61  188 188 HOH HOH A . 
D 4 HOH 62  189 189 HOH HOH A . 
D 4 HOH 63  190 190 HOH HOH A . 
D 4 HOH 64  191 191 HOH HOH A . 
D 4 HOH 65  192 192 HOH HOH A . 
D 4 HOH 66  193 193 HOH HOH A . 
D 4 HOH 67  194 194 HOH HOH A . 
D 4 HOH 68  195 195 HOH HOH A . 
D 4 HOH 69  196 196 HOH HOH A . 
D 4 HOH 70  197 197 HOH HOH A . 
D 4 HOH 71  198 198 HOH HOH A . 
D 4 HOH 72  199 199 HOH HOH A . 
D 4 HOH 73  200 200 HOH HOH A . 
D 4 HOH 74  201 201 HOH HOH A . 
D 4 HOH 75  202 202 HOH HOH A . 
D 4 HOH 76  203 203 HOH HOH A . 
D 4 HOH 77  204 204 HOH HOH A . 
D 4 HOH 78  205 205 HOH HOH A . 
D 4 HOH 79  206 206 HOH HOH A . 
D 4 HOH 80  207 207 HOH HOH A . 
D 4 HOH 81  208 208 HOH HOH A . 
D 4 HOH 82  209 209 HOH HOH A . 
D 4 HOH 83  210 210 HOH HOH A . 
D 4 HOH 84  211 211 HOH HOH A . 
D 4 HOH 85  212 212 HOH HOH A . 
D 4 HOH 86  213 213 HOH HOH A . 
D 4 HOH 87  214 214 HOH HOH A . 
D 4 HOH 88  215 215 HOH HOH A . 
D 4 HOH 89  216 216 HOH HOH A . 
D 4 HOH 90  217 217 HOH HOH A . 
D 4 HOH 91  218 218 HOH HOH A . 
D 4 HOH 92  219 219 HOH HOH A . 
D 4 HOH 93  220 220 HOH HOH A . 
D 4 HOH 94  221 221 HOH HOH A . 
D 4 HOH 95  222 222 HOH HOH A . 
D 4 HOH 96  223 223 HOH HOH A . 
D 4 HOH 97  224 224 HOH HOH A . 
D 4 HOH 98  225 225 HOH HOH A . 
D 4 HOH 99  226 226 HOH HOH A . 
D 4 HOH 100 227 227 HOH HOH A . 
D 4 HOH 101 228 228 HOH HOH A . 
D 4 HOH 102 229 229 HOH HOH A . 
D 4 HOH 103 230 230 HOH HOH A . 
D 4 HOH 104 231 231 HOH HOH A . 
D 4 HOH 105 232 232 HOH HOH A . 
D 4 HOH 106 233 233 HOH HOH A . 
D 4 HOH 107 234 234 HOH HOH A . 
D 4 HOH 108 235 235 HOH HOH A . 
D 4 HOH 109 236 236 HOH HOH A . 
D 4 HOH 110 237 237 HOH HOH A . 
D 4 HOH 111 238 238 HOH HOH A . 
D 4 HOH 112 239 239 HOH HOH A . 
D 4 HOH 113 240 240 HOH HOH A . 
D 4 HOH 114 241 241 HOH HOH A . 
D 4 HOH 115 242 242 HOH HOH A . 
D 4 HOH 116 243 243 HOH HOH A . 
D 4 HOH 117 244 244 HOH HOH A . 
D 4 HOH 118 245 245 HOH HOH A . 
D 4 HOH 119 246 246 HOH HOH A . 
D 4 HOH 120 247 247 HOH HOH A . 
D 4 HOH 121 248 248 HOH HOH A . 
D 4 HOH 122 249 249 HOH HOH A . 
D 4 HOH 123 250 250 HOH HOH A . 
D 4 HOH 124 251 251 HOH HOH A . 
D 4 HOH 125 252 252 HOH HOH A . 
D 4 HOH 126 253 253 HOH HOH A . 
D 4 HOH 127 254 254 HOH HOH A . 
D 4 HOH 128 255 255 HOH HOH A . 
D 4 HOH 129 256 256 HOH HOH A . 
D 4 HOH 130 257 257 HOH HOH A . 
D 4 HOH 131 258 258 HOH HOH A . 
D 4 HOH 132 259 259 HOH HOH A . 
D 4 HOH 133 260 260 HOH HOH A . 
D 4 HOH 134 261 261 HOH HOH A . 
D 4 HOH 135 262 262 HOH HOH A . 
D 4 HOH 136 263 263 HOH HOH A . 
D 4 HOH 137 264 264 HOH HOH A . 
D 4 HOH 138 265 265 HOH HOH A . 
D 4 HOH 139 266 266 HOH HOH A . 
D 4 HOH 140 267 267 HOH HOH A . 
D 4 HOH 141 268 268 HOH HOH A . 
D 4 HOH 142 269 269 HOH HOH A . 
D 4 HOH 143 270 270 HOH HOH A . 
D 4 HOH 144 271 271 HOH HOH A . 
D 4 HOH 145 272 272 HOH HOH A . 
D 4 HOH 146 273 273 HOH HOH A . 
D 4 HOH 147 274 274 HOH HOH A . 
D 4 HOH 148 275 275 HOH HOH A . 
D 4 HOH 149 276 276 HOH HOH A . 
D 4 HOH 150 277 277 HOH HOH A . 
D 4 HOH 151 278 278 HOH HOH A . 
D 4 HOH 152 279 279 HOH HOH A . 
D 4 HOH 153 280 280 HOH HOH A . 
D 4 HOH 154 281 281 HOH HOH A . 
D 4 HOH 155 282 282 HOH HOH A . 
D 4 HOH 156 283 283 HOH HOH A . 
D 4 HOH 157 284 284 HOH HOH A . 
D 4 HOH 158 285 285 HOH HOH A . 
D 4 HOH 159 286 286 HOH HOH A . 
D 4 HOH 160 287 287 HOH HOH A . 
D 4 HOH 161 288 288 HOH HOH A . 
D 4 HOH 162 289 289 HOH HOH A . 
D 4 HOH 163 290 290 HOH HOH A . 
D 4 HOH 164 291 291 HOH HOH A . 
# 
_software.name             RESTRAIN 
_software.classification   refinement 
_software.version          . 
_software.citation_id      ? 
_software.pdbx_ordinal     1 
# 
_cell.entry_id           1RPG 
_cell.length_a           30.000 
_cell.length_b           38.270 
_cell.length_c           53.170 
_cell.angle_alpha        90.00 
_cell.angle_beta         106.00 
_cell.angle_gamma        90.00 
_cell.Z_PDB              2 
_cell.pdbx_unique_axis   ? 
# 
_symmetry.entry_id                         1RPG 
_symmetry.space_group_name_H-M             'P 1 21 1' 
_symmetry.pdbx_full_space_group_name_H-M   ? 
_symmetry.cell_setting                     ? 
_symmetry.Int_Tables_number                4 
# 
_exptl.entry_id          1RPG 
_exptl.method            'X-RAY DIFFRACTION' 
_exptl.crystals_number   ? 
# 
_exptl_crystal.id                    1 
_exptl_crystal.density_meas          ? 
_exptl_crystal.density_Matthews      2.14 
_exptl_crystal.density_percent_sol   42.51 
_exptl_crystal.description           ? 
# 
_diffrn.id                     1 
_diffrn.ambient_temp           ? 
_diffrn.ambient_temp_details   ? 
_diffrn.crystal_id             1 
# 
_diffrn_radiation.diffrn_id                        1 
_diffrn_radiation.wavelength_id                    1 
_diffrn_radiation.pdbx_monochromatic_or_laue_m_l   ? 
_diffrn_radiation.monochromator                    ? 
_diffrn_radiation.pdbx_diffrn_protocol             ? 
_diffrn_radiation.pdbx_scattering_type             x-ray 
# 
_diffrn_radiation_wavelength.id           1 
_diffrn_radiation_wavelength.wavelength   . 
_diffrn_radiation_wavelength.wt           1.0 
# 
_refine.entry_id                                 1RPG 
_refine.ls_number_reflns_obs                     20881 
_refine.ls_number_reflns_all                     ? 
_refine.pdbx_ls_sigma_I                          ? 
_refine.pdbx_ls_sigma_F                          1. 
_refine.pdbx_data_cutoff_high_absF               ? 
_refine.pdbx_data_cutoff_low_absF                ? 
_refine.pdbx_data_cutoff_high_rms_absF           ? 
_refine.ls_d_res_low                             10. 
_refine.ls_d_res_high                            1.4 
_refine.ls_percent_reflns_obs                    91.0 
_refine.ls_R_factor_obs                          0.172 
_refine.ls_R_factor_all                          ? 
_refine.ls_R_factor_R_work                       ? 
_refine.ls_R_factor_R_free                       ? 
_refine.ls_R_factor_R_free_error                 ? 
_refine.ls_R_factor_R_free_error_details         ? 
_refine.ls_percent_reflns_R_free                 ? 
_refine.ls_number_reflns_R_free                  ? 
_refine.ls_number_parameters                     ? 
_refine.ls_number_restraints                     ? 
_refine.occupancy_min                            ? 
_refine.occupancy_max                            ? 
_refine.B_iso_mean                               ? 
_refine.aniso_B[1][1]                            ? 
_refine.aniso_B[2][2]                            ? 
_refine.aniso_B[3][3]                            ? 
_refine.aniso_B[1][2]                            ? 
_refine.aniso_B[1][3]                            ? 
_refine.aniso_B[2][3]                            ? 
_refine.solvent_model_details                    ? 
_refine.solvent_model_param_ksol                 ? 
_refine.solvent_model_param_bsol                 ? 
_refine.pdbx_ls_cross_valid_method               ? 
_refine.details                                  
;SER 16, SER 32, LEU 35, LYS 41, ASN 57, GLN 69 HAVE
MULTIPLE CONFORMATIONS.  THE OCCUPANCY OF THE INHIBITOR
D(CPA) WAS REFINED SEPARATELY.
;
_refine.pdbx_starting_model                      ? 
_refine.pdbx_method_to_determine_struct          ? 
_refine.pdbx_isotropic_thermal_model             ? 
_refine.pdbx_stereochemistry_target_values       ? 
_refine.pdbx_stereochem_target_val_spec_case     ? 
_refine.pdbx_R_Free_selection_details            ? 
_refine.pdbx_overall_ESU_R                       ? 
_refine.pdbx_overall_ESU_R_Free                  ? 
_refine.overall_SU_ML                            ? 
_refine.overall_SU_B                             ? 
_refine.pdbx_refine_id                           'X-RAY DIFFRACTION' 
_refine.pdbx_diffrn_id                           1 
_refine.pdbx_TLS_residual_ADP_flag               ? 
_refine.correlation_coeff_Fo_to_Fc               ? 
_refine.correlation_coeff_Fo_to_Fc_free          ? 
_refine.pdbx_solvent_vdw_probe_radii             ? 
_refine.pdbx_solvent_ion_probe_radii             ? 
_refine.pdbx_solvent_shrinkage_radii             ? 
_refine.pdbx_overall_phase_error                 ? 
_refine.overall_SU_R_Cruickshank_DPI             ? 
_refine.pdbx_overall_SU_R_free_Cruickshank_DPI   ? 
_refine.pdbx_overall_SU_R_Blow_DPI               ? 
_refine.pdbx_overall_SU_R_free_Blow_DPI          ? 
# 
_refine_hist.pdbx_refine_id                   'X-RAY DIFFRACTION' 
_refine_hist.cycle_id                         LAST 
_refine_hist.pdbx_number_atoms_protein        968 
_refine_hist.pdbx_number_atoms_nucleic_acid   0 
_refine_hist.pdbx_number_atoms_ligand         37 
_refine_hist.number_atoms_solvent             172 
_refine_hist.number_atoms_total               1177 
_refine_hist.d_res_high                       1.4 
_refine_hist.d_res_low                        10. 
# 
loop_
_refine_ls_restr.type 
_refine_ls_restr.dev_ideal 
_refine_ls_restr.dev_ideal_target 
_refine_ls_restr.weight 
_refine_ls_restr.number 
_refine_ls_restr.pdbx_refine_id 
_refine_ls_restr.pdbx_restraint_function 
p_bond_d            0.017 0.025 ? ? 'X-RAY DIFFRACTION' ? 
p_angle_d           0.032 0.033 ? ? 'X-RAY DIFFRACTION' ? 
p_angle_deg         ?     ?     ? ? 'X-RAY DIFFRACTION' ? 
p_planar_d          0.025 0.025 ? ? 'X-RAY DIFFRACTION' ? 
p_hb_or_metal_coord ?     ?     ? ? 'X-RAY DIFFRACTION' ? 
p_mcbond_it         ?     ?     ? ? 'X-RAY DIFFRACTION' ? 
p_mcangle_it        ?     ?     ? ? 'X-RAY DIFFRACTION' ? 
p_scbond_it         ?     ?     ? ? 'X-RAY DIFFRACTION' ? 
p_scangle_it        ?     ?     ? ? 'X-RAY DIFFRACTION' ? 
p_plane_restr       0.012 0.015 ? ? 'X-RAY DIFFRACTION' ? 
p_chiral_restr      0.015 0.018 ? ? 'X-RAY DIFFRACTION' ? 
p_singtor_nbd       ?     ?     ? ? 'X-RAY DIFFRACTION' ? 
p_multtor_nbd       ?     ?     ? ? 'X-RAY DIFFRACTION' ? 
p_xhyhbond_nbd      ?     ?     ? ? 'X-RAY DIFFRACTION' ? 
p_xyhbond_nbd       ?     ?     ? ? 'X-RAY DIFFRACTION' ? 
p_planar_tor        ?     ?     ? ? 'X-RAY DIFFRACTION' ? 
p_staggered_tor     ?     ?     ? ? 'X-RAY DIFFRACTION' ? 
p_orthonormal_tor   ?     ?     ? ? 'X-RAY DIFFRACTION' ? 
p_transverse_tor    ?     ?     ? ? 'X-RAY DIFFRACTION' ? 
p_special_tor       ?     ?     ? ? 'X-RAY DIFFRACTION' ? 
# 
_struct.entry_id                  1RPG 
_struct.title                     
;STRUCTURES OF RNASE A COMPLEXED WITH 3'-CMP AND D(CPA): ACTIVE SITE CONFORMATION AND CONSERVED WATER MOLECULES
;
_struct.pdbx_model_details        ? 
_struct.pdbx_CASP_flag            ? 
_struct.pdbx_model_type_details   ? 
# 
_struct_keywords.entry_id        1RPG 
_struct_keywords.pdbx_keywords   'HYDROLASE(PHOSPHORIC DIESTER)' 
_struct_keywords.text            'HYDROLASE(PHOSPHORIC DIESTER)' 
# 
loop_
_struct_asym.id 
_struct_asym.pdbx_blank_PDB_chainid_flag 
_struct_asym.pdbx_modified 
_struct_asym.entity_id 
_struct_asym.details 
A N N 1 ? 
B N N 2 ? 
C N N 3 ? 
D N N 4 ? 
# 
_struct_ref.id                         1 
_struct_ref.db_name                    UNP 
_struct_ref.db_code                    RNAS1_BOVIN 
_struct_ref.entity_id                  1 
_struct_ref.pdbx_db_accession          P61823 
_struct_ref.pdbx_align_begin           1 
_struct_ref.pdbx_seq_one_letter_code   
;MALKSLVLLSLLVLVLLLVRVQPSLGKETAAAKFERQHMDSSTSAASSSNYCNQMMKSRNLTKDRCKPVNTFVHESLADV
QAVCSQKNVACKNGQTNCYQSYSTMSITDCRETGSSKYPNCAYKTTQANKHIIVACEGNPYVPVHFDASV
;
_struct_ref.pdbx_db_isoform            ? 
# 
_struct_ref_seq.align_id                      1 
_struct_ref_seq.ref_id                        1 
_struct_ref_seq.pdbx_PDB_id_code              1RPG 
_struct_ref_seq.pdbx_strand_id                A 
_struct_ref_seq.seq_align_beg                 1 
_struct_ref_seq.pdbx_seq_align_beg_ins_code   ? 
_struct_ref_seq.seq_align_end                 124 
_struct_ref_seq.pdbx_seq_align_end_ins_code   ? 
_struct_ref_seq.pdbx_db_accession             P61823 
_struct_ref_seq.db_align_beg                  27 
_struct_ref_seq.pdbx_db_align_beg_ins_code    ? 
_struct_ref_seq.db_align_end                  150 
_struct_ref_seq.pdbx_db_align_end_ins_code    ? 
_struct_ref_seq.pdbx_auth_seq_align_beg       1 
_struct_ref_seq.pdbx_auth_seq_align_end       124 
# 
_pdbx_struct_assembly.id                   1 
_pdbx_struct_assembly.details              author_defined_assembly 
_pdbx_struct_assembly.method_details       ? 
_pdbx_struct_assembly.oligomeric_details   monomeric 
_pdbx_struct_assembly.oligomeric_count     1 
# 
_pdbx_struct_assembly_gen.assembly_id       1 
_pdbx_struct_assembly_gen.oper_expression   1 
_pdbx_struct_assembly_gen.asym_id_list      A,B,C,D 
# 
_pdbx_struct_oper_list.id                   1 
_pdbx_struct_oper_list.type                 'identity operation' 
_pdbx_struct_oper_list.name                 1_555 
_pdbx_struct_oper_list.symmetry_operation   x,y,z 
_pdbx_struct_oper_list.matrix[1][1]         1.0000000000 
_pdbx_struct_oper_list.matrix[1][2]         0.0000000000 
_pdbx_struct_oper_list.matrix[1][3]         0.0000000000 
_pdbx_struct_oper_list.vector[1]            0.0000000000 
_pdbx_struct_oper_list.matrix[2][1]         0.0000000000 
_pdbx_struct_oper_list.matrix[2][2]         1.0000000000 
_pdbx_struct_oper_list.matrix[2][3]         0.0000000000 
_pdbx_struct_oper_list.vector[2]            0.0000000000 
_pdbx_struct_oper_list.matrix[3][1]         0.0000000000 
_pdbx_struct_oper_list.matrix[3][2]         0.0000000000 
_pdbx_struct_oper_list.matrix[3][3]         1.0000000000 
_pdbx_struct_oper_list.vector[3]            0.0000000000 
# 
_struct_biol.id   1 
# 
loop_
_struct_conf.conf_type_id 
_struct_conf.id 
_struct_conf.pdbx_PDB_helix_id 
_struct_conf.beg_label_comp_id 
_struct_conf.beg_label_asym_id 
_struct_conf.beg_label_seq_id 
_struct_conf.pdbx_beg_PDB_ins_code 
_struct_conf.end_label_comp_id 
_struct_conf.end_label_asym_id 
_struct_conf.end_label_seq_id 
_struct_conf.pdbx_end_PDB_ins_code 
_struct_conf.beg_auth_comp_id 
_struct_conf.beg_auth_asym_id 
_struct_conf.beg_auth_seq_id 
_struct_conf.end_auth_comp_id 
_struct_conf.end_auth_asym_id 
_struct_conf.end_auth_seq_id 
_struct_conf.pdbx_PDB_helix_class 
_struct_conf.details 
_struct_conf.pdbx_PDB_helix_length 
HELX_P HELX_P1 H1 THR A 3  ? MET A 13 ? THR A 3  MET A 13 1 ?                               11 
HELX_P HELX_P2 H2 ASN A 24 ? ASN A 34 ? ASN A 24 ASN A 34 1 'RESIDUE 34 IN 3/10 CONFIG'     11 
HELX_P HELX_P3 H3 SER A 50 ? GLN A 60 ? SER A 50 GLN A 60 1 'RESIDUES 56-60 IN 3/10 CONFIG' 11 
# 
_struct_conf_type.id          HELX_P 
_struct_conf_type.criteria    ? 
_struct_conf_type.reference   ? 
# 
loop_
_struct_conn.id 
_struct_conn.conn_type_id 
_struct_conn.pdbx_leaving_atom_flag 
_struct_conn.pdbx_PDB_id 
_struct_conn.ptnr1_label_asym_id 
_struct_conn.ptnr1_label_comp_id 
_struct_conn.ptnr1_label_seq_id 
_struct_conn.ptnr1_label_atom_id 
_struct_conn.pdbx_ptnr1_label_alt_id 
_struct_conn.pdbx_ptnr1_PDB_ins_code 
_struct_conn.pdbx_ptnr1_standard_comp_id 
_struct_conn.ptnr1_symmetry 
_struct_conn.ptnr2_label_asym_id 
_struct_conn.ptnr2_label_comp_id 
_struct_conn.ptnr2_label_seq_id 
_struct_conn.ptnr2_label_atom_id 
_struct_conn.pdbx_ptnr2_label_alt_id 
_struct_conn.pdbx_ptnr2_PDB_ins_code 
_struct_conn.ptnr1_auth_asym_id 
_struct_conn.ptnr1_auth_comp_id 
_struct_conn.ptnr1_auth_seq_id 
_struct_conn.ptnr2_auth_asym_id 
_struct_conn.ptnr2_auth_comp_id 
_struct_conn.ptnr2_auth_seq_id 
_struct_conn.ptnr2_symmetry 
_struct_conn.pdbx_ptnr3_label_atom_id 
_struct_conn.pdbx_ptnr3_label_seq_id 
_struct_conn.pdbx_ptnr3_label_comp_id 
_struct_conn.pdbx_ptnr3_label_asym_id 
_struct_conn.pdbx_ptnr3_label_alt_id 
_struct_conn.pdbx_ptnr3_PDB_ins_code 
_struct_conn.details 
_struct_conn.pdbx_dist_value 
_struct_conn.pdbx_value_order 
_struct_conn.pdbx_role 
disulf1 disulf ?    ? A CYS 26 SG  ? ? ? 1_555 A CYS 84  SG  ? ? A CYS 26 A CYS 84  1_555 ? ? ? ? ? ? ? 2.033 ? ? 
disulf2 disulf ?    ? A CYS 40 SG  ? ? ? 1_555 A CYS 95  SG  ? ? A CYS 40 A CYS 95  1_555 ? ? ? ? ? ? ? 1.995 ? ? 
disulf3 disulf ?    ? A CYS 58 SG  ? ? ? 1_555 A CYS 110 SG  ? ? A CYS 58 A CYS 110 1_555 ? ? ? ? ? ? ? 1.994 ? ? 
disulf4 disulf ?    ? A CYS 65 SG  ? ? ? 1_555 A CYS 72  SG  ? ? A CYS 65 A CYS 72  1_555 ? ? ? ? ? ? ? 1.985 ? ? 
covale1 covale none ? A GLN 69 OE1 B ? ? 1_555 B CPA .   N6A ? ? A GLN 69 A CPA 126 1_555 ? ? ? ? ? ? ? 1.556 ? ? 
# 
loop_
_struct_conn_type.id 
_struct_conn_type.criteria 
_struct_conn_type.reference 
disulf ? ? 
covale ? ? 
# 
loop_
_pdbx_modification_feature.ordinal 
_pdbx_modification_feature.label_comp_id 
_pdbx_modification_feature.label_asym_id 
_pdbx_modification_feature.label_seq_id 
_pdbx_modification_feature.label_alt_id 
_pdbx_modification_feature.modified_residue_label_comp_id 
_pdbx_modification_feature.modified_residue_label_asym_id 
_pdbx_modification_feature.modified_residue_label_seq_id 
_pdbx_modification_feature.modified_residue_label_alt_id 
_pdbx_modification_feature.auth_comp_id 
_pdbx_modification_feature.auth_asym_id 
_pdbx_modification_feature.auth_seq_id 
_pdbx_modification_feature.PDB_ins_code 
_pdbx_modification_feature.symmetry 
_pdbx_modification_feature.modified_residue_auth_comp_id 
_pdbx_modification_feature.modified_residue_auth_asym_id 
_pdbx_modification_feature.modified_residue_auth_seq_id 
_pdbx_modification_feature.modified_residue_PDB_ins_code 
_pdbx_modification_feature.modified_residue_symmetry 
_pdbx_modification_feature.comp_id_linking_atom 
_pdbx_modification_feature.modified_residue_id_linking_atom 
_pdbx_modification_feature.modified_residue_id 
_pdbx_modification_feature.ref_pcm_id 
_pdbx_modification_feature.ref_comp_id 
_pdbx_modification_feature.type 
_pdbx_modification_feature.category 
1 CPA B .  ? GLN A 69  B CPA A 126 ? 1_555 GLN A 69  ? 1_555 N6A OE1 GLN 1 CPA None 'Covalent chemical modification' 
2 CYS A 26 ? CYS A 84  ? CYS A 26  ? 1_555 CYS A 84  ? 1_555 SG  SG  .   . .   None 'Disulfide bridge'               
3 CYS A 40 ? CYS A 95  ? CYS A 40  ? 1_555 CYS A 95  ? 1_555 SG  SG  .   . .   None 'Disulfide bridge'               
4 CYS A 58 ? CYS A 110 ? CYS A 58  ? 1_555 CYS A 110 ? 1_555 SG  SG  .   . .   None 'Disulfide bridge'               
5 CYS A 65 ? CYS A 72  ? CYS A 65  ? 1_555 CYS A 72  ? 1_555 SG  SG  .   . .   None 'Disulfide bridge'               
# 
loop_
_struct_mon_prot_cis.pdbx_id 
_struct_mon_prot_cis.label_comp_id 
_struct_mon_prot_cis.label_seq_id 
_struct_mon_prot_cis.label_asym_id 
_struct_mon_prot_cis.label_alt_id 
_struct_mon_prot_cis.pdbx_PDB_ins_code 
_struct_mon_prot_cis.auth_comp_id 
_struct_mon_prot_cis.auth_seq_id 
_struct_mon_prot_cis.auth_asym_id 
_struct_mon_prot_cis.pdbx_label_comp_id_2 
_struct_mon_prot_cis.pdbx_label_seq_id_2 
_struct_mon_prot_cis.pdbx_label_asym_id_2 
_struct_mon_prot_cis.pdbx_PDB_ins_code_2 
_struct_mon_prot_cis.pdbx_auth_comp_id_2 
_struct_mon_prot_cis.pdbx_auth_seq_id_2 
_struct_mon_prot_cis.pdbx_auth_asym_id_2 
_struct_mon_prot_cis.pdbx_PDB_model_num 
_struct_mon_prot_cis.pdbx_omega_angle 
1 TYR 92  A . ? TYR 92  A PRO 93  A ? PRO 93  A 1 2.34 
2 ASN 113 A . ? ASN 113 A PRO 114 A ? PRO 114 A 1 3.53 
# 
loop_
_struct_sheet.id 
_struct_sheet.type 
_struct_sheet.number_strands 
_struct_sheet.details 
S1A ? 3 ? 
S1B ? 3 ? 
S2A ? 4 ? 
S2B ? 4 ? 
# 
loop_
_struct_sheet_order.sheet_id 
_struct_sheet_order.range_id_1 
_struct_sheet_order.range_id_2 
_struct_sheet_order.offset 
_struct_sheet_order.sense 
S1A 1 2 ? anti-parallel 
S1A 2 3 ? anti-parallel 
S1B 1 2 ? anti-parallel 
S1B 2 3 ? anti-parallel 
S2A 1 2 ? anti-parallel 
S2A 2 3 ? anti-parallel 
S2A 3 4 ? anti-parallel 
S2B 1 2 ? anti-parallel 
S2B 2 3 ? anti-parallel 
S2B 3 4 ? anti-parallel 
# 
loop_
_struct_sheet_range.sheet_id 
_struct_sheet_range.id 
_struct_sheet_range.beg_label_comp_id 
_struct_sheet_range.beg_label_asym_id 
_struct_sheet_range.beg_label_seq_id 
_struct_sheet_range.pdbx_beg_PDB_ins_code 
_struct_sheet_range.end_label_comp_id 
_struct_sheet_range.end_label_asym_id 
_struct_sheet_range.end_label_seq_id 
_struct_sheet_range.pdbx_end_PDB_ins_code 
_struct_sheet_range.beg_auth_comp_id 
_struct_sheet_range.beg_auth_asym_id 
_struct_sheet_range.beg_auth_seq_id 
_struct_sheet_range.end_auth_comp_id 
_struct_sheet_range.end_auth_asym_id 
_struct_sheet_range.end_auth_seq_id 
S1A 1 LYS A 41  ? HIS A 48  ? LYS A 41  HIS A 48  
S1A 2 MET A 79  ? THR A 87  ? MET A 79  THR A 87  
S1A 3 ASN A 94  ? LYS A 104 ? ASN A 94  LYS A 104 
S1B 1 LYS A 41  ? HIS A 48  ? LYS A 41  HIS A 48  
S1B 2 SER A 90  ? LYS A 91  ? SER A 90  LYS A 91  
S1B 3 ASN A 94  ? LYS A 104 ? ASN A 94  LYS A 104 
S2A 1 LYS A 61  ? ALA A 64  ? LYS A 61  ALA A 64  
S2A 2 ASN A 71  ? SER A 75  ? ASN A 71  SER A 75  
S2A 3 HIS A 105 ? ASN A 113 ? HIS A 105 ASN A 113 
S2A 4 PRO A 114 ? HIS A 119 ? PRO A 114 HIS A 119 
S2B 1 LYS A 61  ? ALA A 64  ? LYS A 61  ALA A 64  
S2B 2 ASN A 71  ? SER A 75  ? ASN A 71  SER A 75  
S2B 3 HIS A 105 ? ASN A 113 ? HIS A 105 ASN A 113 
S2B 4 ASP A 121 ? VAL A 124 ? ASP A 121 VAL A 124 
# 
loop_
_pdbx_struct_sheet_hbond.sheet_id 
_pdbx_struct_sheet_hbond.range_id_1 
_pdbx_struct_sheet_hbond.range_id_2 
_pdbx_struct_sheet_hbond.range_1_label_atom_id 
_pdbx_struct_sheet_hbond.range_1_label_comp_id 
_pdbx_struct_sheet_hbond.range_1_label_asym_id 
_pdbx_struct_sheet_hbond.range_1_label_seq_id 
_pdbx_struct_sheet_hbond.range_1_PDB_ins_code 
_pdbx_struct_sheet_hbond.range_1_auth_atom_id 
_pdbx_struct_sheet_hbond.range_1_auth_comp_id 
_pdbx_struct_sheet_hbond.range_1_auth_asym_id 
_pdbx_struct_sheet_hbond.range_1_auth_seq_id 
_pdbx_struct_sheet_hbond.range_2_label_atom_id 
_pdbx_struct_sheet_hbond.range_2_label_comp_id 
_pdbx_struct_sheet_hbond.range_2_label_asym_id 
_pdbx_struct_sheet_hbond.range_2_label_seq_id 
_pdbx_struct_sheet_hbond.range_2_PDB_ins_code 
_pdbx_struct_sheet_hbond.range_2_auth_atom_id 
_pdbx_struct_sheet_hbond.range_2_auth_comp_id 
_pdbx_struct_sheet_hbond.range_2_auth_asym_id 
_pdbx_struct_sheet_hbond.range_2_auth_seq_id 
S1A 1 2 O PRO A 42  ? O PRO A 42  N GLU A 86  ? N GLU A 86  
S1A 2 3 N MET A 79  ? N MET A 79  O LYS A 104 ? O LYS A 104 
S1B 2 3 N LYS A 91  ? N LYS A 91  O ASN A 94  ? O ASN A 94  
S2A 1 2 N VAL A 63  ? N VAL A 63  O CYS A 72  ? O CYS A 72  
S2A 2 3 N TYR A 73  ? N TYR A 73  O VAL A 108 ? O VAL A 108 
S2A 3 4 N GLU A 111 ? N GLU A 111 O VAL A 116 ? O VAL A 116 
S2B 1 2 N VAL A 63  ? N VAL A 63  O CYS A 72  ? O CYS A 72  
S2B 2 3 N TYR A 73  ? N TYR A 73  O VAL A 108 ? O VAL A 108 
S2B 3 4 O HIS A 105 ? O HIS A 105 N VAL A 124 ? N VAL A 124 
# 
loop_
_struct_site.id 
_struct_site.pdbx_evidence_code 
_struct_site.pdbx_auth_asym_id 
_struct_site.pdbx_auth_comp_id 
_struct_site.pdbx_auth_seq_id 
_struct_site.pdbx_auth_ins_code 
_struct_site.pdbx_num_residues 
_struct_site.details 
AC1 Software A CPA 126 ? 14 'BINDING SITE FOR RESIDUE CPA A 126' 
AC2 Software A MPD 127 ? 2  'BINDING SITE FOR RESIDUE MPD A 127' 
# 
loop_
_struct_site_gen.id 
_struct_site_gen.site_id 
_struct_site_gen.pdbx_num_res 
_struct_site_gen.label_comp_id 
_struct_site_gen.label_asym_id 
_struct_site_gen.label_seq_id 
_struct_site_gen.pdbx_auth_ins_code 
_struct_site_gen.auth_comp_id 
_struct_site_gen.auth_asym_id 
_struct_site_gen.auth_seq_id 
_struct_site_gen.label_atom_id 
_struct_site_gen.label_alt_id 
_struct_site_gen.symmetry 
_struct_site_gen.details 
1  AC1 14 GLN A 11  ? GLN A 11  . ? 1_555 ? 
2  AC1 14 HIS A 12  ? HIS A 12  . ? 1_555 ? 
3  AC1 14 LYS A 41  ? LYS A 41  . ? 1_555 ? 
4  AC1 14 ASN A 44  ? ASN A 44  . ? 1_555 ? 
5  AC1 14 THR A 45  ? THR A 45  . ? 1_555 ? 
6  AC1 14 GLN A 69  ? GLN A 69  . ? 1_555 ? 
7  AC1 14 ASN A 71  ? ASN A 71  . ? 1_555 ? 
8  AC1 14 ALA A 109 ? ALA A 109 . ? 1_555 ? 
9  AC1 14 GLU A 111 ? GLU A 111 . ? 1_555 ? 
10 AC1 14 HIS A 119 ? HIS A 119 . ? 1_555 ? 
11 AC1 14 PHE A 120 ? PHE A 120 . ? 1_555 ? 
12 AC1 14 HOH D .   ? HOH A 138 . ? 1_555 ? 
13 AC1 14 HOH D .   ? HOH A 163 . ? 1_555 ? 
14 AC1 14 HOH D .   ? HOH A 169 . ? 1_555 ? 
15 AC2 2  HOH D .   ? HOH A 256 . ? 1_555 ? 
16 AC2 2  HOH D .   ? HOH A 275 . ? 1_555 ? 
# 
_pdbx_entry_details.entry_id                   1RPG 
_pdbx_entry_details.compound_details           ? 
_pdbx_entry_details.source_details             ? 
_pdbx_entry_details.nonpolymer_details         ? 
_pdbx_entry_details.sequence_details           ? 
_pdbx_entry_details.has_ligand_of_interest     ? 
_pdbx_entry_details.has_protein_modification   Y 
# 
_pdbx_validate_close_contact.id               1 
_pdbx_validate_close_contact.PDB_model_num    1 
_pdbx_validate_close_contact.auth_atom_id_1   O 
_pdbx_validate_close_contact.auth_asym_id_1   A 
_pdbx_validate_close_contact.auth_comp_id_1   HOH 
_pdbx_validate_close_contact.auth_seq_id_1    152 
_pdbx_validate_close_contact.PDB_ins_code_1   ? 
_pdbx_validate_close_contact.label_alt_id_1   ? 
_pdbx_validate_close_contact.auth_atom_id_2   O 
_pdbx_validate_close_contact.auth_asym_id_2   A 
_pdbx_validate_close_contact.auth_comp_id_2   HOH 
_pdbx_validate_close_contact.auth_seq_id_2    199 
_pdbx_validate_close_contact.PDB_ins_code_2   ? 
_pdbx_validate_close_contact.label_alt_id_2   ? 
_pdbx_validate_close_contact.dist             2.16 
# 
loop_
_pdbx_validate_rmsd_bond.id 
_pdbx_validate_rmsd_bond.PDB_model_num 
_pdbx_validate_rmsd_bond.auth_atom_id_1 
_pdbx_validate_rmsd_bond.auth_asym_id_1 
_pdbx_validate_rmsd_bond.auth_comp_id_1 
_pdbx_validate_rmsd_bond.auth_seq_id_1 
_pdbx_validate_rmsd_bond.PDB_ins_code_1 
_pdbx_validate_rmsd_bond.label_alt_id_1 
_pdbx_validate_rmsd_bond.auth_atom_id_2 
_pdbx_validate_rmsd_bond.auth_asym_id_2 
_pdbx_validate_rmsd_bond.auth_comp_id_2 
_pdbx_validate_rmsd_bond.auth_seq_id_2 
_pdbx_validate_rmsd_bond.PDB_ins_code_2 
_pdbx_validate_rmsd_bond.label_alt_id_2 
_pdbx_validate_rmsd_bond.bond_value 
_pdbx_validate_rmsd_bond.bond_target_value 
_pdbx_validate_rmsd_bond.bond_deviation 
_pdbx_validate_rmsd_bond.bond_standard_deviation 
_pdbx_validate_rmsd_bond.linker_flag 
1 1 CB A SER 16  ? ? OG  A SER 16  ? B 1.532 1.418 0.114 0.013 N 
2 1 CG A HIS 119 ? ? CD2 A HIS 119 ? ? 1.408 1.354 0.054 0.009 N 
# 
loop_
_pdbx_validate_rmsd_angle.id 
_pdbx_validate_rmsd_angle.PDB_model_num 
_pdbx_validate_rmsd_angle.auth_atom_id_1 
_pdbx_validate_rmsd_angle.auth_asym_id_1 
_pdbx_validate_rmsd_angle.auth_comp_id_1 
_pdbx_validate_rmsd_angle.auth_seq_id_1 
_pdbx_validate_rmsd_angle.PDB_ins_code_1 
_pdbx_validate_rmsd_angle.label_alt_id_1 
_pdbx_validate_rmsd_angle.auth_atom_id_2 
_pdbx_validate_rmsd_angle.auth_asym_id_2 
_pdbx_validate_rmsd_angle.auth_comp_id_2 
_pdbx_validate_rmsd_angle.auth_seq_id_2 
_pdbx_validate_rmsd_angle.PDB_ins_code_2 
_pdbx_validate_rmsd_angle.label_alt_id_2 
_pdbx_validate_rmsd_angle.auth_atom_id_3 
_pdbx_validate_rmsd_angle.auth_asym_id_3 
_pdbx_validate_rmsd_angle.auth_comp_id_3 
_pdbx_validate_rmsd_angle.auth_seq_id_3 
_pdbx_validate_rmsd_angle.PDB_ins_code_3 
_pdbx_validate_rmsd_angle.label_alt_id_3 
_pdbx_validate_rmsd_angle.angle_value 
_pdbx_validate_rmsd_angle.angle_target_value 
_pdbx_validate_rmsd_angle.angle_deviation 
_pdbx_validate_rmsd_angle.angle_standard_deviation 
_pdbx_validate_rmsd_angle.linker_flag 
1 1 CA A VAL 43 ? ? CB A VAL 43 ? ? CG2 A VAL 43 ? ? 124.33 110.90 13.43 1.50 N 
2 1 CA A VAL 63 ? ? CB A VAL 63 ? ? CG2 A VAL 63 ? ? 119.95 110.90 9.05  1.50 N 
3 1 CA A ASN 67 ? ? CB A ASN 67 ? B CG  A ASN 67 ? B 130.12 113.40 16.72 2.20 N 
# 
loop_
_pdbx_validate_torsion.id 
_pdbx_validate_torsion.PDB_model_num 
_pdbx_validate_torsion.auth_comp_id 
_pdbx_validate_torsion.auth_asym_id 
_pdbx_validate_torsion.auth_seq_id 
_pdbx_validate_torsion.PDB_ins_code 
_pdbx_validate_torsion.label_alt_id 
_pdbx_validate_torsion.phi 
_pdbx_validate_torsion.psi 
1 1 GLN A 60 ? ? -103.72 -140.49 
2 1 ASN A 71 ? ? -99.26  30.85   
# 
loop_
_chem_comp_atom.comp_id 
_chem_comp_atom.atom_id 
_chem_comp_atom.type_symbol 
_chem_comp_atom.pdbx_aromatic_flag 
_chem_comp_atom.pdbx_stereo_config 
_chem_comp_atom.pdbx_ordinal 
ALA N    N N N 1   
ALA CA   C N S 2   
ALA C    C N N 3   
ALA O    O N N 4   
ALA CB   C N N 5   
ALA OXT  O N N 6   
ALA H    H N N 7   
ALA H2   H N N 8   
ALA HA   H N N 9   
ALA HB1  H N N 10  
ALA HB2  H N N 11  
ALA HB3  H N N 12  
ALA HXT  H N N 13  
ARG N    N N N 14  
ARG CA   C N S 15  
ARG C    C N N 16  
ARG O    O N N 17  
ARG CB   C N N 18  
ARG CG   C N N 19  
ARG CD   C N N 20  
ARG NE   N N N 21  
ARG CZ   C N N 22  
ARG NH1  N N N 23  
ARG NH2  N N N 24  
ARG OXT  O N N 25  
ARG H    H N N 26  
ARG H2   H N N 27  
ARG HA   H N N 28  
ARG HB2  H N N 29  
ARG HB3  H N N 30  
ARG HG2  H N N 31  
ARG HG3  H N N 32  
ARG HD2  H N N 33  
ARG HD3  H N N 34  
ARG HE   H N N 35  
ARG HH11 H N N 36  
ARG HH12 H N N 37  
ARG HH21 H N N 38  
ARG HH22 H N N 39  
ARG HXT  H N N 40  
ASN N    N N N 41  
ASN CA   C N S 42  
ASN C    C N N 43  
ASN O    O N N 44  
ASN CB   C N N 45  
ASN CG   C N N 46  
ASN OD1  O N N 47  
ASN ND2  N N N 48  
ASN OXT  O N N 49  
ASN H    H N N 50  
ASN H2   H N N 51  
ASN HA   H N N 52  
ASN HB2  H N N 53  
ASN HB3  H N N 54  
ASN HD21 H N N 55  
ASN HD22 H N N 56  
ASN HXT  H N N 57  
ASP N    N N N 58  
ASP CA   C N S 59  
ASP C    C N N 60  
ASP O    O N N 61  
ASP CB   C N N 62  
ASP CG   C N N 63  
ASP OD1  O N N 64  
ASP OD2  O N N 65  
ASP OXT  O N N 66  
ASP H    H N N 67  
ASP H2   H N N 68  
ASP HA   H N N 69  
ASP HB2  H N N 70  
ASP HB3  H N N 71  
ASP HD2  H N N 72  
ASP HXT  H N N 73  
CPA P    P N R 74  
CPA O1P  O N N 75  
CPA O2P  O N N 76  
CPA O5D  O N N 77  
CPA C5X  C N N 78  
CPA C4X  C N R 79  
CPA O4D  O N N 80  
CPA C3X  C N S 81  
CPA O3D  O N N 82  
CPA C2X  C N N 83  
CPA C1X  C N R 84  
CPA N1C  N N N 85  
CPA CC2  C N N 86  
CPA N3C  N N N 87  
CPA CC4  C N N 88  
CPA CC5  C N N 89  
CPA CC6  C N N 90  
CPA O2C  O N N 91  
CPA N4C  N N N 92  
CPA O5B  O N N 93  
CPA C5B  C N N 94  
CPA C4B  C N R 95  
CPA O4B  O N N 96  
CPA C3B  C N S 97  
CPA O3B  O N N 98  
CPA C2B  C N N 99  
CPA C1B  C N R 100 
CPA N9A  N Y N 101 
CPA C8A  C Y N 102 
CPA N7A  N Y N 103 
CPA C5A  C Y N 104 
CPA C6A  C Y N 105 
CPA N6A  N N N 106 
CPA N1A  N Y N 107 
CPA C2A  C Y N 108 
CPA N3A  N Y N 109 
CPA C4A  C Y N 110 
CPA HOP2 H N N 111 
CPA HO5C H N N 112 
CPA H51C H N N 113 
CPA H52C H N N 114 
CPA H4D  H N N 115 
CPA H3D  H N N 116 
CPA H21C H N N 117 
CPA H22C H N N 118 
CPA H1D  H N N 119 
CPA H5C  H N N 120 
CPA H6C  H N N 121 
CPA H41C H N N 122 
CPA H42C H N N 123 
CPA H51A H N N 124 
CPA H52A H N N 125 
CPA H4B  H N N 126 
CPA H3B  H N N 127 
CPA HO3A H N N 128 
CPA H21A H N N 129 
CPA H22A H N N 130 
CPA H1B  H N N 131 
CPA H8A  H N N 132 
CPA H61A H N N 133 
CPA H62A H N N 134 
CPA H2A  H N N 135 
CYS N    N N N 136 
CYS CA   C N R 137 
CYS C    C N N 138 
CYS O    O N N 139 
CYS CB   C N N 140 
CYS SG   S N N 141 
CYS OXT  O N N 142 
CYS H    H N N 143 
CYS H2   H N N 144 
CYS HA   H N N 145 
CYS HB2  H N N 146 
CYS HB3  H N N 147 
CYS HG   H N N 148 
CYS HXT  H N N 149 
GLN N    N N N 150 
GLN CA   C N S 151 
GLN C    C N N 152 
GLN O    O N N 153 
GLN CB   C N N 154 
GLN CG   C N N 155 
GLN CD   C N N 156 
GLN OE1  O N N 157 
GLN NE2  N N N 158 
GLN OXT  O N N 159 
GLN H    H N N 160 
GLN H2   H N N 161 
GLN HA   H N N 162 
GLN HB2  H N N 163 
GLN HB3  H N N 164 
GLN HG2  H N N 165 
GLN HG3  H N N 166 
GLN HE21 H N N 167 
GLN HE22 H N N 168 
GLN HXT  H N N 169 
GLU N    N N N 170 
GLU CA   C N S 171 
GLU C    C N N 172 
GLU O    O N N 173 
GLU CB   C N N 174 
GLU CG   C N N 175 
GLU CD   C N N 176 
GLU OE1  O N N 177 
GLU OE2  O N N 178 
GLU OXT  O N N 179 
GLU H    H N N 180 
GLU H2   H N N 181 
GLU HA   H N N 182 
GLU HB2  H N N 183 
GLU HB3  H N N 184 
GLU HG2  H N N 185 
GLU HG3  H N N 186 
GLU HE2  H N N 187 
GLU HXT  H N N 188 
GLY N    N N N 189 
GLY CA   C N N 190 
GLY C    C N N 191 
GLY O    O N N 192 
GLY OXT  O N N 193 
GLY H    H N N 194 
GLY H2   H N N 195 
GLY HA2  H N N 196 
GLY HA3  H N N 197 
GLY HXT  H N N 198 
HIS N    N N N 199 
HIS CA   C N S 200 
HIS C    C N N 201 
HIS O    O N N 202 
HIS CB   C N N 203 
HIS CG   C Y N 204 
HIS ND1  N Y N 205 
HIS CD2  C Y N 206 
HIS CE1  C Y N 207 
HIS NE2  N Y N 208 
HIS OXT  O N N 209 
HIS H    H N N 210 
HIS H2   H N N 211 
HIS HA   H N N 212 
HIS HB2  H N N 213 
HIS HB3  H N N 214 
HIS HD1  H N N 215 
HIS HD2  H N N 216 
HIS HE1  H N N 217 
HIS HE2  H N N 218 
HIS HXT  H N N 219 
HOH O    O N N 220 
HOH H1   H N N 221 
HOH H2   H N N 222 
ILE N    N N N 223 
ILE CA   C N S 224 
ILE C    C N N 225 
ILE O    O N N 226 
ILE CB   C N S 227 
ILE CG1  C N N 228 
ILE CG2  C N N 229 
ILE CD1  C N N 230 
ILE OXT  O N N 231 
ILE H    H N N 232 
ILE H2   H N N 233 
ILE HA   H N N 234 
ILE HB   H N N 235 
ILE HG12 H N N 236 
ILE HG13 H N N 237 
ILE HG21 H N N 238 
ILE HG22 H N N 239 
ILE HG23 H N N 240 
ILE HD11 H N N 241 
ILE HD12 H N N 242 
ILE HD13 H N N 243 
ILE HXT  H N N 244 
LEU N    N N N 245 
LEU CA   C N S 246 
LEU C    C N N 247 
LEU O    O N N 248 
LEU CB   C N N 249 
LEU CG   C N N 250 
LEU CD1  C N N 251 
LEU CD2  C N N 252 
LEU OXT  O N N 253 
LEU H    H N N 254 
LEU H2   H N N 255 
LEU HA   H N N 256 
LEU HB2  H N N 257 
LEU HB3  H N N 258 
LEU HG   H N N 259 
LEU HD11 H N N 260 
LEU HD12 H N N 261 
LEU HD13 H N N 262 
LEU HD21 H N N 263 
LEU HD22 H N N 264 
LEU HD23 H N N 265 
LEU HXT  H N N 266 
LYS N    N N N 267 
LYS CA   C N S 268 
LYS C    C N N 269 
LYS O    O N N 270 
LYS CB   C N N 271 
LYS CG   C N N 272 
LYS CD   C N N 273 
LYS CE   C N N 274 
LYS NZ   N N N 275 
LYS OXT  O N N 276 
LYS H    H N N 277 
LYS H2   H N N 278 
LYS HA   H N N 279 
LYS HB2  H N N 280 
LYS HB3  H N N 281 
LYS HG2  H N N 282 
LYS HG3  H N N 283 
LYS HD2  H N N 284 
LYS HD3  H N N 285 
LYS HE2  H N N 286 
LYS HE3  H N N 287 
LYS HZ1  H N N 288 
LYS HZ2  H N N 289 
LYS HZ3  H N N 290 
LYS HXT  H N N 291 
MET N    N N N 292 
MET CA   C N S 293 
MET C    C N N 294 
MET O    O N N 295 
MET CB   C N N 296 
MET CG   C N N 297 
MET SD   S N N 298 
MET CE   C N N 299 
MET OXT  O N N 300 
MET H    H N N 301 
MET H2   H N N 302 
MET HA   H N N 303 
MET HB2  H N N 304 
MET HB3  H N N 305 
MET HG2  H N N 306 
MET HG3  H N N 307 
MET HE1  H N N 308 
MET HE2  H N N 309 
MET HE3  H N N 310 
MET HXT  H N N 311 
MPD C1   C N N 312 
MPD C2   C N N 313 
MPD O2   O N N 314 
MPD CM   C N N 315 
MPD C3   C N N 316 
MPD C4   C N S 317 
MPD O4   O N N 318 
MPD C5   C N N 319 
MPD H11  H N N 320 
MPD H12  H N N 321 
MPD H13  H N N 322 
MPD HO2  H N N 323 
MPD HM1  H N N 324 
MPD HM2  H N N 325 
MPD HM3  H N N 326 
MPD H31  H N N 327 
MPD H32  H N N 328 
MPD H4   H N N 329 
MPD HO4  H N N 330 
MPD H51  H N N 331 
MPD H52  H N N 332 
MPD H53  H N N 333 
PHE N    N N N 334 
PHE CA   C N S 335 
PHE C    C N N 336 
PHE O    O N N 337 
PHE CB   C N N 338 
PHE CG   C Y N 339 
PHE CD1  C Y N 340 
PHE CD2  C Y N 341 
PHE CE1  C Y N 342 
PHE CE2  C Y N 343 
PHE CZ   C Y N 344 
PHE OXT  O N N 345 
PHE H    H N N 346 
PHE H2   H N N 347 
PHE HA   H N N 348 
PHE HB2  H N N 349 
PHE HB3  H N N 350 
PHE HD1  H N N 351 
PHE HD2  H N N 352 
PHE HE1  H N N 353 
PHE HE2  H N N 354 
PHE HZ   H N N 355 
PHE HXT  H N N 356 
PRO N    N N N 357 
PRO CA   C N S 358 
PRO C    C N N 359 
PRO O    O N N 360 
PRO CB   C N N 361 
PRO CG   C N N 362 
PRO CD   C N N 363 
PRO OXT  O N N 364 
PRO H    H N N 365 
PRO HA   H N N 366 
PRO HB2  H N N 367 
PRO HB3  H N N 368 
PRO HG2  H N N 369 
PRO HG3  H N N 370 
PRO HD2  H N N 371 
PRO HD3  H N N 372 
PRO HXT  H N N 373 
SER N    N N N 374 
SER CA   C N S 375 
SER C    C N N 376 
SER O    O N N 377 
SER CB   C N N 378 
SER OG   O N N 379 
SER OXT  O N N 380 
SER H    H N N 381 
SER H2   H N N 382 
SER HA   H N N 383 
SER HB2  H N N 384 
SER HB3  H N N 385 
SER HG   H N N 386 
SER HXT  H N N 387 
THR N    N N N 388 
THR CA   C N S 389 
THR C    C N N 390 
THR O    O N N 391 
THR CB   C N R 392 
THR OG1  O N N 393 
THR CG2  C N N 394 
THR OXT  O N N 395 
THR H    H N N 396 
THR H2   H N N 397 
THR HA   H N N 398 
THR HB   H N N 399 
THR HG1  H N N 400 
THR HG21 H N N 401 
THR HG22 H N N 402 
THR HG23 H N N 403 
THR HXT  H N N 404 
TYR N    N N N 405 
TYR CA   C N S 406 
TYR C    C N N 407 
TYR O    O N N 408 
TYR CB   C N N 409 
TYR CG   C Y N 410 
TYR CD1  C Y N 411 
TYR CD2  C Y N 412 
TYR CE1  C Y N 413 
TYR CE2  C Y N 414 
TYR CZ   C Y N 415 
TYR OH   O N N 416 
TYR OXT  O N N 417 
TYR H    H N N 418 
TYR H2   H N N 419 
TYR HA   H N N 420 
TYR HB2  H N N 421 
TYR HB3  H N N 422 
TYR HD1  H N N 423 
TYR HD2  H N N 424 
TYR HE1  H N N 425 
TYR HE2  H N N 426 
TYR HH   H N N 427 
TYR HXT  H N N 428 
VAL N    N N N 429 
VAL CA   C N S 430 
VAL C    C N N 431 
VAL O    O N N 432 
VAL CB   C N N 433 
VAL CG1  C N N 434 
VAL CG2  C N N 435 
VAL OXT  O N N 436 
VAL H    H N N 437 
VAL H2   H N N 438 
VAL HA   H N N 439 
VAL HB   H N N 440 
VAL HG11 H N N 441 
VAL HG12 H N N 442 
VAL HG13 H N N 443 
VAL HG21 H N N 444 
VAL HG22 H N N 445 
VAL HG23 H N N 446 
VAL HXT  H N N 447 
# 
loop_
_chem_comp_bond.comp_id 
_chem_comp_bond.atom_id_1 
_chem_comp_bond.atom_id_2 
_chem_comp_bond.value_order 
_chem_comp_bond.pdbx_aromatic_flag 
_chem_comp_bond.pdbx_stereo_config 
_chem_comp_bond.pdbx_ordinal 
ALA N   CA   sing N N 1   
ALA N   H    sing N N 2   
ALA N   H2   sing N N 3   
ALA CA  C    sing N N 4   
ALA CA  CB   sing N N 5   
ALA CA  HA   sing N N 6   
ALA C   O    doub N N 7   
ALA C   OXT  sing N N 8   
ALA CB  HB1  sing N N 9   
ALA CB  HB2  sing N N 10  
ALA CB  HB3  sing N N 11  
ALA OXT HXT  sing N N 12  
ARG N   CA   sing N N 13  
ARG N   H    sing N N 14  
ARG N   H2   sing N N 15  
ARG CA  C    sing N N 16  
ARG CA  CB   sing N N 17  
ARG CA  HA   sing N N 18  
ARG C   O    doub N N 19  
ARG C   OXT  sing N N 20  
ARG CB  CG   sing N N 21  
ARG CB  HB2  sing N N 22  
ARG CB  HB3  sing N N 23  
ARG CG  CD   sing N N 24  
ARG CG  HG2  sing N N 25  
ARG CG  HG3  sing N N 26  
ARG CD  NE   sing N N 27  
ARG CD  HD2  sing N N 28  
ARG CD  HD3  sing N N 29  
ARG NE  CZ   sing N N 30  
ARG NE  HE   sing N N 31  
ARG CZ  NH1  sing N N 32  
ARG CZ  NH2  doub N N 33  
ARG NH1 HH11 sing N N 34  
ARG NH1 HH12 sing N N 35  
ARG NH2 HH21 sing N N 36  
ARG NH2 HH22 sing N N 37  
ARG OXT HXT  sing N N 38  
ASN N   CA   sing N N 39  
ASN N   H    sing N N 40  
ASN N   H2   sing N N 41  
ASN CA  C    sing N N 42  
ASN CA  CB   sing N N 43  
ASN CA  HA   sing N N 44  
ASN C   O    doub N N 45  
ASN C   OXT  sing N N 46  
ASN CB  CG   sing N N 47  
ASN CB  HB2  sing N N 48  
ASN CB  HB3  sing N N 49  
ASN CG  OD1  doub N N 50  
ASN CG  ND2  sing N N 51  
ASN ND2 HD21 sing N N 52  
ASN ND2 HD22 sing N N 53  
ASN OXT HXT  sing N N 54  
ASP N   CA   sing N N 55  
ASP N   H    sing N N 56  
ASP N   H2   sing N N 57  
ASP CA  C    sing N N 58  
ASP CA  CB   sing N N 59  
ASP CA  HA   sing N N 60  
ASP C   O    doub N N 61  
ASP C   OXT  sing N N 62  
ASP CB  CG   sing N N 63  
ASP CB  HB2  sing N N 64  
ASP CB  HB3  sing N N 65  
ASP CG  OD1  doub N N 66  
ASP CG  OD2  sing N N 67  
ASP OD2 HD2  sing N N 68  
ASP OXT HXT  sing N N 69  
CPA P   O1P  doub N N 70  
CPA P   O2P  sing N N 71  
CPA P   O3D  sing N N 72  
CPA P   O5B  sing N N 73  
CPA O2P HOP2 sing N N 74  
CPA O5D C5X  sing N N 75  
CPA O5D HO5C sing N N 76  
CPA C5X C4X  sing N N 77  
CPA C5X H51C sing N N 78  
CPA C5X H52C sing N N 79  
CPA C4X O4D  sing N N 80  
CPA C4X C3X  sing N N 81  
CPA C4X H4D  sing N N 82  
CPA O4D C1X  sing N N 83  
CPA C3X O3D  sing N N 84  
CPA C3X C2X  sing N N 85  
CPA C3X H3D  sing N N 86  
CPA C2X C1X  sing N N 87  
CPA C2X H21C sing N N 88  
CPA C2X H22C sing N N 89  
CPA C1X N1C  sing N N 90  
CPA C1X H1D  sing N N 91  
CPA N1C CC2  sing N N 92  
CPA N1C CC6  sing N N 93  
CPA CC2 N3C  sing N N 94  
CPA CC2 O2C  doub N N 95  
CPA N3C CC4  doub N N 96  
CPA CC4 CC5  sing N N 97  
CPA CC4 N4C  sing N N 98  
CPA CC5 CC6  doub N N 99  
CPA CC5 H5C  sing N N 100 
CPA CC6 H6C  sing N N 101 
CPA N4C H41C sing N N 102 
CPA N4C H42C sing N N 103 
CPA O5B C5B  sing N N 104 
CPA C5B C4B  sing N N 105 
CPA C5B H51A sing N N 106 
CPA C5B H52A sing N N 107 
CPA C4B O4B  sing N N 108 
CPA C4B C3B  sing N N 109 
CPA C4B H4B  sing N N 110 
CPA O4B C1B  sing N N 111 
CPA C3B O3B  sing N N 112 
CPA C3B C2B  sing N N 113 
CPA C3B H3B  sing N N 114 
CPA O3B HO3A sing N N 115 
CPA C2B C1B  sing N N 116 
CPA C2B H21A sing N N 117 
CPA C2B H22A sing N N 118 
CPA C1B N9A  sing N N 119 
CPA C1B H1B  sing N N 120 
CPA N9A C8A  sing Y N 121 
CPA N9A C4A  sing Y N 122 
CPA C8A N7A  doub Y N 123 
CPA C8A H8A  sing N N 124 
CPA N7A C5A  sing Y N 125 
CPA C5A C6A  sing Y N 126 
CPA C5A C4A  doub Y N 127 
CPA C6A N6A  sing N N 128 
CPA C6A N1A  doub Y N 129 
CPA N6A H61A sing N N 130 
CPA N6A H62A sing N N 131 
CPA N1A C2A  sing Y N 132 
CPA C2A N3A  doub Y N 133 
CPA C2A H2A  sing N N 134 
CPA N3A C4A  sing Y N 135 
CYS N   CA   sing N N 136 
CYS N   H    sing N N 137 
CYS N   H2   sing N N 138 
CYS CA  C    sing N N 139 
CYS CA  CB   sing N N 140 
CYS CA  HA   sing N N 141 
CYS C   O    doub N N 142 
CYS C   OXT  sing N N 143 
CYS CB  SG   sing N N 144 
CYS CB  HB2  sing N N 145 
CYS CB  HB3  sing N N 146 
CYS SG  HG   sing N N 147 
CYS OXT HXT  sing N N 148 
GLN N   CA   sing N N 149 
GLN N   H    sing N N 150 
GLN N   H2   sing N N 151 
GLN CA  C    sing N N 152 
GLN CA  CB   sing N N 153 
GLN CA  HA   sing N N 154 
GLN C   O    doub N N 155 
GLN C   OXT  sing N N 156 
GLN CB  CG   sing N N 157 
GLN CB  HB2  sing N N 158 
GLN CB  HB3  sing N N 159 
GLN CG  CD   sing N N 160 
GLN CG  HG2  sing N N 161 
GLN CG  HG3  sing N N 162 
GLN CD  OE1  doub N N 163 
GLN CD  NE2  sing N N 164 
GLN NE2 HE21 sing N N 165 
GLN NE2 HE22 sing N N 166 
GLN OXT HXT  sing N N 167 
GLU N   CA   sing N N 168 
GLU N   H    sing N N 169 
GLU N   H2   sing N N 170 
GLU CA  C    sing N N 171 
GLU CA  CB   sing N N 172 
GLU CA  HA   sing N N 173 
GLU C   O    doub N N 174 
GLU C   OXT  sing N N 175 
GLU CB  CG   sing N N 176 
GLU CB  HB2  sing N N 177 
GLU CB  HB3  sing N N 178 
GLU CG  CD   sing N N 179 
GLU CG  HG2  sing N N 180 
GLU CG  HG3  sing N N 181 
GLU CD  OE1  doub N N 182 
GLU CD  OE2  sing N N 183 
GLU OE2 HE2  sing N N 184 
GLU OXT HXT  sing N N 185 
GLY N   CA   sing N N 186 
GLY N   H    sing N N 187 
GLY N   H2   sing N N 188 
GLY CA  C    sing N N 189 
GLY CA  HA2  sing N N 190 
GLY CA  HA3  sing N N 191 
GLY C   O    doub N N 192 
GLY C   OXT  sing N N 193 
GLY OXT HXT  sing N N 194 
HIS N   CA   sing N N 195 
HIS N   H    sing N N 196 
HIS N   H2   sing N N 197 
HIS CA  C    sing N N 198 
HIS CA  CB   sing N N 199 
HIS CA  HA   sing N N 200 
HIS C   O    doub N N 201 
HIS C   OXT  sing N N 202 
HIS CB  CG   sing N N 203 
HIS CB  HB2  sing N N 204 
HIS CB  HB3  sing N N 205 
HIS CG  ND1  sing Y N 206 
HIS CG  CD2  doub Y N 207 
HIS ND1 CE1  doub Y N 208 
HIS ND1 HD1  sing N N 209 
HIS CD2 NE2  sing Y N 210 
HIS CD2 HD2  sing N N 211 
HIS CE1 NE2  sing Y N 212 
HIS CE1 HE1  sing N N 213 
HIS NE2 HE2  sing N N 214 
HIS OXT HXT  sing N N 215 
HOH O   H1   sing N N 216 
HOH O   H2   sing N N 217 
ILE N   CA   sing N N 218 
ILE N   H    sing N N 219 
ILE N   H2   sing N N 220 
ILE CA  C    sing N N 221 
ILE CA  CB   sing N N 222 
ILE CA  HA   sing N N 223 
ILE C   O    doub N N 224 
ILE C   OXT  sing N N 225 
ILE CB  CG1  sing N N 226 
ILE CB  CG2  sing N N 227 
ILE CB  HB   sing N N 228 
ILE CG1 CD1  sing N N 229 
ILE CG1 HG12 sing N N 230 
ILE CG1 HG13 sing N N 231 
ILE CG2 HG21 sing N N 232 
ILE CG2 HG22 sing N N 233 
ILE CG2 HG23 sing N N 234 
ILE CD1 HD11 sing N N 235 
ILE CD1 HD12 sing N N 236 
ILE CD1 HD13 sing N N 237 
ILE OXT HXT  sing N N 238 
LEU N   CA   sing N N 239 
LEU N   H    sing N N 240 
LEU N   H2   sing N N 241 
LEU CA  C    sing N N 242 
LEU CA  CB   sing N N 243 
LEU CA  HA   sing N N 244 
LEU C   O    doub N N 245 
LEU C   OXT  sing N N 246 
LEU CB  CG   sing N N 247 
LEU CB  HB2  sing N N 248 
LEU CB  HB3  sing N N 249 
LEU CG  CD1  sing N N 250 
LEU CG  CD2  sing N N 251 
LEU CG  HG   sing N N 252 
LEU CD1 HD11 sing N N 253 
LEU CD1 HD12 sing N N 254 
LEU CD1 HD13 sing N N 255 
LEU CD2 HD21 sing N N 256 
LEU CD2 HD22 sing N N 257 
LEU CD2 HD23 sing N N 258 
LEU OXT HXT  sing N N 259 
LYS N   CA   sing N N 260 
LYS N   H    sing N N 261 
LYS N   H2   sing N N 262 
LYS CA  C    sing N N 263 
LYS CA  CB   sing N N 264 
LYS CA  HA   sing N N 265 
LYS C   O    doub N N 266 
LYS C   OXT  sing N N 267 
LYS CB  CG   sing N N 268 
LYS CB  HB2  sing N N 269 
LYS CB  HB3  sing N N 270 
LYS CG  CD   sing N N 271 
LYS CG  HG2  sing N N 272 
LYS CG  HG3  sing N N 273 
LYS CD  CE   sing N N 274 
LYS CD  HD2  sing N N 275 
LYS CD  HD3  sing N N 276 
LYS CE  NZ   sing N N 277 
LYS CE  HE2  sing N N 278 
LYS CE  HE3  sing N N 279 
LYS NZ  HZ1  sing N N 280 
LYS NZ  HZ2  sing N N 281 
LYS NZ  HZ3  sing N N 282 
LYS OXT HXT  sing N N 283 
MET N   CA   sing N N 284 
MET N   H    sing N N 285 
MET N   H2   sing N N 286 
MET CA  C    sing N N 287 
MET CA  CB   sing N N 288 
MET CA  HA   sing N N 289 
MET C   O    doub N N 290 
MET C   OXT  sing N N 291 
MET CB  CG   sing N N 292 
MET CB  HB2  sing N N 293 
MET CB  HB3  sing N N 294 
MET CG  SD   sing N N 295 
MET CG  HG2  sing N N 296 
MET CG  HG3  sing N N 297 
MET SD  CE   sing N N 298 
MET CE  HE1  sing N N 299 
MET CE  HE2  sing N N 300 
MET CE  HE3  sing N N 301 
MET OXT HXT  sing N N 302 
MPD C1  C2   sing N N 303 
MPD C1  H11  sing N N 304 
MPD C1  H12  sing N N 305 
MPD C1  H13  sing N N 306 
MPD C2  O2   sing N N 307 
MPD C2  CM   sing N N 308 
MPD C2  C3   sing N N 309 
MPD O2  HO2  sing N N 310 
MPD CM  HM1  sing N N 311 
MPD CM  HM2  sing N N 312 
MPD CM  HM3  sing N N 313 
MPD C3  C4   sing N N 314 
MPD C3  H31  sing N N 315 
MPD C3  H32  sing N N 316 
MPD C4  O4   sing N N 317 
MPD C4  C5   sing N N 318 
MPD C4  H4   sing N N 319 
MPD O4  HO4  sing N N 320 
MPD C5  H51  sing N N 321 
MPD C5  H52  sing N N 322 
MPD C5  H53  sing N N 323 
PHE N   CA   sing N N 324 
PHE N   H    sing N N 325 
PHE N   H2   sing N N 326 
PHE CA  C    sing N N 327 
PHE CA  CB   sing N N 328 
PHE CA  HA   sing N N 329 
PHE C   O    doub N N 330 
PHE C   OXT  sing N N 331 
PHE CB  CG   sing N N 332 
PHE CB  HB2  sing N N 333 
PHE CB  HB3  sing N N 334 
PHE CG  CD1  doub Y N 335 
PHE CG  CD2  sing Y N 336 
PHE CD1 CE1  sing Y N 337 
PHE CD1 HD1  sing N N 338 
PHE CD2 CE2  doub Y N 339 
PHE CD2 HD2  sing N N 340 
PHE CE1 CZ   doub Y N 341 
PHE CE1 HE1  sing N N 342 
PHE CE2 CZ   sing Y N 343 
PHE CE2 HE2  sing N N 344 
PHE CZ  HZ   sing N N 345 
PHE OXT HXT  sing N N 346 
PRO N   CA   sing N N 347 
PRO N   CD   sing N N 348 
PRO N   H    sing N N 349 
PRO CA  C    sing N N 350 
PRO CA  CB   sing N N 351 
PRO CA  HA   sing N N 352 
PRO C   O    doub N N 353 
PRO C   OXT  sing N N 354 
PRO CB  CG   sing N N 355 
PRO CB  HB2  sing N N 356 
PRO CB  HB3  sing N N 357 
PRO CG  CD   sing N N 358 
PRO CG  HG2  sing N N 359 
PRO CG  HG3  sing N N 360 
PRO CD  HD2  sing N N 361 
PRO CD  HD3  sing N N 362 
PRO OXT HXT  sing N N 363 
SER N   CA   sing N N 364 
SER N   H    sing N N 365 
SER N   H2   sing N N 366 
SER CA  C    sing N N 367 
SER CA  CB   sing N N 368 
SER CA  HA   sing N N 369 
SER C   O    doub N N 370 
SER C   OXT  sing N N 371 
SER CB  OG   sing N N 372 
SER CB  HB2  sing N N 373 
SER CB  HB3  sing N N 374 
SER OG  HG   sing N N 375 
SER OXT HXT  sing N N 376 
THR N   CA   sing N N 377 
THR N   H    sing N N 378 
THR N   H2   sing N N 379 
THR CA  C    sing N N 380 
THR CA  CB   sing N N 381 
THR CA  HA   sing N N 382 
THR C   O    doub N N 383 
THR C   OXT  sing N N 384 
THR CB  OG1  sing N N 385 
THR CB  CG2  sing N N 386 
THR CB  HB   sing N N 387 
THR OG1 HG1  sing N N 388 
THR CG2 HG21 sing N N 389 
THR CG2 HG22 sing N N 390 
THR CG2 HG23 sing N N 391 
THR OXT HXT  sing N N 392 
TYR N   CA   sing N N 393 
TYR N   H    sing N N 394 
TYR N   H2   sing N N 395 
TYR CA  C    sing N N 396 
TYR CA  CB   sing N N 397 
TYR CA  HA   sing N N 398 
TYR C   O    doub N N 399 
TYR C   OXT  sing N N 400 
TYR CB  CG   sing N N 401 
TYR CB  HB2  sing N N 402 
TYR CB  HB3  sing N N 403 
TYR CG  CD1  doub Y N 404 
TYR CG  CD2  sing Y N 405 
TYR CD1 CE1  sing Y N 406 
TYR CD1 HD1  sing N N 407 
TYR CD2 CE2  doub Y N 408 
TYR CD2 HD2  sing N N 409 
TYR CE1 CZ   doub Y N 410 
TYR CE1 HE1  sing N N 411 
TYR CE2 CZ   sing Y N 412 
TYR CE2 HE2  sing N N 413 
TYR CZ  OH   sing N N 414 
TYR OH  HH   sing N N 415 
TYR OXT HXT  sing N N 416 
VAL N   CA   sing N N 417 
VAL N   H    sing N N 418 
VAL N   H2   sing N N 419 
VAL CA  C    sing N N 420 
VAL CA  CB   sing N N 421 
VAL CA  HA   sing N N 422 
VAL C   O    doub N N 423 
VAL C   OXT  sing N N 424 
VAL CB  CG1  sing N N 425 
VAL CB  CG2  sing N N 426 
VAL CB  HB   sing N N 427 
VAL CG1 HG11 sing N N 428 
VAL CG1 HG12 sing N N 429 
VAL CG1 HG13 sing N N 430 
VAL CG2 HG21 sing N N 431 
VAL CG2 HG22 sing N N 432 
VAL CG2 HG23 sing N N 433 
VAL OXT HXT  sing N N 434 
# 
_atom_sites.entry_id                    1RPG 
_atom_sites.fract_transf_matrix[1][1]   0.00768263 
_atom_sites.fract_transf_matrix[1][2]   -0.03035067 
_atom_sites.fract_transf_matrix[1][3]   -0.01490833 
_atom_sites.fract_transf_matrix[2][1]   -0.02171084 
_atom_sites.fract_transf_matrix[2][2]   -0.01045779 
_atom_sites.fract_transf_matrix[2][3]   0.01010204 
_atom_sites.fract_transf_matrix[3][1]   -0.00840567 
_atom_sites.fract_transf_matrix[3][2]   0.00038727 
_atom_sites.fract_transf_matrix[3][3]   -0.01766417 
_atom_sites.fract_transf_vector[1]      1.097553 
_atom_sites.fract_transf_vector[2]      0.452845 
_atom_sites.fract_transf_vector[3]      0.254950 
# 
loop_
_atom_sites_footnote.id 
_atom_sites_footnote.text 
1 'CIS PROLINE - PRO      93' 
2 'CIS PROLINE - PRO     114' 
# 
loop_
_atom_type.symbol 
C 
N 
O 
P 
S 
# 
loop_
_atom_site.group_PDB 
_atom_site.id 
_atom_site.type_symbol 
_atom_site.label_atom_id 
_atom_site.label_alt_id 
_atom_site.label_comp_id 
_atom_site.label_asym_id 
_atom_site.label_entity_id 
_atom_site.label_seq_id 
_atom_site.pdbx_PDB_ins_code 
_atom_site.Cartn_x 
_atom_site.Cartn_y 
_atom_site.Cartn_z 
_atom_site.occupancy 
_atom_site.B_iso_or_equiv 
_atom_site.pdbx_formal_charge 
_atom_site.auth_seq_id 
_atom_site.auth_comp_id 
_atom_site.auth_asym_id 
_atom_site.auth_atom_id 
_atom_site.pdbx_PDB_model_num 
ATOM   1    N N   . LYS A 1 1   ? -4.765  6.958   19.607  1.00 0.25 ? 1   LYS A N   1 
ATOM   2    C CA  . LYS A 1 1   ? -4.139  7.400   18.355  1.00 0.22 ? 1   LYS A CA  1 
ATOM   3    C C   . LYS A 1 1   ? -4.655  6.593   17.179  1.00 0.25 ? 1   LYS A C   1 
ATOM   4    O O   . LYS A 1 1   ? -5.504  5.701   17.389  1.00 0.21 ? 1   LYS A O   1 
ATOM   5    C CB  . LYS A 1 1   ? -2.640  7.369   18.443  1.00 0.39 ? 1   LYS A CB  1 
ATOM   6    C CG  . LYS A 1 1   ? -2.078  6.172   19.144  1.00 0.79 ? 1   LYS A CG  1 
ATOM   7    C CD  . LYS A 1 1   ? -0.682  6.462   19.691  1.00 0.76 ? 1   LYS A CD  1 
ATOM   8    C CE  . LYS A 1 1   ? 0.373   6.163   18.632  1.00 0.76 ? 1   LYS A CE  1 
ATOM   9    N NZ  . LYS A 1 1   ? 1.638   6.862   18.985  1.00 0.76 ? 1   LYS A NZ  1 
ATOM   10   N N   . GLU A 1 2   ? -4.208  6.849   15.980  1.00 0.17 ? 2   GLU A N   1 
ATOM   11   C CA  . GLU A 1 2   ? -4.647  6.134   14.774  1.00 0.16 ? 2   GLU A CA  1 
ATOM   12   C C   . GLU A 1 2   ? -4.442  4.635   14.906  1.00 0.13 ? 2   GLU A C   1 
ATOM   13   O O   . GLU A 1 2   ? -3.349  4.189   15.249  1.00 0.18 ? 2   GLU A O   1 
ATOM   14   C CB  . GLU A 1 2   ? -3.839  6.645   13.581  1.00 0.19 ? 2   GLU A CB  1 
ATOM   15   C CG  . GLU A 1 2   ? -4.374  6.056   12.268  1.00 0.15 ? 2   GLU A CG  1 
ATOM   16   C CD  . GLU A 1 2   ? -3.515  6.639   11.140  1.00 0.15 ? 2   GLU A CD  1 
ATOM   17   O OE1 . GLU A 1 2   ? -2.325  6.904   11.400  1.00 0.17 ? 2   GLU A OE1 1 
ATOM   18   O OE2 . GLU A 1 2   ? -4.008  6.872   10.033  1.00 0.15 ? 2   GLU A OE2 1 
ATOM   19   N N   . THR A 1 3   ? -5.468  3.843   14.590  1.00 0.14 ? 3   THR A N   1 
ATOM   20   C CA  . THR A 1 3   ? -5.312  2.381   14.685  1.00 0.13 ? 3   THR A CA  1 
ATOM   21   C C   . THR A 1 3   ? -4.492  1.871   13.496  1.00 0.14 ? 3   THR A C   1 
ATOM   22   O O   . THR A 1 3   ? -4.384  2.555   12.485  1.00 0.14 ? 3   THR A O   1 
ATOM   23   C CB  . THR A 1 3   ? -6.676  1.706   14.643  1.00 0.18 ? 3   THR A CB  1 
ATOM   24   O OG1 . THR A 1 3   ? -7.274  1.887   13.358  1.00 0.16 ? 3   THR A OG1 1 
ATOM   25   C CG2 . THR A 1 3   ? -7.573  2.280   15.694  1.00 0.20 ? 3   THR A CG2 1 
ATOM   26   N N   . ALA A 1 4   ? -3.977  0.673   13.640  1.00 0.13 ? 4   ALA A N   1 
ATOM   27   C CA  . ALA A 1 4   ? -3.199  0.059   12.553  1.00 0.14 ? 4   ALA A CA  1 
ATOM   28   C C   . ALA A 1 4   ? -4.090  -0.142  11.331  1.00 0.15 ? 4   ALA A C   1 
ATOM   29   O O   . ALA A 1 4   ? -3.599  0.020   10.213  1.00 0.17 ? 4   ALA A O   1 
ATOM   30   C CB  . ALA A 1 4   ? -2.619  -1.264  13.001  1.00 0.14 ? 4   ALA A CB  1 
ATOM   31   N N   . ALA A 1 5   ? -5.362  -0.470  11.514  1.00 0.11 ? 5   ALA A N   1 
ATOM   32   C CA  . ALA A 1 5   ? -6.268  -0.667  10.381  1.00 0.10 ? 5   ALA A CA  1 
ATOM   33   C C   . ALA A 1 5   ? -6.485  0.640   9.640   1.00 0.13 ? 5   ALA A C   1 
ATOM   34   O O   . ALA A 1 5   ? -6.460  0.640   8.414   1.00 0.13 ? 5   ALA A O   1 
ATOM   35   C CB  . ALA A 1 5   ? -7.588  -1.248  10.829  1.00 0.14 ? 5   ALA A CB  1 
ATOM   36   N N   . ALA A 1 6   ? -6.680  1.725   10.389  1.00 0.13 ? 6   ALA A N   1 
ATOM   37   C CA  . ALA A 1 6   ? -6.884  3.048   9.769   1.00 0.12 ? 6   ALA A CA  1 
ATOM   38   C C   . ALA A 1 6   ? -5.605  3.506   9.087   1.00 0.11 ? 6   ALA A C   1 
ATOM   39   O O   . ALA A 1 6   ? -5.657  4.096   8.005   1.00 0.13 ? 6   ALA A O   1 
ATOM   40   C CB  . ALA A 1 6   ? -7.305  4.059   10.822  1.00 0.13 ? 6   ALA A CB  1 
ATOM   41   N N   . LYS A 1 7   ? -4.458  3.247   9.703   1.00 0.10 ? 7   LYS A N   1 
ATOM   42   C CA  . LYS A 1 7   ? -3.181  3.644   9.083   1.00 0.11 ? 7   LYS A CA  1 
ATOM   43   C C   . LYS A 1 7   ? -3.000  2.896   7.770   1.00 0.12 ? 7   LYS A C   1 
ATOM   44   O O   . LYS A 1 7   ? -2.489  3.454   6.794   1.00 0.13 ? 7   LYS A O   1 
ATOM   45   C CB  . LYS A 1 7   ? -2.031  3.359   10.025  1.00 0.11 ? 7   LYS A CB  1 
ATOM   46   C CG  . LYS A 1 7   ? -0.718  3.872   9.440   1.00 0.18 ? 7   LYS A CG  1 
ATOM   47   C CD  . LYS A 1 7   ? 0.380   3.710   10.488  1.00 0.33 ? 7   LYS A CD  1 
ATOM   48   C CE  . LYS A 1 7   ? 1.746   3.649   9.843   1.00 0.78 ? 7   LYS A CE  1 
ATOM   49   N NZ  . LYS A 1 7   ? 2.582   2.609   10.488  1.00 0.73 ? 7   LYS A NZ  1 
ATOM   50   N N   . PHE A 1 8   ? -3.434  1.630   7.708   1.00 0.12 ? 8   PHE A N   1 
ATOM   51   C CA  . PHE A 1 8   ? -3.312  0.870   6.444   1.00 0.11 ? 8   PHE A CA  1 
ATOM   52   C C   . PHE A 1 8   ? -4.188  1.525   5.376   1.00 0.11 ? 8   PHE A C   1 
ATOM   53   O O   . PHE A 1 8   ? -3.758  1.673   4.219   1.00 0.12 ? 8   PHE A O   1 
ATOM   54   C CB  . PHE A 1 8   ? -3.743  -0.578  6.653   1.00 0.11 ? 8   PHE A CB  1 
ATOM   55   C CG  . PHE A 1 8   ? -3.686  -1.385  5.357   1.00 0.10 ? 8   PHE A CG  1 
ATOM   56   C CD1 . PHE A 1 8   ? -4.808  -1.380  4.504   1.00 0.12 ? 8   PHE A CD1 1 
ATOM   57   C CD2 . PHE A 1 8   ? -2.579  -2.145  4.991   1.00 0.09 ? 8   PHE A CD2 1 
ATOM   58   C CE1 . PHE A 1 8   ? -4.798  -2.077  3.291   1.00 0.10 ? 8   PHE A CE1 1 
ATOM   59   C CE2 . PHE A 1 8   ? -2.580  -2.857  3.793   1.00 0.13 ? 8   PHE A CE2 1 
ATOM   60   C CZ  . PHE A 1 8   ? -3.684  -2.798  2.920   1.00 0.10 ? 8   PHE A CZ  1 
ATOM   61   N N   . GLU A 1 9   ? -5.393  1.961   5.709   1.00 0.10 ? 9   GLU A N   1 
ATOM   62   C CA  . GLU A 1 9   ? -6.235  2.620   4.692   1.00 0.11 ? 9   GLU A CA  1 
ATOM   63   C C   . GLU A 1 9   ? -5.595  3.932   4.249   1.00 0.10 ? 9   GLU A C   1 
ATOM   64   O O   . GLU A 1 9   ? -5.568  4.222   3.057   1.00 0.11 ? 9   GLU A O   1 
ATOM   65   C CB  . GLU A 1 9   ? -7.612  2.926   5.275   1.00 0.13 ? 9   GLU A CB  1 
ATOM   66   C CG  . GLU A 1 9   ? -8.429  1.662   5.412   1.00 0.17 ? 9   GLU A CG  1 
ATOM   67   C CD  . GLU A 1 9   ? -9.811  2.005   5.959   1.00 0.30 ? 9   GLU A CD  1 
ATOM   68   O OE1 . GLU A 1 9   ? -10.387 3.030   5.551   1.00 0.28 ? 9   GLU A OE1 1 
ATOM   69   O OE2 . GLU A 1 9   ? -10.311 1.253   6.806   1.00 0.32 ? 9   GLU A OE2 1 
ATOM   70   N N   . ARG A 1 10  ? -5.101  4.723   5.171   1.00 0.08 ? 10  ARG A N   1 
ATOM   71   C CA  . ARG A 1 10  ? -4.490  6.011   4.826   1.00 0.11 ? 10  ARG A CA  1 
ATOM   72   C C   . ARG A 1 10  ? -3.243  5.838   3.991   1.00 0.09 ? 10  ARG A C   1 
ATOM   73   O O   . ARG A 1 10  ? -3.009  6.609   3.031   1.00 0.12 ? 10  ARG A O   1 
ATOM   74   C CB  . ARG A 1 10  ? -4.158  6.789   6.103   1.00 0.09 ? 10  ARG A CB  1 
ATOM   75   C CG  . ARG A 1 10  ? -3.420  8.068   5.793   1.00 0.10 ? 10  ARG A CG  1 
ATOM   76   C CD  . ARG A 1 10  ? -3.269  8.941   7.051   1.00 0.13 ? 10  ARG A CD  1 
ATOM   77   N NE  . ARG A 1 10  ? -2.538  8.235   8.102   1.00 0.13 ? 10  ARG A NE  1 
ATOM   78   C CZ  . ARG A 1 10  ? -1.220  8.216   8.184   1.00 0.16 ? 10  ARG A CZ  1 
ATOM   79   N NH1 . ARG A 1 10  ? -0.459  8.826   7.243   1.00 0.19 ? 10  ARG A NH1 1 
ATOM   80   N NH2 . ARG A 1 10  ? -0.600  7.547   9.151   1.00 0.17 ? 10  ARG A NH2 1 
ATOM   81   N N   . GLN A 1 11  ? -2.389  4.883   4.294   1.00 0.11 ? 11  GLN A N   1 
ATOM   82   C CA  . GLN A 1 11  ? -1.161  4.727   3.523   1.00 0.09 ? 11  GLN A CA  1 
ATOM   83   C C   . GLN A 1 11  ? -1.336  3.894   2.280   1.00 0.10 ? 11  GLN A C   1 
ATOM   84   O O   . GLN A 1 11  ? -0.512  4.118   1.377   1.00 0.14 ? 11  GLN A O   1 
ATOM   85   C CB  . GLN A 1 11  ? -0.065  4.062   4.388   1.00 0.09 ? 11  GLN A CB  1 
ATOM   86   C CG  . GLN A 1 11  ? 0.198   4.793   5.661   1.00 0.15 ? 11  GLN A CG  1 
ATOM   87   C CD  . GLN A 1 11  ? 1.454   4.190   6.352   1.00 0.22 ? 11  GLN A CD  1 
ATOM   88   O OE1 . GLN A 1 11  ? 2.440   4.988   6.627   1.00 0.31 ? 11  GLN A OE1 1 
ATOM   89   N NE2 . GLN A 1 11  ? 1.540   2.874   6.468   1.00 0.21 ? 11  GLN A NE2 1 
ATOM   90   N N   . HIS A 1 12  ? -2.247  2.952   2.180   1.00 0.08 ? 12  HIS A N   1 
ATOM   91   C CA  . HIS A 1 12  ? -2.289  2.057   1.038   1.00 0.10 ? 12  HIS A CA  1 
ATOM   92   C C   . HIS A 1 12  ? -3.554  2.032   0.245   1.00 0.11 ? 12  HIS A C   1 
ATOM   93   O O   . HIS A 1 12  ? -3.494  1.274   -0.796  1.00 0.13 ? 12  HIS A O   1 
ATOM   94   C CB  . HIS A 1 12  ? -2.007  0.595   1.512   1.00 0.10 ? 12  HIS A CB  1 
ATOM   95   C CG  . HIS A 1 12  ? -0.623  0.502   2.140   1.00 0.12 ? 12  HIS A CG  1 
ATOM   96   N ND1 . HIS A 1 12  ? 0.561   0.673   1.433   1.00 0.11 ? 12  HIS A ND1 1 
ATOM   97   C CD2 . HIS A 1 12  ? -0.318  0.261   3.477   1.00 0.10 ? 12  HIS A CD2 1 
ATOM   98   C CE1 . HIS A 1 12  ? 1.612   0.564   2.337   1.00 0.11 ? 12  HIS A CE1 1 
ATOM   99   N NE2 . HIS A 1 12  ? 1.073   0.299   3.574   1.00 0.12 ? 12  HIS A NE2 1 
ATOM   100  N N   . MET A 1 13  ? -4.638  2.644   0.557   1.00 0.11 ? 13  MET A N   1 
ATOM   101  C CA  . MET A 1 13  ? -5.852  2.491   -0.262  1.00 0.11 ? 13  MET A CA  1 
ATOM   102  C C   . MET A 1 13  ? -6.139  3.722   -1.091  1.00 0.10 ? 13  MET A C   1 
ATOM   103  O O   . MET A 1 13  ? -6.073  4.845   -0.614  1.00 0.13 ? 13  MET A O   1 
ATOM   104  C CB  . MET A 1 13  ? -7.057  2.224   0.657   1.00 0.09 ? 13  MET A CB  1 
ATOM   105  C CG  . MET A 1 13  ? -6.986  0.878   1.354   1.00 0.12 ? 13  MET A CG  1 
ATOM   106  S SD  . MET A 1 13  ? -7.055  -0.516  0.210   1.00 0.15 ? 13  MET A SD  1 
ATOM   107  C CE  . MET A 1 13  ? -8.496  -0.130  -0.870  1.00 0.16 ? 13  MET A CE  1 
ATOM   108  N N   . ASP A 1 14  ? -6.533  3.508   -2.332  1.00 0.10 ? 14  ASP A N   1 
ATOM   109  C CA  . ASP A 1 14  ? -6.964  4.587   -3.217  1.00 0.10 ? 14  ASP A CA  1 
ATOM   110  C C   . ASP A 1 14  ? -8.101  4.085   -4.110  1.00 0.14 ? 14  ASP A C   1 
ATOM   111  O O   . ASP A 1 14  ? -7.887  3.816   -5.282  1.00 0.14 ? 14  ASP A O   1 
ATOM   112  C CB  . ASP A 1 14  ? -5.862  5.192   -4.047  1.00 0.12 ? 14  ASP A CB  1 
ATOM   113  C CG  . ASP A 1 14  ? -6.424  6.415   -4.823  1.00 0.18 ? 14  ASP A CG  1 
ATOM   114  O OD1 . ASP A 1 14  ? -7.543  6.854   -4.519  1.00 0.16 ? 14  ASP A OD1 1 
ATOM   115  O OD2 . ASP A 1 14  ? -5.737  6.920   -5.706  1.00 0.17 ? 14  ASP A OD2 1 
ATOM   116  N N   . SER A 1 15  ? -9.258  3.935   -3.514  1.00 0.11 ? 15  SER A N   1 
ATOM   117  C CA  . SER A 1 15  ? -10.465 3.439   -4.196  1.00 0.15 ? 15  SER A CA  1 
ATOM   118  C C   . SER A 1 15  ? -11.029 4.494   -5.146  1.00 0.17 ? 15  SER A C   1 
ATOM   119  O O   . SER A 1 15  ? -11.912 4.093   -5.932  1.00 0.21 ? 15  SER A O   1 
ATOM   120  C CB  . SER A 1 15  ? -11.542 3.131   -3.148  1.00 0.15 ? 15  SER A CB  1 
ATOM   121  O OG  . SER A 1 15  ? -11.030 2.119   -2.257  1.00 0.24 ? 15  SER A OG  1 
ATOM   122  N N   . SER A 1 16  ? -10.625 5.704   -5.075  1.00 0.14 ? 16  SER A N   1 
ATOM   123  C CA  . SER A 1 16  ? -11.081 6.853   -5.831  1.00 0.14 ? 16  SER A CA  1 
ATOM   124  C C   . SER A 1 16  ? -10.576 6.905   -7.238  1.00 0.16 ? 16  SER A C   1 
ATOM   125  O O   . SER A 1 16  ? -11.152 7.674   -8.037  1.00 0.21 ? 16  SER A O   1 
ATOM   126  C CB  . SER A 1 16  ? -10.890 8.149   -5.096  1.00 0.18 ? 16  SER A CB  1 
ATOM   127  O OG  A SER A 1 16  ? -11.615 8.127   -3.858  0.60 0.29 ? 16  SER A OG  1 
ATOM   128  O OG  B SER A 1 16  ? -9.499  8.623   -5.529  0.40 0.21 ? 16  SER A OG  1 
ATOM   129  N N   . THR A 1 17  ? -9.567  6.155   -7.578  1.00 0.16 ? 17  THR A N   1 
ATOM   130  C CA  . THR A 1 17  ? -8.993  6.096   -8.929  1.00 0.13 ? 17  THR A CA  1 
ATOM   131  C C   . THR A 1 17  ? -8.735  4.640   -9.312  1.00 0.16 ? 17  THR A C   1 
ATOM   132  O O   . THR A 1 17  ? -8.497  3.819   -8.427  1.00 0.15 ? 17  THR A O   1 
ATOM   133  C CB  . THR A 1 17  ? -7.720  6.902   -9.019  1.00 0.17 ? 17  THR A CB  1 
ATOM   134  O OG1 . THR A 1 17  ? -6.688  6.323   -8.219  1.00 0.20 ? 17  THR A OG1 1 
ATOM   135  C CG2 . THR A 1 17  ? -7.946  8.317   -8.603  1.00 0.18 ? 17  THR A CG2 1 
ATOM   136  N N   . SER A 1 18  ? -8.785  4.293   -10.593 1.00 0.14 ? 18  SER A N   1 
ATOM   137  C CA  . SER A 1 18  ? -8.564  2.920   -11.040 1.00 0.17 ? 18  SER A CA  1 
ATOM   138  C C   . SER A 1 18  ? -7.084  2.645   -11.280 1.00 0.12 ? 18  SER A C   1 
ATOM   139  O O   . SER A 1 18  ? -6.690  1.483   -11.317 1.00 0.16 ? 18  SER A O   1 
ATOM   140  C CB  . SER A 1 18  ? -9.344  2.613   -12.307 1.00 0.28 ? 18  SER A CB  1 
ATOM   141  O OG  . SER A 1 18  ? -10.419 3.498   -12.512 1.00 0.70 ? 18  SER A OG  1 
ATOM   142  N N   . ALA A 1 19  ? -6.330  3.706   -11.453 1.00 0.12 ? 19  ALA A N   1 
ATOM   143  C CA  . ALA A 1 19  ? -4.887  3.606   -11.727 1.00 0.17 ? 19  ALA A CA  1 
ATOM   144  C C   . ALA A 1 19  ? -4.248  4.993   -11.611 1.00 0.15 ? 19  ALA A C   1 
ATOM   145  O O   . ALA A 1 19  ? -4.951  5.984   -11.514 1.00 0.19 ? 19  ALA A O   1 
ATOM   146  C CB  . ALA A 1 19  ? -4.686  3.100   -13.159 1.00 0.16 ? 19  ALA A CB  1 
ATOM   147  N N   . ALA A 1 20  ? -2.924  5.025   -11.603 1.00 0.14 ? 20  ALA A N   1 
ATOM   148  C CA  . ALA A 1 20  ? -2.248  6.357   -11.533 1.00 0.13 ? 20  ALA A CA  1 
ATOM   149  C C   . ALA A 1 20  ? -2.412  6.992   -12.933 1.00 0.16 ? 20  ALA A C   1 
ATOM   150  O O   . ALA A 1 20  ? -2.210  6.272   -13.918 1.00 0.22 ? 20  ALA A O   1 
ATOM   151  C CB  . ALA A 1 20  ? -0.778  6.136   -11.239 1.00 0.15 ? 20  ALA A CB  1 
ATOM   152  N N   . SER A 1 21  ? -2.799  8.220   -13.032 1.00 0.20 ? 21  SER A N   1 
ATOM   153  C CA  . SER A 1 21  ? -3.065  8.880   -14.320 1.00 0.32 ? 21  SER A CA  1 
ATOM   154  C C   . SER A 1 21  ? -1.892  9.662   -14.841 1.00 0.31 ? 21  SER A C   1 
ATOM   155  O O   . SER A 1 21  ? -1.910  10.050  -16.028 1.00 0.23 ? 21  SER A O   1 
ATOM   156  C CB  . SER A 1 21  ? -4.284  9.788   -14.186 1.00 0.23 ? 21  SER A CB  1 
ATOM   157  O OG  . SER A 1 21  ? -4.009  10.714  -13.113 1.00 0.48 ? 21  SER A OG  1 
ATOM   158  N N   . SER A 1 22  ? -0.891  9.940   -14.057 1.00 0.18 ? 22  SER A N   1 
ATOM   159  C CA  . SER A 1 22  ? 0.278   10.704  -14.530 1.00 0.14 ? 22  SER A CA  1 
ATOM   160  C C   . SER A 1 22  ? 1.496   10.356  -13.688 1.00 0.15 ? 22  SER A C   1 
ATOM   161  O O   . SER A 1 22  ? 1.369   9.691   -12.651 1.00 0.14 ? 22  SER A O   1 
ATOM   162  C CB  . SER A 1 22  ? 0.013   12.186  -14.486 1.00 0.16 ? 22  SER A CB  1 
ATOM   163  O OG  . SER A 1 22  ? 0.207   12.723  -13.185 1.00 0.20 ? 22  SER A OG  1 
ATOM   164  N N   . SER A 1 23  ? 2.643   10.809  -14.126 1.00 0.14 ? 23  SER A N   1 
ATOM   165  C CA  . SER A 1 23  ? 3.897   10.543  -13.406 1.00 0.13 ? 23  SER A CA  1 
ATOM   166  C C   . SER A 1 23  ? 3.936   11.275  -12.081 1.00 0.14 ? 23  SER A C   1 
ATOM   167  O O   . SER A 1 23  ? 4.805   10.955  -11.255 1.00 0.22 ? 23  SER A O   1 
ATOM   168  C CB  . SER A 1 23  ? 5.099   10.901  -14.256 1.00 0.19 ? 23  SER A CB  1 
ATOM   169  O OG  . SER A 1 23  ? 5.128   12.312  -14.426 1.00 0.22 ? 23  SER A OG  1 
ATOM   170  N N   . ASN A 1 24  ? 3.057   12.215  -11.815 1.00 0.15 ? 24  ASN A N   1 
ATOM   171  C CA  . ASN A 1 24  ? 3.050   12.956  -10.556 1.00 0.14 ? 24  ASN A CA  1 
ATOM   172  C C   . ASN A 1 24  ? 2.166   12.291  -9.510  1.00 0.12 ? 24  ASN A C   1 
ATOM   173  O O   . ASN A 1 24  ? 2.094   12.861  -8.403  1.00 0.15 ? 24  ASN A O   1 
ATOM   174  C CB  . ASN A 1 24  ? 2.542   14.387  -10.789 1.00 0.20 ? 24  ASN A CB  1 
ATOM   175  C CG  . ASN A 1 24  ? 3.762   15.320  -10.865 1.00 0.54 ? 24  ASN A CG  1 
ATOM   176  O OD1 . ASN A 1 24  ? 4.616   15.352  -9.864  1.00 0.56 ? 24  ASN A OD1 1 
ATOM   177  N ND2 . ASN A 1 24  ? 3.965   16.031  -11.946 1.00 0.76 ? 24  ASN A ND2 1 
ATOM   178  N N   . TYR A 1 25  ? 1.519   11.204  -9.785  1.00 0.10 ? 25  TYR A N   1 
ATOM   179  C CA  . TYR A 1 25  ? 0.620   10.535  -8.834  1.00 0.10 ? 25  TYR A CA  1 
ATOM   180  C C   . TYR A 1 25  ? 1.278   10.314  -7.490  1.00 0.13 ? 25  TYR A C   1 
ATOM   181  O O   . TYR A 1 25  ? 0.743   10.709  -6.441  1.00 0.12 ? 25  TYR A O   1 
ATOM   182  C CB  . TYR A 1 25  ? 0.109   9.224   -9.403  1.00 0.10 ? 25  TYR A CB  1 
ATOM   183  C CG  . TYR A 1 25  ? -0.785  8.471   -8.429  1.00 0.14 ? 25  TYR A CG  1 
ATOM   184  C CD1 . TYR A 1 25  ? -2.169  8.717   -8.395  1.00 0.16 ? 25  TYR A CD1 1 
ATOM   185  C CD2 . TYR A 1 25  ? -0.231  7.514   -7.581  1.00 0.12 ? 25  TYR A CD2 1 
ATOM   186  C CE1 . TYR A 1 25  ? -2.982  7.999   -7.505  1.00 0.12 ? 25  TYR A CE1 1 
ATOM   187  C CE2 . TYR A 1 25  ? -1.031  6.809   -6.690  1.00 0.14 ? 25  TYR A CE2 1 
ATOM   188  C CZ  . TYR A 1 25  ? -2.402  7.062   -6.656  1.00 0.15 ? 25  TYR A CZ  1 
ATOM   189  O OH  . TYR A 1 25  ? -3.194  6.358   -5.761  1.00 0.16 ? 25  TYR A OH  1 
ATOM   190  N N   . CYS A 1 26  ? 2.433   9.683   -7.475  1.00 0.10 ? 26  CYS A N   1 
ATOM   191  C CA  . CYS A 1 26  ? 3.138   9.380   -6.221  1.00 0.11 ? 26  CYS A CA  1 
ATOM   192  C C   . CYS A 1 26  ? 3.524   10.621  -5.472  1.00 0.10 ? 26  CYS A C   1 
ATOM   193  O O   . CYS A 1 26  ? 3.306   10.765  -4.264  1.00 0.11 ? 26  CYS A O   1 
ATOM   194  C CB  . CYS A 1 26  ? 4.328   8.467   -6.461  1.00 0.11 ? 26  CYS A CB  1 
ATOM   195  S SG  . CYS A 1 26  ? 3.870   6.776   -6.837  1.00 0.12 ? 26  CYS A SG  1 
ATOM   196  N N   . ASN A 1 27  ? 4.104   11.601  -6.142  1.00 0.12 ? 27  ASN A N   1 
ATOM   197  C CA  . ASN A 1 27  ? 4.481   12.831  -5.438  1.00 0.11 ? 27  ASN A CA  1 
ATOM   198  C C   . ASN A 1 27  ? 3.281   13.445  -4.731  1.00 0.15 ? 27  ASN A C   1 
ATOM   199  O O   . ASN A 1 27  ? 3.371   13.871  -3.579  1.00 0.16 ? 27  ASN A O   1 
ATOM   200  C CB  . ASN A 1 27  ? 4.998   13.861  -6.470  1.00 0.14 ? 27  ASN A CB  1 
ATOM   201  C CG  . ASN A 1 27  ? 6.399   13.450  -6.937  1.00 0.15 ? 27  ASN A CG  1 
ATOM   202  O OD1 . ASN A 1 27  ? 6.861   13.979  -8.060  1.00 0.26 ? 27  ASN A OD1 1 
ATOM   203  N ND2 . ASN A 1 27  ? 7.091   12.600  -6.269  1.00 0.12 ? 27  ASN A ND2 1 
ATOM   204  N N   . GLN A 1 28  ? 2.143   13.529  -5.420  1.00 0.12 ? 28  GLN A N   1 
ATOM   205  C CA  . GLN A 1 28  ? 0.939   14.135  -4.853  1.00 0.13 ? 28  GLN A CA  1 
ATOM   206  C C   . GLN A 1 28  ? 0.333   13.286  -3.754  1.00 0.10 ? 28  GLN A C   1 
ATOM   207  O O   . GLN A 1 28  ? -0.031  13.843  -2.704  1.00 0.15 ? 28  GLN A O   1 
ATOM   208  C CB  . GLN A 1 28  ? -0.112  14.412  -5.934  1.00 0.20 ? 28  GLN A CB  1 
ATOM   209  C CG  . GLN A 1 28  ? 0.243   15.614  -6.790  1.00 0.55 ? 28  GLN A CG  1 
ATOM   210  C CD  . GLN A 1 28  ? -0.398  15.662  -8.159  1.00 0.78 ? 28  GLN A CD  1 
ATOM   211  O OE1 . GLN A 1 28  ? -0.082  16.658  -9.024  1.00 0.79 ? 28  GLN A OE1 1 
ATOM   212  N NE2 . GLN A 1 28  ? -1.271  14.745  -8.571  1.00 0.80 ? 28  GLN A NE2 1 
ATOM   213  N N   . MET A 1 29  ? 0.191   11.997  -3.928  1.00 0.11 ? 29  MET A N   1 
ATOM   214  C CA  . MET A 1 29  ? -0.421  11.098  -2.949  1.00 0.10 ? 29  MET A CA  1 
ATOM   215  C C   . MET A 1 29  ? 0.427   10.910  -1.718  1.00 0.14 ? 29  MET A C   1 
ATOM   216  O O   . MET A 1 29  ? -0.112  10.828  -0.597  1.00 0.13 ? 29  MET A O   1 
ATOM   217  C CB  . MET A 1 29  ? -0.764  9.761   -3.584  1.00 0.12 ? 29  MET A CB  1 
ATOM   218  C CG  . MET A 1 29  ? -1.905  9.891   -4.567  1.00 0.25 ? 29  MET A CG  1 
ATOM   219  S SD  . MET A 1 29  ? -3.484  10.144  -3.660  1.00 0.26 ? 29  MET A SD  1 
ATOM   220  C CE  . MET A 1 29  ? -3.718  8.587   -2.748  1.00 0.26 ? 29  MET A CE  1 
ATOM   221  N N   . MET A 1 30  ? 1.748   10.809  -1.872  1.00 0.11 ? 30  MET A N   1 
ATOM   222  C CA  . MET A 1 30  ? 2.620   10.630  -0.699  1.00 0.12 ? 30  MET A CA  1 
ATOM   223  C C   . MET A 1 30  ? 2.533   11.840  0.205   1.00 0.16 ? 30  MET A C   1 
ATOM   224  O O   . MET A 1 30  ? 2.567   11.716  1.431   1.00 0.16 ? 30  MET A O   1 
ATOM   225  C CB  . MET A 1 30  ? 4.051   10.364  -1.112  1.00 0.10 ? 30  MET A CB  1 
ATOM   226  C CG  . MET A 1 30  ? 4.174   9.046   -1.880  1.00 0.11 ? 30  MET A CG  1 
ATOM   227  S SD  . MET A 1 30  ? 4.033   7.570   -0.819  1.00 0.13 ? 30  MET A SD  1 
ATOM   228  C CE  . MET A 1 30  ? 5.502   7.498   0.219   1.00 0.13 ? 30  MET A CE  1 
ATOM   229  N N   . LYS A 1 31  ? 2.400   13.016  -0.389  1.00 0.13 ? 31  LYS A N   1 
ATOM   230  C CA  . LYS A 1 31  ? 2.267   14.235  0.413   1.00 0.12 ? 31  LYS A CA  1 
ATOM   231  C C   . LYS A 1 31  ? 0.873   14.348  1.020   1.00 0.13 ? 31  LYS A C   1 
ATOM   232  O O   . LYS A 1 31  ? 0.742   14.603  2.230   1.00 0.15 ? 31  LYS A O   1 
ATOM   233  C CB  . LYS A 1 31  ? 2.529   15.461  -0.456  1.00 0.15 ? 31  LYS A CB  1 
ATOM   234  C CG  . LYS A 1 31  ? 2.750   16.643  0.498   1.00 0.24 ? 31  LYS A CG  1 
ATOM   235  C CD  . LYS A 1 31  ? 2.178   17.915  -0.021  1.00 0.78 ? 31  LYS A CD  1 
ATOM   236  C CE  . LYS A 1 31  ? 1.560   18.734  1.127   1.00 0.76 ? 31  LYS A CE  1 
ATOM   237  N NZ  . LYS A 1 31  ? 0.300   19.356  0.635   1.00 0.75 ? 31  LYS A NZ  1 
ATOM   238  N N   . SER A 1 32  ? -0.191  14.186  0.244   1.00 0.12 ? 32  SER A N   1 
ATOM   239  C CA  . SER A 1 32  ? -1.561  14.308  0.718   1.00 0.12 ? 32  SER A CA  1 
ATOM   240  C C   . SER A 1 32  ? -1.914  13.325  1.803   1.00 0.13 ? 32  SER A C   1 
ATOM   241  O O   . SER A 1 32  ? -2.727  13.713  2.684   1.00 0.16 ? 32  SER A O   1 
ATOM   242  C CB  . SER A 1 32  ? -2.572  14.280  -0.394  1.00 0.14 ? 32  SER A CB  1 
ATOM   243  O OG  A SER A 1 32  ? -2.773  13.027  -0.951  0.66 0.19 ? 32  SER A OG  1 
ATOM   244  O OG  B SER A 1 32  ? -2.526  15.471  -1.291  0.34 0.13 ? 32  SER A OG  1 
ATOM   245  N N   . ARG A 1 33  ? -1.405  12.125  1.776   1.00 0.11 ? 33  ARG A N   1 
ATOM   246  C CA  . ARG A 1 33  ? -1.700  11.107  2.793   1.00 0.12 ? 33  ARG A CA  1 
ATOM   247  C C   . ARG A 1 33  ? -0.764  11.229  3.982   1.00 0.17 ? 33  ARG A C   1 
ATOM   248  O O   . ARG A 1 33  ? -0.791  10.373  4.875   1.00 0.15 ? 33  ARG A O   1 
ATOM   249  C CB  . ARG A 1 33  ? -1.644  9.712   2.201   1.00 0.11 ? 33  ARG A CB  1 
ATOM   250  C CG  . ARG A 1 33  ? -2.736  9.506   1.141   1.00 0.11 ? 33  ARG A CG  1 
ATOM   251  C CD  . ARG A 1 33  ? -4.107  9.458   1.779   1.00 0.13 ? 33  ARG A CD  1 
ATOM   252  N NE  . ARG A 1 33  ? -5.149  9.257   0.734   1.00 0.17 ? 33  ARG A NE  1 
ATOM   253  C CZ  . ARG A 1 33  ? -5.490  8.007   0.388   1.00 0.22 ? 33  ARG A CZ  1 
ATOM   254  N NH1 . ARG A 1 33  ? -4.912  6.987   0.991   1.00 0.13 ? 33  ARG A NH1 1 
ATOM   255  N NH2 . ARG A 1 33  ? -6.437  7.765   -0.533  1.00 0.17 ? 33  ARG A NH2 1 
ATOM   256  N N   . ASN A 1 34  ? 0.049   12.278  4.038   1.00 0.14 ? 34  ASN A N   1 
ATOM   257  C CA  . ASN A 1 34  ? 0.990   12.587  5.104   1.00 0.19 ? 34  ASN A CA  1 
ATOM   258  C C   . ASN A 1 34  ? 2.063   11.542  5.282   1.00 0.14 ? 34  ASN A C   1 
ATOM   259  O O   . ASN A 1 34  ? 2.541   11.394  6.436   1.00 0.18 ? 34  ASN A O   1 
ATOM   260  C CB  . ASN A 1 34  ? 0.258   12.803  6.435   1.00 0.18 ? 34  ASN A CB  1 
ATOM   261  C CG  . ASN A 1 34  ? -0.765  13.920  6.299   1.00 0.25 ? 34  ASN A CG  1 
ATOM   262  O OD1 . ASN A 1 34  ? -0.413  15.062  5.753   1.00 0.28 ? 34  ASN A OD1 1 
ATOM   263  N ND2 . ASN A 1 34  ? -2.010  13.722  6.707   1.00 0.30 ? 34  ASN A ND2 1 
ATOM   264  N N   . LEU A 1 35  ? 2.488   10.816  4.283   1.00 0.12 ? 35  LEU A N   1 
ATOM   265  C CA  . LEU A 1 35  ? 3.544   9.807   4.425   1.00 0.15 ? 35  LEU A CA  1 
ATOM   266  C C   . LEU A 1 35  ? 4.929   10.469  4.441   1.00 0.18 ? 35  LEU A C   1 
ATOM   267  O O   . LEU A 1 35  ? 5.897   9.806   4.847   1.00 0.23 ? 35  LEU A O   1 
ATOM   268  C CB  . LEU A 1 35  ? 3.482   8.791   3.296   1.00 0.14 ? 35  LEU A CB  1 
ATOM   269  C CG  A LEU A 1 35  ? 2.469   7.674   3.539   0.53 0.16 ? 35  LEU A CG  1 
ATOM   270  C CG  B LEU A 1 35  ? 2.040   8.260   2.986   0.47 0.22 ? 35  LEU A CG  1 
ATOM   271  C CD1 A LEU A 1 35  ? 1.280   7.868   2.579   0.53 0.11 ? 35  LEU A CD1 1 
ATOM   272  C CD1 B LEU A 1 35  ? 2.154   6.955   2.227   0.47 0.17 ? 35  LEU A CD1 1 
ATOM   273  C CD2 A LEU A 1 35  ? 3.042   6.275   3.277   0.53 0.18 ? 35  LEU A CD2 1 
ATOM   274  C CD2 B LEU A 1 35  ? 1.237   8.097   4.252   0.47 0.21 ? 35  LEU A CD2 1 
ATOM   275  N N   . THR A 1 36  ? 5.053   11.720  4.055   1.00 0.14 ? 36  THR A N   1 
ATOM   276  C CA  . THR A 1 36  ? 6.340   12.434  4.017   1.00 0.13 ? 36  THR A CA  1 
ATOM   277  C C   . THR A 1 36  ? 6.420   13.514  5.077   1.00 0.19 ? 36  THR A C   1 
ATOM   278  O O   . THR A 1 36  ? 7.271   14.429  4.968   1.00 0.23 ? 36  THR A O   1 
ATOM   279  C CB  . THR A 1 36  ? 6.524   13.050  2.634   1.00 0.14 ? 36  THR A CB  1 
ATOM   280  O OG1 . THR A 1 36  ? 5.503   14.029  2.414   1.00 0.24 ? 36  THR A OG1 1 
ATOM   281  C CG2 . THR A 1 36  ? 6.389   11.976  1.593   1.00 0.17 ? 36  THR A CG2 1 
ATOM   282  N N   . LYS A 1 37  ? 5.622   13.469  6.102   1.00 0.20 ? 37  LYS A N   1 
ATOM   283  C CA  . LYS A 1 37  ? 5.562   14.439  7.190   1.00 0.23 ? 37  LYS A CA  1 
ATOM   284  C C   . LYS A 1 37  ? 6.864   14.504  7.978   1.00 0.16 ? 37  LYS A C   1 
ATOM   285  O O   . LYS A 1 37  ? 7.399   15.632  8.121   1.00 0.23 ? 37  LYS A O   1 
ATOM   286  C CB  . LYS A 1 37  ? 4.412   14.090  8.130   1.00 0.26 ? 37  LYS A CB  1 
ATOM   287  C CG  . LYS A 1 37  ? 3.766   15.249  8.776   1.00 0.78 ? 37  LYS A CG  1 
ATOM   288  C CD  . LYS A 1 37  ? 3.702   15.179  10.283  1.00 0.76 ? 37  LYS A CD  1 
ATOM   289  C CE  . LYS A 1 37  ? 3.624   13.778  10.838  1.00 0.78 ? 37  LYS A CE  1 
ATOM   290  N NZ  . LYS A 1 37  ? 3.835   13.792  12.309  1.00 0.79 ? 37  LYS A NZ  1 
ATOM   291  N N   . ASP A 1 38  ? 7.376   13.436  8.488   1.00 0.16 ? 38  ASP A N   1 
ATOM   292  C CA  . ASP A 1 38  ? 8.577   13.343  9.317   1.00 0.17 ? 38  ASP A CA  1 
ATOM   293  C C   . ASP A 1 38  ? 9.829   13.085  8.518   1.00 0.22 ? 38  ASP A C   1 
ATOM   294  O O   . ASP A 1 38  ? 10.932  13.499  8.904   1.00 0.16 ? 38  ASP A O   1 
ATOM   295  C CB  . ASP A 1 38  ? 8.417   12.234  10.375  1.00 0.18 ? 38  ASP A CB  1 
ATOM   296  C CG  . ASP A 1 38  ? 7.274   12.614  11.325  1.00 0.34 ? 38  ASP A CG  1 
ATOM   297  O OD1 . ASP A 1 38  ? 7.168   13.801  11.676  1.00 0.42 ? 38  ASP A OD1 1 
ATOM   298  O OD2 . ASP A 1 38  ? 6.424   11.791  11.658  1.00 0.51 ? 38  ASP A OD2 1 
ATOM   299  N N   . ARG A 1 39  ? 9.708   12.385  7.427   1.00 0.14 ? 39  ARG A N   1 
ATOM   300  C CA  . ARG A 1 39  ? 10.848  12.045  6.562   1.00 0.12 ? 39  ARG A CA  1 
ATOM   301  C C   . ARG A 1 39  ? 10.313  11.444  5.263   1.00 0.14 ? 39  ARG A C   1 
ATOM   302  O O   . ARG A 1 39  ? 9.119   11.166  5.184   1.00 0.14 ? 39  ARG A O   1 
ATOM   303  C CB  . ARG A 1 39  ? 11.687  10.948  7.268   1.00 0.20 ? 39  ARG A CB  1 
ATOM   304  C CG  . ARG A 1 39  ? 10.778  9.724   7.425   1.00 0.22 ? 39  ARG A CG  1 
ATOM   305  C CD  . ARG A 1 39  ? 11.516  8.574   8.052   1.00 0.38 ? 39  ARG A CD  1 
ATOM   306  N NE  . ARG A 1 39  ? 10.579  7.464   8.336   1.00 0.44 ? 39  ARG A NE  1 
ATOM   307  C CZ  . ARG A 1 39  ? 10.722  6.330   7.602   1.00 0.36 ? 39  ARG A CZ  1 
ATOM   308  N NH1 . ARG A 1 39  ? 11.665  6.260   6.669   1.00 0.35 ? 39  ARG A NH1 1 
ATOM   309  N NH2 . ARG A 1 39  ? 9.912   5.311   7.837   1.00 0.79 ? 39  ARG A NH2 1 
ATOM   310  N N   . CYS A 1 40  ? 11.177  11.264  4.310   1.00 0.14 ? 40  CYS A N   1 
ATOM   311  C CA  . CYS A 1 40  ? 10.689  10.672  3.058   1.00 0.18 ? 40  CYS A CA  1 
ATOM   312  C C   . CYS A 1 40  ? 10.604  9.159   3.193   1.00 0.14 ? 40  CYS A C   1 
ATOM   313  O O   . CYS A 1 40  ? 11.606  8.484   3.255   1.00 0.22 ? 40  CYS A O   1 
ATOM   314  C CB  . CYS A 1 40  ? 11.612  11.024  1.887   1.00 0.17 ? 40  CYS A CB  1 
ATOM   315  S SG  . CYS A 1 40  ? 11.826  12.799  1.626   1.00 0.15 ? 40  CYS A SG  1 
ATOM   316  N N   . LYS A 1 41  ? 9.388   8.632   3.232   1.00 0.17 ? 41  LYS A N   1 
ATOM   317  C CA  . LYS A 1 41  ? 9.277   7.136   3.276   1.00 0.16 ? 41  LYS A CA  1 
ATOM   318  C C   . LYS A 1 41  ? 9.784   6.641   1.916   1.00 0.20 ? 41  LYS A C   1 
ATOM   319  O O   . LYS A 1 41  ? 9.347   7.234   0.909   1.00 0.24 ? 41  LYS A O   1 
ATOM   320  C CB  . LYS A 1 41  ? 7.817   6.769   3.458   1.00 0.19 ? 41  LYS A CB  1 
ATOM   321  C CG  A LYS A 1 41  ? 7.551   6.457   4.908   0.43 0.18 ? 41  LYS A CG  1 
ATOM   322  C CG  B LYS A 1 41  ? 7.376   5.338   3.491   0.57 0.29 ? 41  LYS A CG  1 
ATOM   323  C CD  A LYS A 1 41  ? 6.107   6.267   5.241   0.43 0.22 ? 41  LYS A CD  1 
ATOM   324  C CD  B LYS A 1 41  ? 5.941   4.841   3.703   0.57 0.25 ? 41  LYS A CD  1 
ATOM   325  C CE  A LYS A 1 41  ? 5.885   5.852   6.682   0.43 0.40 ? 41  LYS A CE  1 
ATOM   326  C CE  B LYS A 1 41  ? 5.926   3.336   3.397   0.57 0.20 ? 41  LYS A CE  1 
ATOM   327  N NZ  A LYS A 1 41  ? 6.291   6.900   7.611   0.43 0.80 ? 41  LYS A NZ  1 
ATOM   328  N NZ  B LYS A 1 41  ? 4.618   2.782   3.520   0.57 0.16 ? 41  LYS A NZ  1 
ATOM   329  N N   . PRO A 1 42  ? 10.670  5.723   1.793   1.00 0.16 ? 42  PRO A N   1 
ATOM   330  C CA  . PRO A 1 42  ? 11.284  5.280   0.573   1.00 0.18 ? 42  PRO A CA  1 
ATOM   331  C C   . PRO A 1 42  ? 10.425  4.505   -0.370  1.00 0.18 ? 42  PRO A C   1 
ATOM   332  O O   . PRO A 1 42  ? 10.647  4.602   -1.602  1.00 0.17 ? 42  PRO A O   1 
ATOM   333  C CB  . PRO A 1 42  ? 12.428  4.431   1.104   1.00 0.27 ? 42  PRO A CB  1 
ATOM   334  C CG  . PRO A 1 42  ? 12.103  4.056   2.519   1.00 0.30 ? 42  PRO A CG  1 
ATOM   335  C CD  . PRO A 1 42  ? 11.098  5.044   3.021   1.00 0.26 ? 42  PRO A CD  1 
ATOM   336  N N   . VAL A 1 43  ? 9.507   3.716   0.103   1.00 0.17 ? 43  VAL A N   1 
ATOM   337  C CA  . VAL A 1 43  ? 8.647   2.898   -0.769  1.00 0.14 ? 43  VAL A CA  1 
ATOM   338  C C   . VAL A 1 43  ? 7.233   2.839   -0.199  1.00 0.16 ? 43  VAL A C   1 
ATOM   339  O O   . VAL A 1 43  ? 7.062   2.690   1.006   1.00 0.17 ? 43  VAL A O   1 
ATOM   340  C CB  . VAL A 1 43  ? 9.192   1.458   -0.823  1.00 0.22 ? 43  VAL A CB  1 
ATOM   341  C CG1 . VAL A 1 43  ? 8.204   0.544   -1.550  1.00 0.37 ? 43  VAL A CG1 1 
ATOM   342  C CG2 . VAL A 1 43  ? 10.621  1.100   -1.162  1.00 0.75 ? 43  VAL A CG2 1 
ATOM   343  N N   . ASN A 1 44  ? 6.265   2.920   -1.080  1.00 0.11 ? 44  ASN A N   1 
ATOM   344  C CA  . ASN A 1 44  ? 4.874   2.813   -0.617  1.00 0.09 ? 44  ASN A CA  1 
ATOM   345  C C   . ASN A 1 44  ? 3.990   2.361   -1.778  1.00 0.14 ? 44  ASN A C   1 
ATOM   346  O O   . ASN A 1 44  ? 4.177   2.872   -2.870  1.00 0.17 ? 44  ASN A O   1 
ATOM   347  C CB  . ASN A 1 44  ? 4.377   4.130   -0.064  1.00 0.09 ? 44  ASN A CB  1 
ATOM   348  C CG  . ASN A 1 44  ? 2.984   3.911   0.570   1.00 0.14 ? 44  ASN A CG  1 
ATOM   349  O OD1 . ASN A 1 44  ? 2.897   3.141   1.619   1.00 0.16 ? 44  ASN A OD1 1 
ATOM   350  N ND2 . ASN A 1 44  ? 1.909   4.425   0.041   1.00 0.12 ? 44  ASN A ND2 1 
ATOM   351  N N   . THR A 1 45  ? 3.099   1.435   -1.537  1.00 0.11 ? 45  THR A N   1 
ATOM   352  C CA  . THR A 1 45  ? 2.200   0.969   -2.607  1.00 0.10 ? 45  THR A CA  1 
ATOM   353  C C   . THR A 1 45  ? 0.766   1.409   -2.308  1.00 0.12 ? 45  THR A C   1 
ATOM   354  O O   . THR A 1 45  ? 0.309   1.320   -1.177  1.00 0.13 ? 45  THR A O   1 
ATOM   355  C CB  . THR A 1 45  ? 2.242   -0.553  -2.679  1.00 0.13 ? 45  THR A CB  1 
ATOM   356  O OG1 . THR A 1 45  ? 3.573   -0.991  -2.950  1.00 0.12 ? 45  THR A OG1 1 
ATOM   357  C CG2 . THR A 1 45  ? 1.353   -1.033  -3.789  1.00 0.17 ? 45  THR A CG2 1 
ATOM   358  N N   . PHE A 1 46  ? 0.074   1.870   -3.320  1.00 0.11 ? 46  PHE A N   1 
ATOM   359  C CA  . PHE A 1 46  ? -1.346  2.261   -3.207  1.00 0.09 ? 46  PHE A CA  1 
ATOM   360  C C   . PHE A 1 46  ? -2.184  1.215   -3.959  1.00 0.13 ? 46  PHE A C   1 
ATOM   361  O O   . PHE A 1 46  ? -1.736  0.825   -5.062  1.00 0.13 ? 46  PHE A O   1 
ATOM   362  C CB  . PHE A 1 46  ? -1.590  3.625   -3.846  1.00 0.09 ? 46  PHE A CB  1 
ATOM   363  C CG  . PHE A 1 46  ? -1.065  4.746   -2.967  1.00 0.08 ? 46  PHE A CG  1 
ATOM   364  C CD1 . PHE A 1 46  ? -1.770  5.180   -1.859  1.00 0.14 ? 46  PHE A CD1 1 
ATOM   365  C CD2 . PHE A 1 46  ? 0.170   5.316   -3.297  1.00 0.12 ? 46  PHE A CD2 1 
ATOM   366  C CE1 . PHE A 1 46  ? -1.242  6.198   -1.045  1.00 0.20 ? 46  PHE A CE1 1 
ATOM   367  C CE2 . PHE A 1 46  ? 0.693   6.322   -2.489  1.00 0.14 ? 46  PHE A CE2 1 
ATOM   368  C CZ  . PHE A 1 46  ? 0.004   6.775   -1.387  1.00 0.14 ? 46  PHE A CZ  1 
ATOM   369  N N   . VAL A 1 47  ? -3.283  0.777   -3.428  1.00 0.10 ? 47  VAL A N   1 
ATOM   370  C CA  . VAL A 1 47  ? -4.121  -0.249  -4.101  1.00 0.10 ? 47  VAL A CA  1 
ATOM   371  C C   . VAL A 1 47  ? -5.409  0.393   -4.583  1.00 0.12 ? 47  VAL A C   1 
ATOM   372  O O   . VAL A 1 47  ? -6.109  1.023   -3.808  1.00 0.11 ? 47  VAL A O   1 
ATOM   373  C CB  . VAL A 1 47  ? -4.427  -1.368  -3.103  1.00 0.12 ? 47  VAL A CB  1 
ATOM   374  C CG1 . VAL A 1 47  ? -5.242  -2.509  -3.742  1.00 0.15 ? 47  VAL A CG1 1 
ATOM   375  C CG2 . VAL A 1 47  ? -3.141  -1.979  -2.473  1.00 0.12 ? 47  VAL A CG2 1 
ATOM   376  N N   . HIS A 1 48  ? -5.683  0.256   -5.882  1.00 0.11 ? 48  HIS A N   1 
ATOM   377  C CA  . HIS A 1 48  ? -6.851  0.848   -6.542  1.00 0.10 ? 48  HIS A CA  1 
ATOM   378  C C   . HIS A 1 48  ? -7.994  -0.145  -6.639  1.00 0.13 ? 48  HIS A C   1 
ATOM   379  O O   . HIS A 1 48  ? -8.389  -0.547  -7.736  1.00 0.16 ? 48  HIS A O   1 
ATOM   380  C CB  . HIS A 1 48  ? -6.476  1.305   -7.965  1.00 0.09 ? 48  HIS A CB  1 
ATOM   381  C CG  . HIS A 1 48  ? -5.368  2.346   -7.918  1.00 0.10 ? 48  HIS A CG  1 
ATOM   382  N ND1 . HIS A 1 48  ? -5.558  3.698   -7.649  1.00 0.16 ? 48  HIS A ND1 1 
ATOM   383  C CD2 . HIS A 1 48  ? -4.019  2.135   -8.185  1.00 0.12 ? 48  HIS A CD2 1 
ATOM   384  C CE1 . HIS A 1 48  ? -4.301  4.314   -7.723  1.00 0.16 ? 48  HIS A CE1 1 
ATOM   385  N NE2 . HIS A 1 48  ? -3.384  3.365   -8.054  1.00 0.12 ? 48  HIS A NE2 1 
ATOM   386  N N   . GLU A 1 49  ? -8.494  -0.543  -5.514  1.00 0.13 ? 49  GLU A N   1 
ATOM   387  C CA  . GLU A 1 49  ? -9.607  -1.496  -5.431  1.00 0.10 ? 49  GLU A CA  1 
ATOM   388  C C   . GLU A 1 49  ? -10.534 -1.069  -4.297  1.00 0.11 ? 49  GLU A C   1 
ATOM   389  O O   . GLU A 1 49  ? -10.188 -0.210  -3.509  1.00 0.14 ? 49  GLU A O   1 
ATOM   390  C CB  . GLU A 1 49  ? -9.086  -2.896  -5.155  1.00 0.14 ? 49  GLU A CB  1 
ATOM   391  C CG  . GLU A 1 49  ? -8.046  -3.327  -6.144  1.00 0.16 ? 49  GLU A CG  1 
ATOM   392  C CD  . GLU A 1 49  ? -8.663  -3.719  -7.463  1.00 0.19 ? 49  GLU A CD  1 
ATOM   393  O OE1 . GLU A 1 49  ? -9.884  -3.874  -7.580  1.00 0.23 ? 49  GLU A OE1 1 
ATOM   394  O OE2 . GLU A 1 49  ? -7.937  -3.930  -8.449  1.00 0.18 ? 49  GLU A OE2 1 
ATOM   395  N N   . SER A 1 50  ? -11.696 -1.699  -4.244  1.00 0.13 ? 50  SER A N   1 
ATOM   396  C CA  . SER A 1 50  ? -12.584 -1.315  -3.122  1.00 0.14 ? 50  SER A CA  1 
ATOM   397  C C   . SER A 1 50  ? -11.957 -1.815  -1.814  1.00 0.16 ? 50  SER A C   1 
ATOM   398  O O   . SER A 1 50  ? -11.206 -2.790  -1.814  1.00 0.15 ? 50  SER A O   1 
ATOM   399  C CB  . SER A 1 50  ? -13.960 -1.928  -3.291  1.00 0.12 ? 50  SER A CB  1 
ATOM   400  O OG  . SER A 1 50  ? -13.936 -3.321  -3.087  1.00 0.21 ? 50  SER A OG  1 
ATOM   401  N N   . LEU A 1 51  ? -12.264 -1.153  -0.741  1.00 0.12 ? 51  LEU A N   1 
ATOM   402  C CA  . LEU A 1 51  ? -11.735 -1.551  0.588   1.00 0.12 ? 51  LEU A CA  1 
ATOM   403  C C   . LEU A 1 51  ? -12.233 -2.949  0.935   1.00 0.15 ? 51  LEU A C   1 
ATOM   404  O O   . LEU A 1 51  ? -11.523 -3.786  1.467   1.00 0.14 ? 51  LEU A O   1 
ATOM   405  C CB  . LEU A 1 51  ? -12.161 -0.543  1.627   1.00 0.17 ? 51  LEU A CB  1 
ATOM   406  C CG  . LEU A 1 51  ? -11.700 -0.815  3.028   1.00 0.23 ? 51  LEU A CG  1 
ATOM   407  C CD1 . LEU A 1 51  ? -10.188 -0.898  3.143   1.00 0.19 ? 51  LEU A CD1 1 
ATOM   408  C CD2 . LEU A 1 51  ? -12.273 0.218   4.028   1.00 0.23 ? 51  LEU A CD2 1 
ATOM   409  N N   . ALA A 1 52  ? -13.489 -3.261  0.583   1.00 0.14 ? 52  ALA A N   1 
ATOM   410  C CA  . ALA A 1 52  ? -13.998 -4.607  0.864   1.00 0.13 ? 52  ALA A CA  1 
ATOM   411  C C   . ALA A 1 52  ? -13.191 -5.672  0.156   1.00 0.13 ? 52  ALA A C   1 
ATOM   412  O O   . ALA A 1 52  ? -12.953 -6.745  0.730   1.00 0.17 ? 52  ALA A O   1 
ATOM   413  C CB  . ALA A 1 52  ? -15.463 -4.701  0.435   1.00 0.18 ? 52  ALA A CB  1 
ATOM   414  N N   . ASP A 1 53  ? -12.753 -5.465  -1.081  1.00 0.13 ? 53  ASP A N   1 
ATOM   415  C CA  . ASP A 1 53  ? -11.976 -6.472  -1.804  1.00 0.13 ? 53  ASP A CA  1 
ATOM   416  C C   . ASP A 1 53  ? -10.603 -6.670  -1.169  1.00 0.11 ? 53  ASP A C   1 
ATOM   417  O O   . ASP A 1 53  ? -10.071 -7.772  -1.233  1.00 0.14 ? 53  ASP A O   1 
ATOM   418  C CB  . ASP A 1 53  ? -11.775 -6.079  -3.272  1.00 0.13 ? 53  ASP A CB  1 
ATOM   419  C CG  . ASP A 1 53  ? -13.004 -6.342  -4.112  1.00 0.27 ? 53  ASP A CG  1 
ATOM   420  O OD1 . ASP A 1 53  ? -13.981 -6.926  -3.627  1.00 0.26 ? 53  ASP A OD1 1 
ATOM   421  O OD2 . ASP A 1 53  ? -13.007 -5.976  -5.299  1.00 0.27 ? 53  ASP A OD2 1 
ATOM   422  N N   . VAL A 1 54  ? -10.049 -5.604  -0.620  1.00 0.11 ? 54  VAL A N   1 
ATOM   423  C CA  . VAL A 1 54  ? -8.717  -5.715  0.015   1.00 0.13 ? 54  VAL A CA  1 
ATOM   424  C C   . VAL A 1 54  ? -8.843  -6.343  1.389   1.00 0.10 ? 54  VAL A C   1 
ATOM   425  O O   . VAL A 1 54  ? -8.048  -7.201  1.736   1.00 0.13 ? 54  VAL A O   1 
ATOM   426  C CB  . VAL A 1 54  ? -8.037  -4.360  0.068   1.00 0.13 ? 54  VAL A CB  1 
ATOM   427  C CG1 . VAL A 1 54  ? -6.715  -4.465  0.862   1.00 0.14 ? 54  VAL A CG1 1 
ATOM   428  C CG2 . VAL A 1 54  ? -7.671  -3.879  -1.403  1.00 0.13 ? 54  VAL A CG2 1 
ATOM   429  N N   . GLN A 1 55  ? -9.869  -5.977  2.150   1.00 0.11 ? 55  GLN A N   1 
ATOM   430  C CA  . GLN A 1 55  ? -10.093 -6.627  3.464   1.00 0.10 ? 55  GLN A CA  1 
ATOM   431  C C   . GLN A 1 55  ? -10.349 -8.113  3.254   1.00 0.12 ? 55  GLN A C   1 
ATOM   432  O O   . GLN A 1 55  ? -9.998  -8.955  4.070   1.00 0.16 ? 55  GLN A O   1 
ATOM   433  C CB  . GLN A 1 55  ? -11.327 -6.018  4.146   1.00 0.13 ? 55  GLN A CB  1 
ATOM   434  C CG  . GLN A 1 55  ? -11.024 -4.629  4.695   1.00 0.16 ? 55  GLN A CG  1 
ATOM   435  C CD  . GLN A 1 55  ? -12.290 -3.928  5.210   1.00 0.14 ? 55  GLN A CD  1 
ATOM   436  O OE1 . GLN A 1 55  ? -13.484 -4.261  4.716   1.00 0.26 ? 55  GLN A OE1 1 
ATOM   437  N NE2 . GLN A 1 55  ? -12.196 -2.947  6.076   1.00 0.18 ? 55  GLN A NE2 1 
ATOM   438  N N   . ALA A 1 56  ? -10.979 -8.514  2.159   1.00 0.17 ? 56  ALA A N   1 
ATOM   439  C CA  . ALA A 1 56  ? -11.255 -9.932  1.917   1.00 0.16 ? 56  ALA A CA  1 
ATOM   440  C C   . ALA A 1 56  ? -9.989  -10.734 1.736   1.00 0.13 ? 56  ALA A C   1 
ATOM   441  O O   . ALA A 1 56  ? -10.035 -11.965 1.805   1.00 0.14 ? 56  ALA A O   1 
ATOM   442  C CB  . ALA A 1 56  ? -12.163 -10.105 0.707   1.00 0.16 ? 56  ALA A CB  1 
ATOM   443  N N   . VAL A 1 57  ? -8.850  -10.099 1.473   1.00 0.13 ? 57  VAL A N   1 
ATOM   444  C CA  . VAL A 1 57  ? -7.628  -10.904 1.276   1.00 0.13 ? 57  VAL A CA  1 
ATOM   445  C C   . VAL A 1 57  ? -7.242  -11.615 2.560   1.00 0.12 ? 57  VAL A C   1 
ATOM   446  O O   . VAL A 1 57  ? -6.569  -12.645 2.487   1.00 0.13 ? 57  VAL A O   1 
ATOM   447  C CB  . VAL A 1 57  ? -6.502  -10.044 0.736   1.00 0.13 ? 57  VAL A CB  1 
ATOM   448  C CG1 . VAL A 1 57  ? -5.172  -10.798 0.603   1.00 0.12 ? 57  VAL A CG1 1 
ATOM   449  C CG2 . VAL A 1 57  ? -6.781  -9.382  -0.643  1.00 0.13 ? 57  VAL A CG2 1 
ATOM   450  N N   . CYS A 1 58  ? -7.689  -11.119 3.711   1.00 0.13 ? 58  CYS A N   1 
ATOM   451  C CA  . CYS A 1 58  ? -7.430  -11.692 5.031   1.00 0.17 ? 58  CYS A CA  1 
ATOM   452  C C   . CYS A 1 58  ? -8.057  -13.073 5.174   1.00 0.25 ? 58  CYS A C   1 
ATOM   453  O O   . CYS A 1 58  ? -7.856  -13.716 6.214   1.00 0.22 ? 58  CYS A O   1 
ATOM   454  C CB  . CYS A 1 58  ? -7.940  -10.803 6.157   1.00 0.12 ? 58  CYS A CB  1 
ATOM   455  S SG  . CYS A 1 58  ? -6.976  -9.309  6.207   1.00 0.15 ? 58  CYS A SG  1 
ATOM   456  N N   . SER A 1 59  ? -8.792  -13.508 4.193   1.00 0.16 ? 59  SER A N   1 
ATOM   457  C CA  . SER A 1 59  ? -9.428  -14.830 4.180   1.00 0.19 ? 59  SER A CA  1 
ATOM   458  C C   . SER A 1 59  ? -9.048  -15.593 2.928   1.00 0.23 ? 59  SER A C   1 
ATOM   459  O O   . SER A 1 59  ? -9.688  -16.562 2.528   1.00 0.26 ? 59  SER A O   1 
ATOM   460  C CB  . SER A 1 59  ? -10.916 -14.759 4.364   1.00 0.23 ? 59  SER A CB  1 
ATOM   461  O OG  . SER A 1 59  ? -11.567 -14.191 3.252   1.00 0.35 ? 59  SER A OG  1 
ATOM   462  N N   . GLN A 1 60  ? -7.954  -15.176 2.279   1.00 0.17 ? 60  GLN A N   1 
ATOM   463  C CA  . GLN A 1 60  ? -7.472  -15.810 1.072   1.00 0.14 ? 60  GLN A CA  1 
ATOM   464  C C   . GLN A 1 60  ? -6.281  -16.692 1.253   1.00 0.19 ? 60  GLN A C   1 
ATOM   465  O O   . GLN A 1 60  ? -6.241  -17.439 2.290   1.00 0.23 ? 60  GLN A O   1 
ATOM   466  C CB  . GLN A 1 60  ? -7.375  -14.874 -0.112  1.00 0.14 ? 60  GLN A CB  1 
ATOM   467  C CG  . GLN A 1 60  ? -8.801  -14.379 -0.467  1.00 0.16 ? 60  GLN A CG  1 
ATOM   468  C CD  . GLN A 1 60  ? -8.844  -13.238 -1.447  1.00 0.15 ? 60  GLN A CD  1 
ATOM   469  O OE1 . GLN A 1 60  ? -7.854  -12.953 -2.249  1.00 0.19 ? 60  GLN A OE1 1 
ATOM   470  N NE2 . GLN A 1 60  ? -9.967  -12.491 -1.568  1.00 0.23 ? 60  GLN A NE2 1 
ATOM   471  N N   . LYS A 1 61  ? -5.273  -16.788 0.436   1.00 0.18 ? 61  LYS A N   1 
ATOM   472  C CA  . LYS A 1 61  ? -4.142  -17.705 0.593   1.00 0.19 ? 61  LYS A CA  1 
ATOM   473  C C   . LYS A 1 61  ? -3.197  -17.313 1.693   1.00 0.20 ? 61  LYS A C   1 
ATOM   474  O O   . LYS A 1 61  ? -2.501  -16.305 1.603   1.00 0.20 ? 61  LYS A O   1 
ATOM   475  C CB  . LYS A 1 61  ? -3.408  -17.854 -0.731  1.00 0.22 ? 61  LYS A CB  1 
ATOM   476  C CG  . LYS A 1 61  ? -2.180  -18.651 -0.692  1.00 0.36 ? 61  LYS A CG  1 
ATOM   477  C CD  . LYS A 1 61  ? -2.389  -20.151 -0.647  1.00 0.78 ? 61  LYS A CD  1 
ATOM   478  C CE  . LYS A 1 61  ? -1.202  -20.820 -1.370  1.00 0.77 ? 61  LYS A CE  1 
ATOM   479  N NZ  . LYS A 1 61  ? -0.780  -19.900 -2.471  1.00 0.79 ? 61  LYS A NZ  1 
ATOM   480  N N   . ASN A 1 62  ? -3.107  -18.117 2.750   1.00 0.17 ? 62  ASN A N   1 
ATOM   481  C CA  . ASN A 1 62  ? -2.160  -17.821 3.848   1.00 0.19 ? 62  ASN A CA  1 
ATOM   482  C C   . ASN A 1 62  ? -0.732  -18.075 3.381   1.00 0.22 ? 62  ASN A C   1 
ATOM   483  O O   . ASN A 1 62  ? -0.441  -19.054 2.665   1.00 0.26 ? 62  ASN A O   1 
ATOM   484  C CB  . ASN A 1 62  ? -2.476  -18.708 5.055   1.00 0.21 ? 62  ASN A CB  1 
ATOM   485  C CG  . ASN A 1 62  ? -1.566  -18.396 6.238   1.00 0.32 ? 62  ASN A CG  1 
ATOM   486  O OD1 . ASN A 1 62  ? -0.715  -19.320 6.671   1.00 0.44 ? 62  ASN A OD1 1 
ATOM   487  N ND2 . ASN A 1 62  ? -1.587  -17.212 6.824   1.00 0.22 ? 62  ASN A ND2 1 
ATOM   488  N N   . VAL A 1 63  ? 0.181   -17.199 3.729   1.00 0.16 ? 63  VAL A N   1 
ATOM   489  C CA  . VAL A 1 63  ? 1.598   -17.332 3.334   1.00 0.17 ? 63  VAL A CA  1 
ATOM   490  C C   . VAL A 1 63  ? 2.485   -16.655 4.364   1.00 0.18 ? 63  VAL A C   1 
ATOM   491  O O   . VAL A 1 63  ? 2.056   -15.732 5.069   1.00 0.23 ? 63  VAL A O   1 
ATOM   492  C CB  . VAL A 1 63  ? 1.819   -16.679 1.966   1.00 0.22 ? 63  VAL A CB  1 
ATOM   493  C CG1 . VAL A 1 63  ? 0.984   -17.414 0.917   1.00 0.38 ? 63  VAL A CG1 1 
ATOM   494  C CG2 . VAL A 1 63  ? 1.651   -15.169 1.805   1.00 0.18 ? 63  VAL A CG2 1 
ATOM   495  N N   . ALA A 1 64  ? 3.721   -17.115 4.508   1.00 0.15 ? 64  ALA A N   1 
ATOM   496  C CA  . ALA A 1 64  ? 4.536   -16.403 5.519   1.00 0.13 ? 64  ALA A CA  1 
ATOM   497  C C   . ALA A 1 64  ? 4.918   -15.029 4.993   1.00 0.14 ? 64  ALA A C   1 
ATOM   498  O O   . ALA A 1 64  ? 5.192   -14.865 3.803   1.00 0.17 ? 64  ALA A O   1 
ATOM   499  C CB  . ALA A 1 64  ? 5.789   -17.209 5.824   1.00 0.11 ? 64  ALA A CB  1 
ATOM   500  N N   . CYS A 1 65  ? 4.930   -14.042 5.852   1.00 0.11 ? 65  CYS A N   1 
ATOM   501  C CA  . CYS A 1 65  ? 5.344   -12.680 5.456   1.00 0.11 ? 65  CYS A CA  1 
ATOM   502  C C   . CYS A 1 65  ? 6.855   -12.691 5.174   1.00 0.14 ? 65  CYS A C   1 
ATOM   503  O O   . CYS A 1 65  ? 7.532   -13.655 5.522   1.00 0.14 ? 65  CYS A O   1 
ATOM   504  C CB  . CYS A 1 65  ? 5.120   -11.716 6.638   1.00 0.11 ? 65  CYS A CB  1 
ATOM   505  S SG  . CYS A 1 65  ? 3.462   -11.724 7.283   1.00 0.17 ? 65  CYS A SG  1 
ATOM   506  N N   . LYS A 1 66  ? 7.385   -11.640 4.568   1.00 0.12 ? 66  LYS A N   1 
ATOM   507  C CA  . LYS A 1 66  ? 8.832   -11.625 4.297   1.00 0.15 ? 66  LYS A CA  1 
ATOM   508  C C   . LYS A 1 66  ? 9.605   -11.802 5.606   1.00 0.18 ? 66  LYS A C   1 
ATOM   509  O O   . LYS A 1 66  ? 10.628  -12.502 5.585   1.00 0.21 ? 66  LYS A O   1 
ATOM   510  C CB  . LYS A 1 66  ? 9.229   -10.294 3.673   1.00 0.18 ? 66  LYS A CB  1 
ATOM   511  C CG  . LYS A 1 66  ? 8.800   -10.120 2.256   1.00 0.44 ? 66  LYS A CG  1 
ATOM   512  C CD  . LYS A 1 66  ? 9.284   -8.754  1.749   1.00 0.79 ? 66  LYS A CD  1 
ATOM   513  C CE  . LYS A 1 66  ? 9.089   -8.624  0.258   1.00 0.79 ? 66  LYS A CE  1 
ATOM   514  N NZ  . LYS A 1 66  ? 8.900   -7.190  -0.098  1.00 0.79 ? 66  LYS A NZ  1 
ATOM   515  N N   . ASN A 1 67  ? 9.174   -11.196 6.718   1.00 0.14 ? 67  ASN A N   1 
ATOM   516  C CA  . ASN A 1 67  ? 9.894   -11.290 7.988   1.00 0.16 ? 67  ASN A CA  1 
ATOM   517  C C   . ASN A 1 67  ? 9.623   -12.554 8.744   1.00 0.19 ? 67  ASN A C   1 
ATOM   518  O O   . ASN A 1 67  ? 10.103  -12.752 9.863   1.00 0.20 ? 67  ASN A O   1 
ATOM   519  C CB  A ASN A 1 67  ? 9.765   -10.053 8.832   0.75 0.11 ? 67  ASN A CB  1 
ATOM   520  C CB  B ASN A 1 67  ? 9.298   -10.179 8.913   0.25 0.28 ? 67  ASN A CB  1 
ATOM   521  C CG  A ASN A 1 67  ? 10.507  -8.830  8.306   0.75 0.24 ? 67  ASN A CG  1 
ATOM   522  C CG  B ASN A 1 67  ? 7.989   -10.152 9.699   0.25 0.21 ? 67  ASN A CG  1 
ATOM   523  O OD1 A ASN A 1 67  ? 11.719  -8.925  7.778   0.75 0.50 ? 67  ASN A OD1 1 
ATOM   524  O OD1 B ASN A 1 67  ? 7.094   -11.010 9.335   0.25 0.15 ? 67  ASN A OD1 1 
ATOM   525  N ND2 A ASN A 1 67  ? 9.972   -7.616  8.422   0.75 0.80 ? 67  ASN A ND2 1 
ATOM   526  N ND2 B ASN A 1 67  ? 7.924   -9.442  10.795  0.25 0.19 ? 67  ASN A ND2 1 
ATOM   527  N N   . GLY A 1 68  ? 8.856   -13.512 8.204   1.00 0.13 ? 68  GLY A N   1 
ATOM   528  C CA  . GLY A 1 68  ? 8.604   -14.775 8.866   1.00 0.14 ? 68  GLY A CA  1 
ATOM   529  C C   . GLY A 1 68  ? 7.298   -14.938 9.553   1.00 0.11 ? 68  GLY A C   1 
ATOM   530  O O   . GLY A 1 68  ? 6.880   -16.096 9.809   1.00 0.15 ? 68  GLY A O   1 
ATOM   531  N N   . GLN A 1 69  ? 6.614   -13.887 9.885   1.00 0.11 ? 69  GLN A N   1 
ATOM   532  C CA  . GLN A 1 69  ? 5.301   -14.024 10.557  1.00 0.12 ? 69  GLN A CA  1 
ATOM   533  C C   . GLN A 1 69  ? 4.348   -14.822 9.688   1.00 0.16 ? 69  GLN A C   1 
ATOM   534  O O   . GLN A 1 69  ? 4.435   -14.828 8.456   1.00 0.15 ? 69  GLN A O   1 
ATOM   535  C CB  . GLN A 1 69  ? 4.714   -12.645 10.846  1.00 0.13 ? 69  GLN A CB  1 
ATOM   536  C CG  A GLN A 1 69  ? 5.549   -11.908 11.878  0.77 0.14 ? 69  GLN A CG  1 
ATOM   537  C CG  B GLN A 1 69  ? 5.489   -11.814 11.859  0.23 0.13 ? 69  GLN A CG  1 
ATOM   538  C CD  A GLN A 1 69  ? 6.555   -10.959 11.256  0.77 0.25 ? 69  GLN A CD  1 
ATOM   539  C CD  B GLN A 1 69  ? 4.834   -10.480 12.081  0.23 0.10 ? 69  GLN A CD  1 
ATOM   540  O OE1 A GLN A 1 69  ? 6.971   -11.146 10.010  0.77 0.21 ? 69  GLN A OE1 1 
ATOM   541  O OE1 B GLN A 1 69  ? 3.571   -10.364 11.688  0.23 0.14 ? 69  GLN A OE1 1 
ATOM   542  N NE2 A GLN A 1 69  ? 7.039   -9.933  11.969  0.77 0.20 ? 69  GLN A NE2 1 
ATOM   543  N NE2 B GLN A 1 69  ? 5.521   -9.537  12.593  0.23 0.09 ? 69  GLN A NE2 1 
ATOM   544  N N   . THR A 1 70  ? 3.404   -15.531 10.305  1.00 0.13 ? 70  THR A N   1 
ATOM   545  C CA  . THR A 1 70  ? 2.474   -16.343 9.533   1.00 0.12 ? 70  THR A CA  1 
ATOM   546  C C   . THR A 1 70  ? 1.107   -15.739 9.405   1.00 0.12 ? 70  THR A C   1 
ATOM   547  O O   . THR A 1 70  ? 0.178   -16.476 9.009   1.00 0.19 ? 70  THR A O   1 
ATOM   548  C CB  . THR A 1 70  ? 2.402   -17.755 10.091  1.00 0.16 ? 70  THR A CB  1 
ATOM   549  O OG1 . THR A 1 70  ? 2.227   -17.703 11.509  1.00 0.16 ? 70  THR A OG1 1 
ATOM   550  C CG2 . THR A 1 70  ? 3.678   -18.479 9.779   1.00 0.19 ? 70  THR A CG2 1 
ATOM   551  N N   . ASN A 1 71  ? 0.923   -14.470 9.691   1.00 0.13 ? 71  ASN A N   1 
ATOM   552  C CA  . ASN A 1 71  ? -0.381  -13.824 9.536   1.00 0.16 ? 71  ASN A CA  1 
ATOM   553  C C   . ASN A 1 71  ? -0.462  -13.038 8.235   1.00 0.11 ? 71  ASN A C   1 
ATOM   554  O O   . ASN A 1 71  ? -1.154  -12.044 8.149   1.00 0.14 ? 71  ASN A O   1 
ATOM   555  C CB  . ASN A 1 71  ? -0.755  -12.978 10.723  1.00 0.12 ? 71  ASN A CB  1 
ATOM   556  C CG  . ASN A 1 71  ? 0.146   -11.791 10.930  1.00 0.12 ? 71  ASN A CG  1 
ATOM   557  O OD1 . ASN A 1 71  ? 1.423   -11.922 10.668  1.00 0.17 ? 71  ASN A OD1 1 
ATOM   558  N ND2 . ASN A 1 71  ? -0.321  -10.627 11.361  1.00 0.14 ? 71  ASN A ND2 1 
ATOM   559  N N   . CYS A 1 72  ? 0.251   -13.497 7.202   1.00 0.10 ? 72  CYS A N   1 
ATOM   560  C CA  . CYS A 1 72  ? 0.237   -12.847 5.896   1.00 0.11 ? 72  CYS A CA  1 
ATOM   561  C C   . CYS A 1 72  ? -0.692  -13.580 4.940   1.00 0.16 ? 72  CYS A C   1 
ATOM   562  O O   . CYS A 1 72  ? -0.906  -14.808 5.102   1.00 0.14 ? 72  CYS A O   1 
ATOM   563  C CB  . CYS A 1 72  ? 1.627   -12.719 5.290   1.00 0.13 ? 72  CYS A CB  1 
ATOM   564  S SG  . CYS A 1 72  ? 2.373   -11.097 5.745   1.00 0.15 ? 72  CYS A SG  1 
ATOM   565  N N   . TYR A 1 73  ? -1.261  -12.882 3.984   1.00 0.13 ? 73  TYR A N   1 
ATOM   566  C CA  . TYR A 1 73  ? -2.188  -13.490 3.013   1.00 0.14 ? 73  TYR A CA  1 
ATOM   567  C C   . TYR A 1 73  ? -1.940  -12.884 1.627   1.00 0.14 ? 73  TYR A C   1 
ATOM   568  O O   . TYR A 1 73  ? -1.721  -11.687 1.538   1.00 0.14 ? 73  TYR A O   1 
ATOM   569  C CB  . TYR A 1 73  ? -3.638  -13.208 3.415   1.00 0.14 ? 73  TYR A CB  1 
ATOM   570  C CG  . TYR A 1 73  ? -3.984  -13.883 4.734   1.00 0.14 ? 73  TYR A CG  1 
ATOM   571  C CD1 . TYR A 1 73  ? -3.734  -13.210 5.926   1.00 0.13 ? 73  TYR A CD1 1 
ATOM   572  C CD2 . TYR A 1 73  ? -4.523  -15.170 4.761   1.00 0.18 ? 73  TYR A CD2 1 
ATOM   573  C CE1 . TYR A 1 73  ? -3.960  -13.842 7.147   1.00 0.20 ? 73  TYR A CE1 1 
ATOM   574  C CE2 . TYR A 1 73  ? -4.752  -15.803 5.994   1.00 0.21 ? 73  TYR A CE2 1 
ATOM   575  C CZ  . TYR A 1 73  ? -4.459  -15.137 7.181   1.00 0.22 ? 73  TYR A CZ  1 
ATOM   576  O OH  . TYR A 1 73  ? -4.716  -15.727 8.404   1.00 0.31 ? 73  TYR A OH  1 
ATOM   577  N N   . GLN A 1 74  ? -1.996  -13.719 0.626   1.00 0.14 ? 74  GLN A N   1 
ATOM   578  C CA  . GLN A 1 74  ? -1.809  -13.332 -0.785  1.00 0.14 ? 74  GLN A CA  1 
ATOM   579  C C   . GLN A 1 74  ? -3.151  -13.320 -1.504  1.00 0.13 ? 74  GLN A C   1 
ATOM   580  O O   . GLN A 1 74  ? -3.923  -14.283 -1.378  1.00 0.17 ? 74  GLN A O   1 
ATOM   581  C CB  . GLN A 1 74  ? -0.875  -14.322 -1.492  1.00 0.19 ? 74  GLN A CB  1 
ATOM   582  C CG  . GLN A 1 74  ? -0.600  -13.935 -2.927  1.00 0.17 ? 74  GLN A CG  1 
ATOM   583  C CD  . GLN A 1 74  ? 0.092   -15.086 -3.683  1.00 0.28 ? 74  GLN A CD  1 
ATOM   584  O OE1 . GLN A 1 74  ? 1.286   -15.507 -3.312  1.00 0.69 ? 74  GLN A OE1 1 
ATOM   585  N NE2 . GLN A 1 74  ? -0.579  -15.733 -4.633  1.00 0.79 ? 74  GLN A NE2 1 
ATOM   586  N N   . SER A 1 75  ? -3.460  -12.263 -2.227  1.00 0.14 ? 75  SER A N   1 
ATOM   587  C CA  . SER A 1 75  ? -4.735  -12.203 -2.958  1.00 0.12 ? 75  SER A CA  1 
ATOM   588  C C   . SER A 1 75  ? -4.768  -13.273 -4.038  1.00 0.13 ? 75  SER A C   1 
ATOM   589  O O   . SER A 1 75  ? -3.782  -13.543 -4.710  1.00 0.16 ? 75  SER A O   1 
ATOM   590  C CB  . SER A 1 75  ? -4.969  -10.841 -3.559  1.00 0.15 ? 75  SER A CB  1 
ATOM   591  O OG  . SER A 1 75  ? -3.955  -10.495 -4.499  1.00 0.14 ? 75  SER A OG  1 
ATOM   592  N N   . TYR A 1 76  ? -5.933  -13.895 -4.230  1.00 0.19 ? 76  TYR A N   1 
ATOM   593  C CA  . TYR A 1 76  ? -6.052  -14.932 -5.287  1.00 0.20 ? 76  TYR A CA  1 
ATOM   594  C C   . TYR A 1 76  ? -5.929  -14.247 -6.658  1.00 0.22 ? 76  TYR A C   1 
ATOM   595  O O   . TYR A 1 76  ? -5.359  -14.766 -7.573  1.00 0.31 ? 76  TYR A O   1 
ATOM   596  C CB  . TYR A 1 76  ? -7.456  -15.548 -5.224  1.00 0.21 ? 76  TYR A CB  1 
ATOM   597  C CG  . TYR A 1 76  ? -7.616  -16.484 -4.045  1.00 0.41 ? 76  TYR A CG  1 
ATOM   598  C CD1 . TYR A 1 76  ? -6.625  -17.414 -3.751  1.00 0.29 ? 76  TYR A CD1 1 
ATOM   599  C CD2 . TYR A 1 76  ? -8.786  -16.440 -3.283  1.00 0.59 ? 76  TYR A CD2 1 
ATOM   600  C CE1 . TYR A 1 76  ? -6.805  -18.282 -2.671  1.00 0.32 ? 76  TYR A CE1 1 
ATOM   601  C CE2 . TYR A 1 76  ? -8.959  -17.314 -2.209  1.00 0.37 ? 76  TYR A CE2 1 
ATOM   602  C CZ  . TYR A 1 76  ? -7.955  -18.229 -1.902  1.00 0.38 ? 76  TYR A CZ  1 
ATOM   603  O OH  . TYR A 1 76  ? -8.128  -19.101 -0.828  1.00 0.74 ? 76  TYR A OH  1 
ATOM   604  N N   . SER A 1 77  ? -6.527  -13.055 -6.719  1.00 0.20 ? 77  SER A N   1 
ATOM   605  C CA  . SER A 1 77  ? -6.529  -12.302 -7.971  1.00 0.23 ? 77  SER A CA  1 
ATOM   606  C C   . SER A 1 77  ? -5.551  -11.155 -7.980  1.00 0.23 ? 77  SER A C   1 
ATOM   607  O O   . SER A 1 77  ? -5.071  -10.646 -6.990  1.00 0.20 ? 77  SER A O   1 
ATOM   608  C CB  . SER A 1 77  ? -7.924  -11.827 -8.323  1.00 0.27 ? 77  SER A CB  1 
ATOM   609  O OG  . SER A 1 77  ? -8.545  -11.135 -7.243  1.00 0.79 ? 77  SER A OG  1 
ATOM   610  N N   . THR A 1 78  ? -5.235  -10.717 -9.235  1.00 0.19 ? 78  THR A N   1 
ATOM   611  C CA  . THR A 1 78  ? -4.336  -9.554  -9.338  1.00 0.17 ? 78  THR A CA  1 
ATOM   612  C C   . THR A 1 78  ? -5.160  -8.293  -9.046  1.00 0.19 ? 78  THR A C   1 
ATOM   613  O O   . THR A 1 78  ? -6.406  -8.326  -9.149  1.00 0.19 ? 78  THR A O   1 
ATOM   614  C CB  . THR A 1 78  ? -3.670  -9.459  -10.675 1.00 0.20 ? 78  THR A CB  1 
ATOM   615  O OG1 . THR A 1 78  ? -4.572  -9.117  -11.709 1.00 0.31 ? 78  THR A OG1 1 
ATOM   616  C CG2 . THR A 1 78  ? -2.936  -10.706 -11.033 1.00 0.20 ? 78  THR A CG2 1 
ATOM   617  N N   . MET A 1 79  ? -4.525  -7.238  -8.657  1.00 0.15 ? 79  MET A N   1 
ATOM   618  C CA  . MET A 1 79  ? -5.211  -5.986  -8.328  1.00 0.14 ? 79  MET A CA  1 
ATOM   619  C C   . MET A 1 79  ? -4.468  -4.813  -8.972  1.00 0.14 ? 79  MET A C   1 
ATOM   620  O O   . MET A 1 79  ? -3.281  -4.963  -9.266  1.00 0.15 ? 79  MET A O   1 
ATOM   621  C CB  . MET A 1 79  ? -5.213  -5.779  -6.809  1.00 0.14 ? 79  MET A CB  1 
ATOM   622  C CG  . MET A 1 79  ? -6.095  -6.831  -6.149  1.00 0.14 ? 79  MET A CG  1 
ATOM   623  S SD  . MET A 1 79  ? -6.302  -6.449  -4.403  1.00 0.20 ? 79  MET A SD  1 
ATOM   624  C CE  . MET A 1 79  ? -7.759  -7.430  -3.886  1.00 0.23 ? 79  MET A CE  1 
ATOM   625  N N   . SER A 1 80  ? -5.152  -3.735  -9.165  1.00 0.12 ? 80  SER A N   1 
ATOM   626  C CA  . SER A 1 80  ? -4.491  -2.544  -9.739  1.00 0.14 ? 80  SER A CA  1 
ATOM   627  C C   . SER A 1 80  ? -3.707  -1.845  -8.619  1.00 0.16 ? 80  SER A C   1 
ATOM   628  O O   . SER A 1 80  ? -4.313  -1.453  -7.618  1.00 0.15 ? 80  SER A O   1 
ATOM   629  C CB  . SER A 1 80  ? -5.536  -1.589  -10.287 1.00 0.13 ? 80  SER A CB  1 
ATOM   630  O OG  . SER A 1 80  ? -4.912  -0.391  -10.676 1.00 0.16 ? 80  SER A OG  1 
ATOM   631  N N   . ILE A 1 81  ? -2.402  -1.729  -8.793  1.00 0.13 ? 81  ILE A N   1 
ATOM   632  C CA  . ILE A 1 81  ? -1.592  -1.065  -7.758  1.00 0.14 ? 81  ILE A CA  1 
ATOM   633  C C   . ILE A 1 81  ? -0.670  -0.013  -8.370  1.00 0.14 ? 81  ILE A C   1 
ATOM   634  O O   . ILE A 1 81  ? -0.326  -0.064  -9.538  1.00 0.15 ? 81  ILE A O   1 
ATOM   635  C CB  . ILE A 1 81  ? -0.727  -2.100  -7.035  1.00 0.15 ? 81  ILE A CB  1 
ATOM   636  C CG1 . ILE A 1 81  ? 0.202   -2.806  -8.004  1.00 0.13 ? 81  ILE A CG1 1 
ATOM   637  C CG2 . ILE A 1 81  ? -1.567  -3.083  -6.245  1.00 0.15 ? 81  ILE A CG2 1 
ATOM   638  C CD1 . ILE A 1 81  ? 1.456   -3.370  -7.357  1.00 0.26 ? 81  ILE A CD1 1 
ATOM   639  N N   . THR A 1 82  ? -0.267  0.937   -7.545  1.00 0.12 ? 82  THR A N   1 
ATOM   640  C CA  . THR A 1 82  ? 0.714   1.955   -7.902  1.00 0.14 ? 82  THR A CA  1 
ATOM   641  C C   . THR A 1 82  ? 1.875   1.854   -6.881  1.00 0.15 ? 82  THR A C   1 
ATOM   642  O O   . THR A 1 82  ? 1.662   1.959   -5.690  1.00 0.12 ? 82  THR A O   1 
ATOM   643  C CB  . THR A 1 82  ? 0.193   3.350   -7.952  1.00 0.13 ? 82  THR A CB  1 
ATOM   644  O OG1 . THR A 1 82  ? -0.919  3.474   -8.844  1.00 0.14 ? 82  THR A OG1 1 
ATOM   645  C CG2 . THR A 1 82  ? 1.271   4.294   -8.442  1.00 0.12 ? 82  THR A CG2 1 
ATOM   646  N N   . ASP A 1 83  ? 3.007   1.582   -7.439  1.00 0.13 ? 83  ASP A N   1 
ATOM   647  C CA  . ASP A 1 83  ? 4.245   1.434   -6.631  1.00 0.12 ? 83  ASP A CA  1 
ATOM   648  C C   . ASP A 1 83  ? 4.970   2.770   -6.617  1.00 0.11 ? 83  ASP A C   1 
ATOM   649  O O   . ASP A 1 83  ? 5.163   3.297   -7.716  1.00 0.14 ? 83  ASP A O   1 
ATOM   650  C CB  . ASP A 1 83  ? 5.114   0.354   -7.266  1.00 0.16 ? 83  ASP A CB  1 
ATOM   651  C CG  . ASP A 1 83  ? 6.355   0.020   -6.490  1.00 0.29 ? 83  ASP A CG  1 
ATOM   652  O OD1 . ASP A 1 83  ? 7.377   0.708   -6.737  1.00 0.31 ? 83  ASP A OD1 1 
ATOM   653  O OD2 . ASP A 1 83  ? 6.407   -0.946  -5.731  1.00 0.29 ? 83  ASP A OD2 1 
ATOM   654  N N   . CYS A 1 84  ? 5.271   3.337   -5.501  1.00 0.10 ? 84  CYS A N   1 
ATOM   655  C CA  . CYS A 1 84  ? 5.955   4.634   -5.368  1.00 0.12 ? 84  CYS A CA  1 
ATOM   656  C C   . CYS A 1 84  ? 7.349   4.411   -4.778  1.00 0.18 ? 84  CYS A C   1 
ATOM   657  O O   . CYS A 1 84  ? 7.390   3.836   -3.671  1.00 0.16 ? 84  CYS A O   1 
ATOM   658  C CB  . CYS A 1 84  ? 5.176   5.557   -4.414  1.00 0.12 ? 84  CYS A CB  1 
ATOM   659  S SG  . CYS A 1 84  ? 3.501   5.931   -5.025  1.00 0.14 ? 84  CYS A SG  1 
ATOM   660  N N   . ARG A 1 85  ? 8.381   4.809   -5.449  1.00 0.16 ? 85  ARG A N   1 
ATOM   661  C CA  . ARG A 1 85  ? 9.773   4.644   -4.988  1.00 0.13 ? 85  ARG A CA  1 
ATOM   662  C C   . ARG A 1 85  ? 10.515  5.968   -5.063  1.00 0.14 ? 85  ARG A C   1 
ATOM   663  O O   . ARG A 1 85  ? 10.462  6.656   -6.062  1.00 0.15 ? 85  ARG A O   1 
ATOM   664  C CB  . ARG A 1 85  ? 10.497  3.614   -5.860  1.00 0.19 ? 85  ARG A CB  1 
ATOM   665  C CG  . ARG A 1 85  ? 10.321  2.241   -5.263  1.00 0.43 ? 85  ARG A CG  1 
ATOM   666  C CD  . ARG A 1 85  ? 10.623  1.109   -6.236  1.00 0.31 ? 85  ARG A CD  1 
ATOM   667  N NE  . ARG A 1 85  ? 9.750   -0.024  -5.904  1.00 0.64 ? 85  ARG A NE  1 
ATOM   668  C CZ  . ARG A 1 85  ? 10.021  -0.924  -4.958  1.00 0.43 ? 85  ARG A CZ  1 
ATOM   669  N NH1 . ARG A 1 85  ? 11.162  -0.931  -4.275  1.00 0.79 ? 85  ARG A NH1 1 
ATOM   670  N NH2 . ARG A 1 85  ? 9.123   -1.902  -4.710  1.00 0.36 ? 85  ARG A NH2 1 
ATOM   671  N N   . GLU A 1 86  ? 11.213  6.295   -3.998  1.00 0.14 ? 86  GLU A N   1 
ATOM   672  C CA  . GLU A 1 86  ? 11.974  7.544   -3.907  1.00 0.12 ? 86  GLU A CA  1 
ATOM   673  C C   . GLU A 1 86  ? 13.014  7.634   -5.007  1.00 0.18 ? 86  GLU A C   1 
ATOM   674  O O   . GLU A 1 86  ? 13.697  6.655   -5.326  1.00 0.20 ? 86  GLU A O   1 
ATOM   675  C CB  . GLU A 1 86  ? 12.659  7.607   -2.538  1.00 0.18 ? 86  GLU A CB  1 
ATOM   676  C CG  . GLU A 1 86  ? 13.067  9.012   -2.210  1.00 0.24 ? 86  GLU A CG  1 
ATOM   677  C CD  . GLU A 1 86  ? 13.651  9.041   -0.770  1.00 0.14 ? 86  GLU A CD  1 
ATOM   678  O OE1 . GLU A 1 86  ? 13.980  7.979   -0.243  1.00 0.20 ? 86  GLU A OE1 1 
ATOM   679  O OE2 . GLU A 1 86  ? 13.663  10.122  -0.214  1.00 0.16 ? 86  GLU A OE2 1 
ATOM   680  N N   . THR A 1 87  ? 13.164  8.807   -5.603  1.00 0.14 ? 87  THR A N   1 
ATOM   681  C CA  . THR A 1 87  ? 14.168  8.985   -6.664  1.00 0.16 ? 87  THR A CA  1 
ATOM   682  C C   . THR A 1 87  ? 15.436  9.609   -6.079  1.00 0.17 ? 87  THR A C   1 
ATOM   683  O O   . THR A 1 87  ? 15.444  10.092  -4.975  1.00 0.16 ? 87  THR A O   1 
ATOM   684  C CB  . THR A 1 87  ? 13.634  9.915   -7.749  1.00 0.18 ? 87  THR A CB  1 
ATOM   685  O OG1 . THR A 1 87  ? 13.504  11.241  -7.237  1.00 0.20 ? 87  THR A OG1 1 
ATOM   686  C CG2 . THR A 1 87  ? 12.308  9.436   -8.236  1.00 0.28 ? 87  THR A CG2 1 
ATOM   687  N N   . GLY A 1 88  ? 16.472  9.590   -6.917  1.00 0.20 ? 88  GLY A N   1 
ATOM   688  C CA  . GLY A 1 88  ? 17.773  10.131  -6.576  1.00 0.16 ? 88  GLY A CA  1 
ATOM   689  C C   . GLY A 1 88  ? 17.703  11.590  -6.240  1.00 0.17 ? 88  GLY A C   1 
ATOM   690  O O   . GLY A 1 88  ? 18.538  12.129  -5.525  1.00 0.24 ? 88  GLY A O   1 
ATOM   691  N N   . SER A 1 89  ? 16.692  12.303  -6.746  1.00 0.13 ? 89  SER A N   1 
ATOM   692  C CA  . SER A 1 89  ? 16.589  13.731  -6.452  1.00 0.16 ? 89  SER A CA  1 
ATOM   693  C C   . SER A 1 89  ? 15.738  14.007  -5.231  1.00 0.19 ? 89  SER A C   1 
ATOM   694  O O   . SER A 1 89  ? 15.554  15.201  -4.910  1.00 0.23 ? 89  SER A O   1 
ATOM   695  C CB  . SER A 1 89  ? 16.009  14.481  -7.648  1.00 0.21 ? 89  SER A CB  1 
ATOM   696  O OG  . SER A 1 89  ? 17.023  14.565  -8.644  1.00 0.31 ? 89  SER A OG  1 
ATOM   697  N N   . SER A 1 90  ? 15.211  13.007  -4.591  1.00 0.18 ? 90  SER A N   1 
ATOM   698  C CA  . SER A 1 90  ? 14.352  13.211  -3.403  1.00 0.15 ? 90  SER A CA  1 
ATOM   699  C C   . SER A 1 90  ? 15.158  13.848  -2.280  1.00 0.15 ? 90  SER A C   1 
ATOM   700  O O   . SER A 1 90  ? 16.228  13.342  -1.951  1.00 0.22 ? 90  SER A O   1 
ATOM   701  C CB  . SER A 1 90  ? 13.765  11.887  -2.964  1.00 0.15 ? 90  SER A CB  1 
ATOM   702  O OG  . SER A 1 90  ? 12.807  12.130  -1.945  1.00 0.18 ? 90  SER A OG  1 
ATOM   703  N N   . LYS A 1 91  ? 14.703  14.920  -1.700  1.00 0.16 ? 91  LYS A N   1 
ATOM   704  C CA  . LYS A 1 91  ? 15.444  15.600  -0.601  1.00 0.21 ? 91  LYS A CA  1 
ATOM   705  C C   . LYS A 1 91  ? 14.448  16.219  0.370   1.00 0.16 ? 91  LYS A C   1 
ATOM   706  O O   . LYS A 1 91  ? 13.803  17.209  0.022   1.00 0.17 ? 91  LYS A O   1 
ATOM   707  C CB  . LYS A 1 91  ? 16.306  16.695  -1.219  1.00 0.32 ? 91  LYS A CB  1 
ATOM   708  C CG  . LYS A 1 91  ? 17.279  17.312  -0.262  1.00 0.79 ? 91  LYS A CG  1 
ATOM   709  C CD  . LYS A 1 91  ? 17.628  18.734  -0.735  1.00 0.79 ? 91  LYS A CD  1 
ATOM   710  C CE  . LYS A 1 91  ? 18.612  19.361  0.239   1.00 0.77 ? 91  LYS A CE  1 
ATOM   711  N NZ  . LYS A 1 91  ? 19.384  18.294  0.914   1.00 0.79 ? 91  LYS A NZ  1 
ATOM   712  N N   . TYR A 1 92  ? 14.303  15.653  1.552   1.00 0.16 ? 92  TYR A N   1 
ATOM   713  C CA  . TYR A 1 92  ? 13.351  16.144  2.561   1.00 0.16 ? 92  TYR A CA  1 
ATOM   714  C C   . TYR A 1 92  ? 13.448  17.638  2.741   1.00 0.18 ? 92  TYR A C   1 
ATOM   715  O O   . TYR A 1 92  ? 14.572  18.167  2.795   1.00 0.20 ? 92  TYR A O   1 
ATOM   716  C CB  . TYR A 1 92  ? 13.532  15.408  3.871   1.00 0.15 ? 92  TYR A CB  1 
ATOM   717  C CG  . TYR A 1 92  ? 12.493  15.821  4.892   1.00 0.17 ? 92  TYR A CG  1 
ATOM   718  C CD1 . TYR A 1 92  ? 12.759  16.906  5.733   1.00 0.13 ? 92  TYR A CD1 1 
ATOM   719  C CD2 . TYR A 1 92  ? 11.277  15.158  4.982   1.00 0.13 ? 92  TYR A CD2 1 
ATOM   720  C CE1 . TYR A 1 92  ? 11.813  17.305  6.646   1.00 0.13 ? 92  TYR A CE1 1 
ATOM   721  C CE2 . TYR A 1 92  ? 10.333  15.557  5.896   1.00 0.13 ? 92  TYR A CE2 1 
ATOM   722  C CZ  . TYR A 1 92  ? 10.613  16.612  6.756   1.00 0.15 ? 92  TYR A CZ  1 
ATOM   723  O OH  . TYR A 1 92  ? 9.691   16.991  7.706   1.00 0.20 ? 92  TYR A OH  1 
ATOM   724  N N   . PRO A 1 93  ? 12.370  18.386  2.814   1.00 0.22 ? 93  PRO A N   1 
ATOM   725  C CA  . PRO A 1 93  ? 10.974  17.982  2.790   1.00 0.17 ? 93  PRO A CA  1 
ATOM   726  C C   . PRO A 1 93  ? 10.410  17.837  1.400   1.00 0.19 ? 93  PRO A C   1 
ATOM   727  O O   . PRO A 1 93  ? 9.200   17.513  1.263   1.00 0.22 ? 93  PRO A O   1 
ATOM   728  C CB  . PRO A 1 93  ? 10.337  19.149  3.521   1.00 0.17 ? 93  PRO A CB  1 
ATOM   729  C CG  . PRO A 1 93  ? 11.202  20.354  3.228   1.00 0.21 ? 93  PRO A CG  1 
ATOM   730  C CD  . PRO A 1 93  ? 12.583  19.840  2.920   1.00 0.22 ? 93  PRO A CD  1 
ATOM   731  N N   . ASN A 1 94  ? 11.177  18.008  0.351   1.00 0.23 ? 94  ASN A N   1 
ATOM   732  C CA  . ASN A 1 94  ? 10.687  17.841  -1.038  1.00 0.22 ? 94  ASN A CA  1 
ATOM   733  C C   . ASN A 1 94  ? 10.921  16.403  -1.489  1.00 0.17 ? 94  ASN A C   1 
ATOM   734  O O   . ASN A 1 94  ? 11.791  16.131  -2.306  1.00 0.19 ? 94  ASN A O   1 
ATOM   735  C CB  . ASN A 1 94  ? 11.465  18.784  -1.965  1.00 0.22 ? 94  ASN A CB  1 
ATOM   736  C CG  . ASN A 1 94  ? 11.109  20.234  -1.556  1.00 0.39 ? 94  ASN A CG  1 
ATOM   737  O OD1 . ASN A 1 94  ? 12.066  21.107  -1.364  1.00 0.47 ? 94  ASN A OD1 1 
ATOM   738  N ND2 . ASN A 1 94  ? 9.837   20.528  -1.318  1.00 0.35 ? 94  ASN A ND2 1 
ATOM   739  N N   . CYS A 1 95  ? 10.138  15.493  -0.928  1.00 0.15 ? 95  CYS A N   1 
ATOM   740  C CA  . CYS A 1 95  ? 10.254  14.061  -1.249  1.00 0.17 ? 95  CYS A CA  1 
ATOM   741  C C   . CYS A 1 95  ? 9.812   13.820  -2.685  1.00 0.18 ? 95  CYS A C   1 
ATOM   742  O O   . CYS A 1 95  ? 8.791   14.378  -3.112  1.00 0.20 ? 95  CYS A O   1 
ATOM   743  C CB  . CYS A 1 95  ? 9.422   13.222  -0.286  1.00 0.14 ? 95  CYS A CB  1 
ATOM   744  S SG  . CYS A 1 95  ? 9.989   13.558  1.461   1.00 0.16 ? 95  CYS A SG  1 
ATOM   745  N N   . ALA A 1 96  ? 10.560  13.036  -3.425  1.00 0.15 ? 96  ALA A N   1 
ATOM   746  C CA  . ALA A 1 96  ? 10.236  12.788  -4.844  1.00 0.19 ? 96  ALA A CA  1 
ATOM   747  C C   . ALA A 1 96  ? 10.187  11.298  -5.123  1.00 0.11 ? 96  ALA A C   1 
ATOM   748  O O   . ALA A 1 96  ? 11.018  10.558  -4.630  1.00 0.15 ? 96  ALA A O   1 
ATOM   749  C CB  . ALA A 1 96  ? 11.281  13.452  -5.731  1.00 0.25 ? 96  ALA A CB  1 
ATOM   750  N N   . TYR A 1 97  ? 9.194   10.904  -5.907  1.00 0.11 ? 97  TYR A N   1 
ATOM   751  C CA  . TYR A 1 97  ? 8.974   9.497   -6.203  1.00 0.15 ? 97  TYR A CA  1 
ATOM   752  C C   . TYR A 1 97  ? 8.750   9.239   -7.690  1.00 0.11 ? 97  TYR A C   1 
ATOM   753  O O   . TYR A 1 97  ? 8.252   10.051  -8.421  1.00 0.14 ? 97  TYR A O   1 
ATOM   754  C CB  . TYR A 1 97  ? 7.655   9.041   -5.491  1.00 0.13 ? 97  TYR A CB  1 
ATOM   755  C CG  . TYR A 1 97  ? 7.834   9.168   -3.972  1.00 0.09 ? 97  TYR A CG  1 
ATOM   756  C CD1 . TYR A 1 97  ? 7.549   10.358  -3.326  1.00 0.12 ? 97  TYR A CD1 1 
ATOM   757  C CD2 . TYR A 1 97  ? 8.314   8.096   -3.263  1.00 0.10 ? 97  TYR A CD2 1 
ATOM   758  C CE1 . TYR A 1 97  ? 7.779   10.484  -1.951  1.00 0.13 ? 97  TYR A CE1 1 
ATOM   759  C CE2 . TYR A 1 97  ? 8.529   8.208   -1.885  1.00 0.12 ? 97  TYR A CE2 1 
ATOM   760  C CZ  . TYR A 1 97  ? 8.283   9.403   -1.238  1.00 0.11 ? 97  TYR A CZ  1 
ATOM   761  O OH  . TYR A 1 97  ? 8.486   9.516   0.118   1.00 0.15 ? 97  TYR A OH  1 
ATOM   762  N N   . LYS A 1 98  ? 9.123   8.008   -8.009  1.00 0.12 ? 98  LYS A N   1 
ATOM   763  C CA  . LYS A 1 98  ? 8.863   7.478   -9.362  1.00 0.13 ? 98  LYS A CA  1 
ATOM   764  C C   . LYS A 1 98  ? 7.531   6.680   -9.254  1.00 0.14 ? 98  LYS A C   1 
ATOM   765  O O   . LYS A 1 98  ? 7.423   5.876   -8.303  1.00 0.15 ? 98  LYS A O   1 
ATOM   766  C CB  . LYS A 1 98  ? 9.958   6.520   -9.777  1.00 0.16 ? 98  LYS A CB  1 
ATOM   767  C CG  . LYS A 1 98  ? 9.567   5.882   -11.113 1.00 0.21 ? 98  LYS A CG  1 
ATOM   768  C CD  . LYS A 1 98  ? 10.770  5.212   -11.738 1.00 0.66 ? 98  LYS A CD  1 
ATOM   769  C CE  . LYS A 1 98  ? 10.307  4.043   -12.610 1.00 0.77 ? 98  LYS A CE  1 
ATOM   770  N NZ  . LYS A 1 98  ? 9.019   4.393   -13.249 1.00 0.76 ? 98  LYS A NZ  1 
ATOM   771  N N   . THR A 1 99  ? 6.606   6.913   -10.107 1.00 0.13 ? 99  THR A N   1 
ATOM   772  C CA  . THR A 1 99  ? 5.300   6.251   -10.161 1.00 0.13 ? 99  THR A CA  1 
ATOM   773  C C   . THR A 1 99  ? 5.329   5.076   -11.123 1.00 0.13 ? 99  THR A C   1 
ATOM   774  O O   . THR A 1 99  ? 5.661   5.237   -12.299 1.00 0.17 ? 99  THR A O   1 
ATOM   775  C CB  . THR A 1 99  ? 4.250   7.257   -10.629 1.00 0.11 ? 99  THR A CB  1 
ATOM   776  O OG1 . THR A 1 99  ? 4.169   8.327   -9.693  1.00 0.13 ? 99  THR A OG1 1 
ATOM   777  C CG2 . THR A 1 99  ? 2.913   6.584   -10.722 1.00 0.12 ? 99  THR A CG2 1 
ATOM   778  N N   . THR A 1 100 ? 4.981   3.918   -10.645 1.00 0.12 ? 100 THR A N   1 
ATOM   779  C CA  . THR A 1 100 ? 4.905   2.699   -11.457 1.00 0.15 ? 100 THR A CA  1 
ATOM   780  C C   . THR A 1 100 ? 3.518   2.076   -11.293 1.00 0.20 ? 100 THR A C   1 
ATOM   781  O O   . THR A 1 100 ? 3.119   1.735   -10.185 1.00 0.17 ? 100 THR A O   1 
ATOM   782  C CB  . THR A 1 100 ? 5.987   1.718   -11.079 1.00 0.21 ? 100 THR A CB  1 
ATOM   783  O OG1 . THR A 1 100 ? 7.282   2.299   -11.287 1.00 0.20 ? 100 THR A OG1 1 
ATOM   784  C CG2 . THR A 1 100 ? 5.904   0.481   -11.925 1.00 0.25 ? 100 THR A CG2 1 
ATOM   785  N N   . GLN A 1 101 ? 2.774   1.971   -12.372 1.00 0.18 ? 101 GLN A N   1 
ATOM   786  C CA  . GLN A 1 101 ? 1.415   1.386   -12.344 1.00 0.15 ? 101 GLN A CA  1 
ATOM   787  C C   . GLN A 1 101 ? 1.486   -0.070  -12.771 1.00 0.20 ? 101 GLN A C   1 
ATOM   788  O O   . GLN A 1 101 ? 2.145   -0.397  -13.779 1.00 0.21 ? 101 GLN A O   1 
ATOM   789  C CB  . GLN A 1 101 ? 0.490   2.169   -13.271 1.00 0.21 ? 101 GLN A CB  1 
ATOM   790  C CG  . GLN A 1 101 ? -0.846  1.449   -13.478 1.00 0.31 ? 101 GLN A CG  1 
ATOM   791  C CD  . GLN A 1 101 ? -1.640  1.406   -12.164 1.00 0.37 ? 101 GLN A CD  1 
ATOM   792  O OE1 . GLN A 1 101 ? -1.540  2.448   -11.332 1.00 0.19 ? 101 GLN A OE1 1 
ATOM   793  N NE2 . GLN A 1 101 ? -2.401  0.359   -11.868 1.00 0.15 ? 101 GLN A NE2 1 
ATOM   794  N N   . ALA A 1 102 ? 0.870   -0.983  -12.044 1.00 0.15 ? 102 ALA A N   1 
ATOM   795  C CA  . ALA A 1 102 ? 0.949   -2.405  -12.402 1.00 0.16 ? 102 ALA A CA  1 
ATOM   796  C C   . ALA A 1 102 ? -0.253  -3.166  -11.859 1.00 0.15 ? 102 ALA A C   1 
ATOM   797  O O   . ALA A 1 102 ? -1.058  -2.676  -11.106 1.00 0.19 ? 102 ALA A O   1 
ATOM   798  C CB  . ALA A 1 102 ? 2.220   -3.008  -11.804 1.00 0.22 ? 102 ALA A CB  1 
ATOM   799  N N   . ASN A 1 103 ? -0.355  -4.388  -12.313 1.00 0.17 ? 103 ASN A N   1 
ATOM   800  C CA  . ASN A 1 103 ? -1.438  -5.306  -11.882 1.00 0.17 ? 103 ASN A CA  1 
ATOM   801  C C   . ASN A 1 103 ? -0.742  -6.539  -11.279 1.00 0.22 ? 103 ASN A C   1 
ATOM   802  O O   . ASN A 1 103 ? -0.155  -7.286  -12.047 1.00 0.24 ? 103 ASN A O   1 
ATOM   803  C CB  . ASN A 1 103 ? -2.276  -5.737  -13.080 1.00 0.23 ? 103 ASN A CB  1 
ATOM   804  C CG  . ASN A 1 103 ? -3.581  -4.922  -13.115 1.00 0.38 ? 103 ASN A CG  1 
ATOM   805  O OD1 . ASN A 1 103 ? -4.732  -5.531  -12.869 1.00 0.79 ? 103 ASN A OD1 1 
ATOM   806  N ND2 . ASN A 1 103 ? -3.539  -3.619  -13.297 1.00 0.45 ? 103 ASN A ND2 1 
ATOM   807  N N   . LYS A 1 104 ? -0.789  -6.642  -9.975  1.00 0.17 ? 104 LYS A N   1 
ATOM   808  C CA  . LYS A 1 104 ? -0.097  -7.729  -9.268  1.00 0.14 ? 104 LYS A CA  1 
ATOM   809  C C   . LYS A 1 104 ? -0.953  -8.239  -8.110  1.00 0.13 ? 104 LYS A C   1 
ATOM   810  O O   . LYS A 1 104 ? -1.891  -7.610  -7.682  1.00 0.15 ? 104 LYS A O   1 
ATOM   811  C CB  . LYS A 1 104 ? 1.190   -7.139  -8.640  1.00 0.21 ? 104 LYS A CB  1 
ATOM   812  C CG  . LYS A 1 104 ? 2.149   -6.610  -9.659  1.00 0.26 ? 104 LYS A CG  1 
ATOM   813  C CD  . LYS A 1 104 ? 3.500   -7.263  -9.536  1.00 0.36 ? 104 LYS A CD  1 
ATOM   814  C CE  . LYS A 1 104 ? 4.574   -6.564  -10.326 1.00 0.54 ? 104 LYS A CE  1 
ATOM   815  N NZ  . LYS A 1 104 ? 5.048   -7.450  -11.417 1.00 0.77 ? 104 LYS A NZ  1 
ATOM   816  N N   . HIS A 1 105 ? -0.527  -9.405  -7.642  1.00 0.13 ? 105 HIS A N   1 
ATOM   817  C CA  . HIS A 1 105 ? -1.232  -9.938  -6.443  1.00 0.16 ? 105 HIS A CA  1 
ATOM   818  C C   . HIS A 1 105 ? -0.646  -9.163  -5.234  1.00 0.19 ? 105 HIS A C   1 
ATOM   819  O O   . HIS A 1 105 ? 0.529   -8.797  -5.297  1.00 0.18 ? 105 HIS A O   1 
ATOM   820  C CB  . HIS A 1 105 ? -0.836  -11.411 -6.224  1.00 0.15 ? 105 HIS A CB  1 
ATOM   821  C CG  . HIS A 1 105 ? -1.277  -12.272 -7.392  1.00 0.17 ? 105 HIS A CG  1 
ATOM   822  N ND1 . HIS A 1 105 ? -2.499  -12.941 -7.466  1.00 0.25 ? 105 HIS A ND1 1 
ATOM   823  C CD2 . HIS A 1 105 ? -0.550  -12.515 -8.536  1.00 0.25 ? 105 HIS A CD2 1 
ATOM   824  C CE1 . HIS A 1 105 ? -2.533  -13.610 -8.691  1.00 0.19 ? 105 HIS A CE1 1 
ATOM   825  N NE2 . HIS A 1 105 ? -1.323  -13.357 -9.314  1.00 0.37 ? 105 HIS A NE2 1 
ATOM   826  N N   . ILE A 1 106 ? -1.427  -8.966  -4.226  1.00 0.14 ? 106 ILE A N   1 
ATOM   827  C CA  . ILE A 1 106 ? -0.833  -8.263  -3.075  1.00 0.11 ? 106 ILE A CA  1 
ATOM   828  C C   . ILE A 1 106 ? -0.722  -9.206  -1.886  1.00 0.14 ? 106 ILE A C   1 
ATOM   829  O O   . ILE A 1 106 ? -1.477  -10.184 -1.792  1.00 0.14 ? 106 ILE A O   1 
ATOM   830  C CB  . ILE A 1 106 ? -1.651  -7.039  -2.724  1.00 0.14 ? 106 ILE A CB  1 
ATOM   831  C CG1 . ILE A 1 106 ? -3.050  -7.402  -2.263  1.00 0.15 ? 106 ILE A CG1 1 
ATOM   832  C CG2 . ILE A 1 106 ? -1.690  -6.065  -3.902  1.00 0.15 ? 106 ILE A CG2 1 
ATOM   833  C CD1 . ILE A 1 106 ? -3.724  -6.323  -1.415  1.00 0.13 ? 106 ILE A CD1 1 
ATOM   834  N N   . ILE A 1 107 ? 0.231   -8.980  -1.026  1.00 0.14 ? 107 ILE A N   1 
ATOM   835  C CA  . ILE A 1 107 ? 0.403   -9.770  0.209   1.00 0.13 ? 107 ILE A CA  1 
ATOM   836  C C   . ILE A 1 107 ? 0.289   -8.795  1.394   1.00 0.10 ? 107 ILE A C   1 
ATOM   837  O O   . ILE A 1 107 ? 1.037   -7.818  1.407   1.00 0.12 ? 107 ILE A O   1 
ATOM   838  C CB  . ILE A 1 107 ? 1.707   -10.510 0.257   1.00 0.11 ? 107 ILE A CB  1 
ATOM   839  C CG1 . ILE A 1 107 ? 1.861   -11.474 -0.914  1.00 0.14 ? 107 ILE A CG1 1 
ATOM   840  C CG2 . ILE A 1 107 ? 1.879   -11.267 1.580   1.00 0.14 ? 107 ILE A CG2 1 
ATOM   841  C CD1 . ILE A 1 107 ? 3.092   -12.303 -0.934  1.00 0.19 ? 107 ILE A CD1 1 
ATOM   842  N N   . VAL A 1 108 ? -0.651  -9.032  2.263   1.00 0.12 ? 108 VAL A N   1 
ATOM   843  C CA  . VAL A 1 108 ? -0.828  -8.141  3.423   1.00 0.13 ? 108 VAL A CA  1 
ATOM   844  C C   . VAL A 1 108 ? -0.810  -8.983  4.706   1.00 0.12 ? 108 VAL A C   1 
ATOM   845  O O   . VAL A 1 108 ? -1.011  -10.194 4.647   1.00 0.12 ? 108 VAL A O   1 
ATOM   846  C CB  . VAL A 1 108 ? -2.212  -7.459  3.327   1.00 0.11 ? 108 VAL A CB  1 
ATOM   847  C CG1 . VAL A 1 108 ? -2.261  -6.544  2.090   1.00 0.15 ? 108 VAL A CG1 1 
ATOM   848  C CG2 . VAL A 1 108 ? -3.424  -8.422  3.271   1.00 0.15 ? 108 VAL A CG2 1 
ATOM   849  N N   . ALA A 1 109 ? -0.569  -8.322  5.810   1.00 0.11 ? 109 ALA A N   1 
ATOM   850  C CA  . ALA A 1 109 ? -0.629  -8.984  7.127   1.00 0.11 ? 109 ALA A CA  1 
ATOM   851  C C   . ALA A 1 109 ? -1.952  -8.552  7.780   1.00 0.10 ? 109 ALA A C   1 
ATOM   852  O O   . ALA A 1 109 ? -2.310  -7.375  7.609   1.00 0.12 ? 109 ALA A O   1 
ATOM   853  C CB  . ALA A 1 109 ? 0.536   -8.597  7.996   1.00 0.12 ? 109 ALA A CB  1 
ATOM   854  N N   . CYS A 1 110 ? -2.643  -9.444  8.418   1.00 0.12 ? 110 CYS A N   1 
ATOM   855  C CA  . CYS A 1 110 ? -3.931  -9.130  9.042   1.00 0.11 ? 110 CYS A CA  1 
ATOM   856  C C   . CYS A 1 110 ? -3.908  -9.386  10.538  1.00 0.14 ? 110 CYS A C   1 
ATOM   857  O O   . CYS A 1 110 ? -3.243  -10.286 11.029  1.00 0.16 ? 110 CYS A O   1 
ATOM   858  C CB  . CYS A 1 110 ? -5.047  -9.991  8.414   1.00 0.14 ? 110 CYS A CB  1 
ATOM   859  S SG  . CYS A 1 110 ? -5.091  -9.809  6.624   1.00 0.16 ? 110 CYS A SG  1 
ATOM   860  N N   . GLU A 1 111 ? -4.686  -8.571  11.251  1.00 0.14 ? 111 GLU A N   1 
ATOM   861  C CA  . GLU A 1 111 ? -4.800  -8.702  12.715  1.00 0.16 ? 111 GLU A CA  1 
ATOM   862  C C   . GLU A 1 111 ? -6.179  -8.155  13.155  1.00 0.20 ? 111 GLU A C   1 
ATOM   863  O O   . GLU A 1 111 ? -6.770  -7.391  12.443  1.00 0.18 ? 111 GLU A O   1 
ATOM   864  C CB  . GLU A 1 111 ? -3.758  -7.820  13.399  1.00 0.20 ? 111 GLU A CB  1 
ATOM   865  C CG  . GLU A 1 111 ? -2.342  -8.121  13.205  1.00 0.60 ? 111 GLU A CG  1 
ATOM   866  C CD  . GLU A 1 111 ? -1.484  -7.037  13.911  1.00 0.30 ? 111 GLU A CD  1 
ATOM   867  O OE1 . GLU A 1 111 ? -2.071  -6.107  14.499  1.00 0.43 ? 111 GLU A OE1 1 
ATOM   868  O OE2 . GLU A 1 111 ? -0.264  -7.066  13.792  1.00 0.77 ? 111 GLU A OE2 1 
ATOM   869  N N   . GLY A 1 112 ? -6.553  -8.535  14.359  1.00 0.18 ? 112 GLY A N   1 
ATOM   870  C CA  . GLY A 1 112 ? -7.719  -8.119  15.051  1.00 0.17 ? 112 GLY A CA  1 
ATOM   871  C C   . GLY A 1 112 ? -9.022  -8.770  14.804  1.00 0.12 ? 112 GLY A C   1 
ATOM   872  O O   . GLY A 1 112 ? -9.153  -9.804  14.187  1.00 0.18 ? 112 GLY A O   1 
ATOM   873  N N   . ASN A 1 113 ? -10.062 -8.144  15.340  1.00 0.22 ? 113 ASN A N   1 
ATOM   874  C CA  . ASN A 1 113 ? -11.454 -8.608  15.174  1.00 0.29 ? 113 ASN A CA  1 
ATOM   875  C C   . ASN A 1 113 ? -12.360 -7.386  15.035  1.00 0.44 ? 113 ASN A C   1 
ATOM   876  O O   . ASN A 1 113 ? -12.501 -6.664  16.042  1.00 0.35 ? 113 ASN A O   1 
ATOM   877  C CB  . ASN A 1 113 ? -11.877 -9.467  16.344  1.00 0.39 ? 113 ASN A CB  1 
ATOM   878  C CG  . ASN A 1 113 ? -13.332 -9.879  16.300  1.00 0.71 ? 113 ASN A CG  1 
ATOM   879  O OD1 . ASN A 1 113 ? -14.157 -9.420  17.243  1.00 0.75 ? 113 ASN A OD1 1 
ATOM   880  N ND2 . ASN A 1 113 ? -13.785 -10.705 15.371  1.00 0.77 ? 113 ASN A ND2 1 
ATOM   881  N N   . PRO A 1 114 ? -12.883 -7.113  13.853  1.00 0.24 ? 114 PRO A N   1 
ATOM   882  C CA  . PRO A 1 114 ? -12.751 -7.900  12.641  1.00 0.20 ? 114 PRO A CA  1 
ATOM   883  C C   . PRO A 1 114 ? -11.307 -8.048  12.185  1.00 0.16 ? 114 PRO A C   1 
ATOM   884  O O   . PRO A 1 114 ? -10.467 -7.169  12.455  1.00 0.17 ? 114 PRO A O   1 
ATOM   885  C CB  . PRO A 1 114 ? -13.533 -7.052  11.655  1.00 0.26 ? 114 PRO A CB  1 
ATOM   886  C CG  . PRO A 1 114 ? -14.075 -5.828  12.338  1.00 0.25 ? 114 PRO A CG  1 
ATOM   887  C CD  . PRO A 1 114 ? -13.643 -5.867  13.765  1.00 0.24 ? 114 PRO A CD  1 
ATOM   888  N N   . TYR A 1 115 ? -10.981 -9.114  11.513  1.00 0.16 ? 115 TYR A N   1 
ATOM   889  C CA  . TYR A 1 115 ? -9.639  -9.468  10.981  1.00 0.14 ? 115 TYR A CA  1 
ATOM   890  C C   . TYR A 1 115 ? -9.414  -8.691  9.676   1.00 0.15 ? 115 TYR A C   1 
ATOM   891  O O   . TYR A 1 115 ? -9.970  -9.065  8.648   1.00 0.18 ? 115 TYR A O   1 
ATOM   892  C CB  . TYR A 1 115 ? -9.613  -10.961 10.682  1.00 0.17 ? 115 TYR A CB  1 
ATOM   893  C CG  . TYR A 1 115 ? -8.255  -11.608 10.609  1.00 0.14 ? 115 TYR A CG  1 
ATOM   894  C CD1 . TYR A 1 115 ? -7.324  -11.480 11.660  1.00 0.14 ? 115 TYR A CD1 1 
ATOM   895  C CD2 . TYR A 1 115 ? -7.951  -12.443 9.534   1.00 0.14 ? 115 TYR A CD2 1 
ATOM   896  C CE1 . TYR A 1 115 ? -6.099  -12.124 11.591  1.00 0.17 ? 115 TYR A CE1 1 
ATOM   897  C CE2 . TYR A 1 115 ? -6.727  -13.090 9.465   1.00 0.18 ? 115 TYR A CE2 1 
ATOM   898  C CZ  . TYR A 1 115 ? -5.799  -12.935 10.506  1.00 0.17 ? 115 TYR A CZ  1 
ATOM   899  O OH  . TYR A 1 115 ? -4.579  -13.573 10.436  1.00 0.24 ? 115 TYR A OH  1 
ATOM   900  N N   . VAL A 1 116 ? -8.616  -7.637  9.737   1.00 0.14 ? 116 VAL A N   1 
ATOM   901  C CA  . VAL A 1 116 ? -8.380  -6.760  8.575   1.00 0.13 ? 116 VAL A CA  1 
ATOM   902  C C   . VAL A 1 116 ? -6.911  -6.508  8.343   1.00 0.13 ? 116 VAL A C   1 
ATOM   903  O O   . VAL A 1 116 ? -6.056  -6.778  9.179   1.00 0.12 ? 116 VAL A O   1 
ATOM   904  C CB  . VAL A 1 116 ? -9.080  -5.407  8.852   1.00 0.14 ? 116 VAL A CB  1 
ATOM   905  C CG1 . VAL A 1 116 ? -10.606 -5.616  8.912   1.00 0.14 ? 116 VAL A CG1 1 
ATOM   906  C CG2 . VAL A 1 116 ? -8.654  -4.591  10.087  1.00 0.16 ? 116 VAL A CG2 1 
ATOM   907  N N   . PRO A 1 117 ? -6.557  -5.948  7.164   1.00 0.16 ? 117 PRO A N   1 
ATOM   908  C CA  . PRO A 1 117 ? -5.143  -5.689  6.874   1.00 0.11 ? 117 PRO A CA  1 
ATOM   909  C C   . PRO A 1 117 ? -4.589  -4.564  7.720   1.00 0.10 ? 117 PRO A C   1 
ATOM   910  O O   . PRO A 1 117 ? -5.218  -3.537  7.941   1.00 0.15 ? 117 PRO A O   1 
ATOM   911  C CB  . PRO A 1 117 ? -5.225  -5.247  5.417   1.00 0.14 ? 117 PRO A CB  1 
ATOM   912  C CG  . PRO A 1 117 ? -6.526  -5.764  4.855   1.00 0.19 ? 117 PRO A CG  1 
ATOM   913  C CD  . PRO A 1 117 ? -7.482  -5.778  6.033   1.00 0.15 ? 117 PRO A CD  1 
ATOM   914  N N   . VAL A 1 118 ? -3.347  -4.781  8.176   1.00 0.09 ? 118 VAL A N   1 
ATOM   915  C CA  . VAL A 1 118 ? -2.688  -3.746  8.981   1.00 0.13 ? 118 VAL A CA  1 
ATOM   916  C C   . VAL A 1 118 ? -1.282  -3.488  8.462   1.00 0.13 ? 118 VAL A C   1 
ATOM   917  O O   . VAL A 1 118 ? -0.558  -2.665  8.988   1.00 0.21 ? 118 VAL A O   1 
ATOM   918  C CB  . VAL A 1 118 ? -2.631  -4.155  10.450  1.00 0.14 ? 118 VAL A CB  1 
ATOM   919  C CG1 . VAL A 1 118 ? -4.034  -4.294  11.081  1.00 0.14 ? 118 VAL A CG1 1 
ATOM   920  C CG2 . VAL A 1 118 ? -1.856  -5.458  10.610  1.00 0.15 ? 118 VAL A CG2 1 
ATOM   921  N N   . HIS A 1 119 ? -0.903  -4.216  7.414   1.00 0.10 ? 119 HIS A N   1 
ATOM   922  C CA  . HIS A 1 119 ? 0.467   -4.015  6.879   1.00 0.10 ? 119 HIS A CA  1 
ATOM   923  C C   . HIS A 1 119 ? 0.533   -4.520  5.449   1.00 0.11 ? 119 HIS A C   1 
ATOM   924  O O   . HIS A 1 119 ? -0.027  -5.564  5.144   1.00 0.13 ? 119 HIS A O   1 
ATOM   925  C CB  . HIS A 1 119 ? 1.451   -4.816  7.755   1.00 0.14 ? 119 HIS A CB  1 
ATOM   926  C CG  . HIS A 1 119 ? 2.751   -5.191  7.117   1.00 0.14 ? 119 HIS A CG  1 
ATOM   927  N ND1 . HIS A 1 119 ? 3.843   -4.361  6.901   1.00 0.16 ? 119 HIS A ND1 1 
ATOM   928  C CD2 . HIS A 1 119 ? 3.102   -6.465  6.631   1.00 0.20 ? 119 HIS A CD2 1 
ATOM   929  C CE1 . HIS A 1 119 ? 4.818   -5.069  6.227   1.00 0.14 ? 119 HIS A CE1 1 
ATOM   930  N NE2 . HIS A 1 119 ? 4.389   -6.385  6.065   1.00 0.17 ? 119 HIS A NE2 1 
ATOM   931  N N   . PHE A 1 120 ? 1.185   -3.774  4.580   1.00 0.12 ? 120 PHE A N   1 
ATOM   932  C CA  . PHE A 1 120 ? 1.389   -4.178  3.163   1.00 0.12 ? 120 PHE A CA  1 
ATOM   933  C C   . PHE A 1 120 ? 2.766   -4.849  3.080   1.00 0.17 ? 120 PHE A C   1 
ATOM   934  O O   . PHE A 1 120 ? 3.790   -4.215  3.397   1.00 0.14 ? 120 PHE A O   1 
ATOM   935  C CB  . PHE A 1 120 ? 1.353   -2.946  2.262   1.00 0.11 ? 120 PHE A CB  1 
ATOM   936  C CG  . PHE A 1 120 ? 1.257   -3.371  0.779   1.00 0.11 ? 120 PHE A CG  1 
ATOM   937  C CD1 . PHE A 1 120 ? 2.419   -3.643  0.077   1.00 0.13 ? 120 PHE A CD1 1 
ATOM   938  C CD2 . PHE A 1 120 ? 0.007   -3.492  0.165   1.00 0.13 ? 120 PHE A CD2 1 
ATOM   939  C CE1 . PHE A 1 120 ? 2.361   -4.053  -1.259  1.00 0.13 ? 120 PHE A CE1 1 
ATOM   940  C CE2 . PHE A 1 120 ? -0.039  -3.914  -1.166  1.00 0.16 ? 120 PHE A CE2 1 
ATOM   941  C CZ  . PHE A 1 120 ? 1.109   -4.198  -1.856  1.00 0.14 ? 120 PHE A CZ  1 
ATOM   942  N N   . ASP A 1 121 ? 2.822   -6.111  2.741   1.00 0.13 ? 121 ASP A N   1 
ATOM   943  C CA  . ASP A 1 121 ? 4.088   -6.843  2.709   1.00 0.10 ? 121 ASP A CA  1 
ATOM   944  C C   . ASP A 1 121 ? 4.762   -6.814  1.366   1.00 0.17 ? 121 ASP A C   1 
ATOM   945  O O   . ASP A 1 121 ? 5.991   -6.613  1.290   1.00 0.17 ? 121 ASP A O   1 
ATOM   946  C CB  . ASP A 1 121 ? 3.869   -8.298  3.150   1.00 0.13 ? 121 ASP A CB  1 
ATOM   947  C CG  . ASP A 1 121 ? 5.139   -8.879  3.810   1.00 0.15 ? 121 ASP A CG  1 
ATOM   948  O OD1 . ASP A 1 121 ? 5.644   -8.262  4.742   1.00 0.18 ? 121 ASP A OD1 1 
ATOM   949  O OD2 . ASP A 1 121 ? 5.612   -9.946  3.375   1.00 0.14 ? 121 ASP A OD2 1 
ATOM   950  N N   . ALA A 1 122 ? 4.034   -7.037  0.280   1.00 0.14 ? 122 ALA A N   1 
ATOM   951  C CA  . ALA A 1 122 ? 4.704   -7.042  -1.033  1.00 0.13 ? 122 ALA A CA  1 
ATOM   952  C C   . ALA A 1 122 ? 3.664   -7.202  -2.148  1.00 0.15 ? 122 ALA A C   1 
ATOM   953  O O   . ALA A 1 122 ? 2.530   -7.537  -1.911  1.00 0.14 ? 122 ALA A O   1 
ATOM   954  C CB  . ALA A 1 122 ? 5.602   -8.303  -1.089  1.00 0.18 ? 122 ALA A CB  1 
ATOM   955  N N   . SER A 1 123 ? 4.156   -6.954  -3.338  1.00 0.15 ? 123 SER A N   1 
ATOM   956  C CA  . SER A 1 123 ? 3.378   -7.142  -4.577  1.00 0.21 ? 123 SER A CA  1 
ATOM   957  C C   . SER A 1 123 ? 4.093   -8.232  -5.387  1.00 0.24 ? 123 SER A C   1 
ATOM   958  O O   . SER A 1 123 ? 5.348   -8.135  -5.465  1.00 0.23 ? 123 SER A O   1 
ATOM   959  C CB  . SER A 1 123 ? 3.143   -5.907  -5.347  1.00 0.19 ? 123 SER A CB  1 
ATOM   960  O OG  . SER A 1 123 ? 4.313   -5.271  -5.818  1.00 0.31 ? 123 SER A OG  1 
ATOM   961  N N   . VAL A 1 124 ? 3.412   -9.252  -5.851  1.00 0.18 ? 124 VAL A N   1 
ATOM   962  C CA  . VAL A 1 124 ? 4.075   -10.349 -6.570  1.00 0.22 ? 124 VAL A CA  1 
ATOM   963  C C   . VAL A 1 124 ? 3.320   -10.764 -7.807  1.00 0.23 ? 124 VAL A C   1 
ATOM   964  O O   . VAL A 1 124 ? 2.121   -10.545 -7.957  1.00 0.21 ? 124 VAL A O   1 
ATOM   965  C CB  . VAL A 1 124 ? 4.250   -11.548 -5.627  1.00 0.24 ? 124 VAL A CB  1 
ATOM   966  C CG1 . VAL A 1 124 ? 5.130   -11.315 -4.383  1.00 0.23 ? 124 VAL A CG1 1 
ATOM   967  C CG2 . VAL A 1 124 ? 2.894   -12.096 -5.192  1.00 0.26 ? 124 VAL A CG2 1 
ATOM   968  O OXT . VAL A 1 124 ? 4.013   -11.460 -8.709  1.00 0.29 ? 124 VAL A OXT 1 
HETATM 969  P P   . CPA B 2 .   ? 3.390   -0.545  6.459   0.91 0.20 ? 126 CPA A P   1 
HETATM 970  O O1P . CPA B 2 .   ? 2.378   -1.120  5.555   0.91 0.19 ? 126 CPA A O1P 1 
HETATM 971  O O2P . CPA B 2 .   ? 3.068   0.556   7.385   0.91 0.26 ? 126 CPA A O2P 1 
HETATM 972  O O5D . CPA B 2 .   ? 7.573   -2.896  5.147   0.90 0.79 ? 126 CPA A O5D 1 
HETATM 973  C C5X . CPA B 2 .   ? 7.990   -1.544  5.144   0.90 0.66 ? 126 CPA A C5X 1 
HETATM 974  C C4X . CPA B 2 .   ? 6.890   -0.652  4.643   0.90 0.31 ? 126 CPA A C4X 1 
HETATM 975  O O4D . CPA B 2 .   ? 7.029   -0.407  3.234   0.90 0.25 ? 126 CPA A O4D 1 
HETATM 976  C C3X . CPA B 2 .   ? 5.475   -1.111  4.884   0.90 0.37 ? 126 CPA A C3X 1 
HETATM 977  O O3D . CPA B 2 .   ? 4.701   -0.196  5.661   0.90 0.28 ? 126 CPA A O3D 1 
HETATM 978  C C2X . CPA B 2 .   ? 4.906   -1.348  3.510   0.90 0.19 ? 126 CPA A C2X 1 
HETATM 979  C C1X . CPA B 2 .   ? 5.799   -0.575  2.556   0.90 0.22 ? 126 CPA A C1X 1 
HETATM 980  N N1C . CPA B 2 .   ? 6.021   -1.330  1.298   0.90 0.17 ? 126 CPA A N1C 1 
HETATM 981  C CC2 . CPA B 2 .   ? 5.082   -1.101  0.319   0.90 0.15 ? 126 CPA A CC2 1 
HETATM 982  N N3C . CPA B 2 .   ? 5.229   -1.763  -0.837  0.90 0.16 ? 126 CPA A N3C 1 
HETATM 983  C CC4 . CPA B 2 .   ? 6.208   -2.608  -1.071  0.90 0.24 ? 126 CPA A CC4 1 
HETATM 984  C CC5 . CPA B 2 .   ? 7.202   -2.863  -0.059  0.90 0.22 ? 126 CPA A CC5 1 
HETATM 985  C CC6 . CPA B 2 .   ? 7.071   -2.210  1.102   0.90 0.48 ? 126 CPA A CC6 1 
HETATM 986  O O2C . CPA B 2 .   ? 4.185   -0.318  0.593   0.90 0.12 ? 126 CPA A O2C 1 
HETATM 987  N N4C . CPA B 2 .   ? 6.277   -3.224  -2.252  0.90 0.23 ? 126 CPA A N4C 1 
HETATM 988  O O5B . CPA B 2 .   ? 3.883   -1.759  7.434   0.91 0.35 ? 126 CPA A O5B 1 
HETATM 989  C C5B . CPA B 2 .   ? 4.657   -1.475  8.586   0.91 0.47 ? 126 CPA A C5B 1 
HETATM 990  C C4B . CPA B 2 .   ? 3.884   -1.712  9.857   0.91 0.61 ? 126 CPA A C4B 1 
HETATM 991  O O4B . CPA B 2 .   ? 3.328   -3.050  9.873   0.91 0.35 ? 126 CPA A O4B 1 
HETATM 992  C C3B . CPA B 2 .   ? 4.689   -1.582  11.142  0.91 0.79 ? 126 CPA A C3B 1 
HETATM 993  O O3B . CPA B 2 .   ? 3.902   -0.937  12.149  0.91 0.73 ? 126 CPA A O3B 1 
HETATM 994  C C2B . CPA B 2 .   ? 5.003   -3.030  11.497  0.91 0.52 ? 126 CPA A C2B 1 
HETATM 995  C C1B . CPA B 2 .   ? 3.718   -3.719  11.061  0.91 0.64 ? 126 CPA A C1B 1 
HETATM 996  N N9A . CPA B 2 .   ? 3.909   -5.140  10.718  0.91 0.25 ? 126 CPA A N9A 1 
HETATM 997  C C8A . CPA B 2 .   ? 4.924   -5.767  10.055  0.91 0.16 ? 126 CPA A C8A 1 
HETATM 998  N N7A . CPA B 2 .   ? 4.717   -7.068  9.940   0.91 0.24 ? 126 CPA A N7A 1 
HETATM 999  C C5A . CPA B 2 .   ? 3.489   -7.284  10.573  0.91 0.20 ? 126 CPA A C5A 1 
HETATM 1000 C C6A . CPA B 2 .   ? 2.754   -8.489  10.776  0.91 0.77 ? 126 CPA A C6A 1 
HETATM 1001 N N6A . CPA B 2 .   ? 3.143   -9.679  10.358  0.91 0.23 ? 126 CPA A N6A 1 
HETATM 1002 N N1A . CPA B 2 .   ? 1.560   -8.368  11.446  0.91 0.16 ? 126 CPA A N1A 1 
HETATM 1003 C C2A . CPA B 2 .   ? 1.212   -7.155  11.848  0.91 0.20 ? 126 CPA A C2A 1 
HETATM 1004 N N3A . CPA B 2 .   ? 1.822   -5.979  11.715  0.91 0.64 ? 126 CPA A N3A 1 
HETATM 1005 C C4A . CPA B 2 .   ? 2.980   -6.087  11.059  0.91 0.20 ? 126 CPA A C4A 1 
HETATM 1006 C C1  . MPD C 3 .   ? 1.361   7.948   -18.153 1.00 0.64 ? 127 MPD A C1  1 
HETATM 1007 C C2  . MPD C 3 .   ? 0.650   6.665   -17.852 1.00 0.78 ? 127 MPD A C2  1 
HETATM 1008 O O2  . MPD C 3 .   ? -0.763  7.006   -17.913 1.00 0.79 ? 127 MPD A O2  1 
HETATM 1009 C CM  . MPD C 3 .   ? 0.730   5.542   -18.845 1.00 0.77 ? 127 MPD A CM  1 
HETATM 1010 C C3  . MPD C 3 .   ? 0.973   6.227   -16.451 1.00 0.62 ? 127 MPD A C3  1 
HETATM 1011 C C4  . MPD C 3 .   ? 2.355   6.575   -16.023 1.00 0.63 ? 127 MPD A C4  1 
HETATM 1012 O O4  . MPD C 3 .   ? 2.398   5.953   -14.733 1.00 0.77 ? 127 MPD A O4  1 
HETATM 1013 C C5  . MPD C 3 .   ? 3.392   5.775   -16.797 1.00 0.72 ? 127 MPD A C5  1 
HETATM 1014 O O   . HOH D 4 .   ? -15.761 -1.275  0.158   1.00 0.27 ? 128 HOH A O   1 
HETATM 1015 O O   . HOH D 4 .   ? 5.427   10.804  -8.700  1.00 0.16 ? 129 HOH A O   1 
HETATM 1016 O O   . HOH D 4 .   ? 8.014   3.002   -8.839  1.00 0.21 ? 130 HOH A O   1 
HETATM 1017 O O   . HOH D 4 .   ? -7.316  -1.860  7.049   1.00 0.16 ? 131 HOH A O   1 
HETATM 1018 O O   . HOH D 4 .   ? -6.257  -1.981  14.051  1.00 0.25 ? 132 HOH A O   1 
HETATM 1019 O O   . HOH D 4 .   ? -9.871  -4.588  13.739  1.00 0.28 ? 133 HOH A O   1 
HETATM 1020 O O   . HOH D 4 .   ? 7.092   9.089   -11.995 1.00 0.23 ? 134 HOH A O   1 
HETATM 1021 O O   . HOH D 4 .   ? -9.799  -1.789  7.129   1.00 0.28 ? 135 HOH A O   1 
HETATM 1022 O O   . HOH D 4 .   ? -10.489 -9.855  -2.876  1.00 0.21 ? 136 HOH A O   1 
HETATM 1023 O O   . HOH D 4 .   ? -0.836  -0.132  9.734   1.00 0.23 ? 137 HOH A O   1 
HETATM 1024 O O   . HOH D 4 .   ? -0.020  0.287   6.838   1.00 0.22 ? 138 HOH A O   1 
HETATM 1025 O O   . HOH D 4 .   ? -6.961  -4.607  13.552  1.00 0.24 ? 139 HOH A O   1 
HETATM 1026 O O   . HOH D 4 .   ? -8.190  -11.646 -4.651  1.00 0.26 ? 140 HOH A O   1 
HETATM 1027 O O   . HOH D 4 .   ? -5.002  -20.651 2.765   1.00 0.48 ? 141 HOH A O   1 
HETATM 1028 O O   . HOH D 4 .   ? -12.172 -3.640  -6.313  1.00 0.17 ? 142 HOH A O   1 
HETATM 1029 O O   . HOH D 4 .   ? 3.996   2.614   -15.091 1.00 0.38 ? 143 HOH A O   1 
HETATM 1030 O O   . HOH D 4 .   ? -10.425 6.780   -12.428 1.00 0.47 ? 144 HOH A O   1 
HETATM 1031 O O   . HOH D 4 .   ? -6.521  7.560   9.527   1.00 0.17 ? 145 HOH A O   1 
HETATM 1032 O O   . HOH D 4 .   ? -8.145  7.726   12.131  1.00 0.28 ? 146 HOH A O   1 
HETATM 1033 O O   . HOH D 4 .   ? 14.050  11.614  4.404   1.00 0.21 ? 147 HOH A O   1 
HETATM 1034 O O   . HOH D 4 .   ? 7.433   -8.811  6.577   1.00 0.18 ? 148 HOH A O   1 
HETATM 1035 O O   . HOH D 4 .   ? -14.567 -7.985  2.834   1.00 0.37 ? 149 HOH A O   1 
HETATM 1036 O O   . HOH D 4 .   ? 5.968   13.842  -2.129  1.00 0.23 ? 150 HOH A O   1 
HETATM 1037 O O   . HOH D 4 .   ? -7.765  6.052   7.511   1.00 0.20 ? 151 HOH A O   1 
HETATM 1038 O O   . HOH D 4 .   ? 15.876  13.301  2.208   1.00 0.33 ? 152 HOH A O   1 
HETATM 1039 O O   . HOH D 4 .   ? 4.617   -2.674  -4.875  1.00 0.27 ? 153 HOH A O   1 
HETATM 1040 O O   . HOH D 4 .   ? 12.671  16.065  -9.037  1.00 0.63 ? 154 HOH A O   1 
HETATM 1041 O O   . HOH D 4 .   ? -8.043  5.418   13.862  1.00 0.18 ? 155 HOH A O   1 
HETATM 1042 O O   . HOH D 4 .   ? 13.458  17.322  -4.451  1.00 0.47 ? 156 HOH A O   1 
HETATM 1043 O O   . HOH D 4 .   ? 9.401   12.526  -9.383  1.00 0.40 ? 157 HOH A O   1 
HETATM 1044 O O   . HOH D 4 .   ? 5.985   7.418   -14.318 1.00 0.52 ? 158 HOH A O   1 
HETATM 1045 O O   . HOH D 4 .   ? -18.803 -3.374  -1.196  1.00 0.68 ? 159 HOH A O   1 
HETATM 1046 O O   . HOH D 4 .   ? -12.915 1.300   7.475   1.00 0.37 ? 160 HOH A O   1 
HETATM 1047 O O   . HOH D 4 .   ? -14.217 37.519  -12.532 1.00 0.24 ? 161 HOH A O   1 
HETATM 1048 O O   . HOH D 4 .   ? -2.779  16.251  4.316   1.00 0.30 ? 162 HOH A O   1 
HETATM 1049 O O   . HOH D 4 .   ? 5.739   -8.738  8.669   1.00 0.46 ? 163 HOH A O   1 
HETATM 1050 O O   . HOH D 4 .   ? 3.039   14.916  4.009   1.00 0.32 ? 164 HOH A O   1 
HETATM 1051 O O   . HOH D 4 .   ? -9.493  5.188   -0.647  1.00 0.30 ? 165 HOH A O   1 
HETATM 1052 O O   . HOH D 4 .   ? -15.296 -6.454  4.696   1.00 0.37 ? 166 HOH A O   1 
HETATM 1053 O O   . HOH D 4 .   ? -3.996  -4.236  15.600  1.00 0.49 ? 167 HOH A O   1 
HETATM 1054 O O   . HOH D 4 .   ? 9.053   2.315   3.081   1.00 0.29 ? 168 HOH A O   1 
HETATM 1055 O O   . HOH D 4 .   ? 7.452   -5.441  3.442   1.00 0.50 ? 169 HOH A O   1 
HETATM 1056 O O   . HOH D 4 .   ? -11.526 -11.231 5.975   1.00 0.72 ? 170 HOH A O   1 
HETATM 1057 O O   . HOH D 4 .   ? -4.840  12.245  4.383   1.00 0.32 ? 171 HOH A O   1 
HETATM 1058 O O   . HOH D 4 .   ? -2.481  11.952  8.720   1.00 0.31 ? 172 HOH A O   1 
HETATM 1059 O O   . HOH D 4 .   ? 6.572   15.550  0.040   1.00 0.41 ? 173 HOH A O   1 
HETATM 1060 O O   . HOH D 4 .   ? -8.834  -0.586  -10.401 1.00 0.43 ? 174 HOH A O   1 
HETATM 1061 O O   . HOH D 4 .   ? -5.302  13.571  6.846   1.00 0.34 ? 175 HOH A O   1 
HETATM 1062 O O   . HOH D 4 .   ? 6.819   10.548  7.452   1.00 0.27 ? 176 HOH A O   1 
HETATM 1063 O O   . HOH D 4 .   ? -4.545  15.946  6.590   1.00 0.33 ? 177 HOH A O   1 
HETATM 1064 O O   . HOH D 4 .   ? -8.866  5.991   16.452  1.00 0.38 ? 178 HOH A O   1 
HETATM 1065 O O   . HOH D 4 .   ? 7.673   16.662  3.619   1.00 0.34 ? 179 HOH A O   1 
HETATM 1066 O O   . HOH D 4 .   ? 14.332  8.051   2.589   1.00 0.47 ? 180 HOH A O   1 
HETATM 1067 O O   . HOH D 4 .   ? 6.809   18.584  5.823   1.00 0.36 ? 181 HOH A O   1 
HETATM 1068 O O   . HOH D 4 .   ? -11.126 -8.456  6.205   1.00 0.76 ? 182 HOH A O   1 
HETATM 1069 O O   . HOH D 4 .   ? 14.327  4.956   -7.941  1.00 0.60 ? 183 HOH A O   1 
HETATM 1070 O O   . HOH D 4 .   ? -6.007  11.727  -0.403  1.00 0.38 ? 184 HOH A O   1 
HETATM 1071 O O   . HOH D 4 .   ? 17.015  17.295  3.647   1.00 0.25 ? 185 HOH A O   1 
HETATM 1072 O O   . HOH D 4 .   ? -4.602  -0.697  16.529  1.00 0.44 ? 186 HOH A O   1 
HETATM 1073 O O   . HOH D 4 .   ? -2.873  -1.173  -14.139 1.00 0.42 ? 187 HOH A O   1 
HETATM 1074 O O   . HOH D 4 .   ? 7.330   -6.127  -3.346  1.00 0.41 ? 188 HOH A O   1 
HETATM 1075 O O   . HOH D 4 .   ? -8.279  5.723   2.046   1.00 0.32 ? 189 HOH A O   1 
HETATM 1076 O O   . HOH D 4 .   ? 18.060  14.515  3.315   1.00 0.42 ? 190 HOH A O   1 
HETATM 1077 O O   . HOH D 4 .   ? 13.792  2.855   -2.779  1.00 0.46 ? 191 HOH A O   1 
HETATM 1078 O O   . HOH D 4 .   ? -11.356 3.097   0.603   1.00 0.43 ? 192 HOH A O   1 
HETATM 1079 O O   . HOH D 4 .   ? -1.089  9.017   12.639  1.00 0.50 ? 193 HOH A O   1 
HETATM 1080 O O   . HOH D 4 .   ? -1.850  11.877  -10.988 1.00 0.51 ? 194 HOH A O   1 
HETATM 1081 O O   . HOH D 4 .   ? 13.981  8.147   5.858   1.00 0.52 ? 195 HOH A O   1 
HETATM 1082 O O   . HOH D 4 .   ? 7.331   1.454   -17.185 1.00 0.79 ? 196 HOH A O   1 
HETATM 1083 O O   . HOH D 4 .   ? -12.420 -13.741 0.009   1.00 0.50 ? 197 HOH A O   1 
HETATM 1084 O O   . HOH D 4 .   ? 18.588  13.183  -2.881  1.00 0.80 ? 198 HOH A O   1 
HETATM 1085 O O   . HOH D 4 .   ? 15.705  11.444  1.119   1.00 0.46 ? 199 HOH A O   1 
HETATM 1086 O O   . HOH D 4 .   ? -8.009  10.058  -2.415  1.00 0.69 ? 200 HOH A O   1 
HETATM 1087 O O   . HOH D 4 .   ? -10.364 -9.405  -5.760  1.00 0.56 ? 201 HOH A O   1 
HETATM 1088 O O   . HOH D 4 .   ? -0.968  15.058  -12.561 1.00 0.44 ? 202 HOH A O   1 
HETATM 1089 O O   . HOH D 4 .   ? 12.459  12.741  -9.204  1.00 0.48 ? 203 HOH A O   1 
HETATM 1090 O O   . HOH D 4 .   ? -8.214  7.186   5.299   1.00 0.47 ? 204 HOH A O   1 
HETATM 1091 O O   . HOH D 4 .   ? 15.371  6.106   -0.934  1.00 0.51 ? 205 HOH A O   1 
HETATM 1092 O O   . HOH D 4 .   ? 21.513  19.270  -1.393  1.00 0.47 ? 206 HOH A O   1 
HETATM 1093 O O   . HOH D 4 .   ? -6.776  11.727  2.954   1.00 0.39 ? 207 HOH A O   1 
HETATM 1094 O O   . HOH D 4 .   ? -4.808  8.930   -11.055 1.00 0.34 ? 208 HOH A O   1 
HETATM 1095 O O   . HOH D 4 .   ? 22.079  16.407  -1.829  1.00 0.45 ? 209 HOH A O   1 
HETATM 1096 O O   . HOH D 4 .   ? 8.048   5.133   10.746  1.00 0.35 ? 210 HOH A O   1 
HETATM 1097 O O   . HOH D 4 .   ? -6.149  9.962   -5.877  1.00 0.43 ? 211 HOH A O   1 
HETATM 1098 O O   . HOH D 4 .   ? 18.197  17.073  -4.498  1.00 0.43 ? 212 HOH A O   1 
HETATM 1099 O O   . HOH D 4 .   ? 20.629  13.809  -5.289  1.00 0.44 ? 213 HOH A O   1 
HETATM 1100 O O   . HOH D 4 .   ? 20.976  12.981  -2.236  1.00 0.43 ? 214 HOH A O   1 
HETATM 1101 O O   . HOH D 4 .   ? 2.553   7.591   7.708   1.00 0.42 ? 215 HOH A O   1 
HETATM 1102 O O   . HOH D 4 .   ? 5.820   31.817  12.881  1.00 0.53 ? 216 HOH A O   1 
HETATM 1103 O O   . HOH D 4 .   ? 10.124  -4.969  -2.772  1.00 0.54 ? 217 HOH A O   1 
HETATM 1104 O O   . HOH D 4 .   ? -9.470  7.381   -1.890  1.00 0.49 ? 218 HOH A O   1 
HETATM 1105 O O   . HOH D 4 .   ? 9.876   -2.646  11.776  1.00 0.54 ? 219 HOH A O   1 
HETATM 1106 O O   . HOH D 4 .   ? -2.730  -12.238 13.464  1.00 0.55 ? 220 HOH A O   1 
HETATM 1107 O O   . HOH D 4 .   ? 13.220  21.607  6.537   1.00 0.46 ? 221 HOH A O   1 
HETATM 1108 O O   . HOH D 4 .   ? 15.549  23.624  -1.775  1.00 0.68 ? 222 HOH A O   1 
HETATM 1109 O O   . HOH D 4 .   ? -3.260  -14.735 12.886  1.00 0.53 ? 223 HOH A O   1 
HETATM 1110 O O   . HOH D 4 .   ? 18.436  4.233   -3.880  1.00 0.75 ? 224 HOH A O   1 
HETATM 1111 O O   . HOH D 4 .   ? 6.355   -7.241  12.598  1.00 0.80 ? 225 HOH A O   1 
HETATM 1112 O O   . HOH D 4 .   ? 0.001   6.145   12.963  1.00 0.61 ? 226 HOH A O   1 
HETATM 1113 O O   . HOH D 4 .   ? 15.707  5.025   -3.540  1.00 0.60 ? 227 HOH A O   1 
HETATM 1114 O O   . HOH D 4 .   ? -7.286  8.833   3.741   1.00 0.57 ? 228 HOH A O   1 
HETATM 1115 O O   . HOH D 4 .   ? 4.462   -1.557  -15.229 1.00 0.77 ? 229 HOH A O   1 
HETATM 1116 O O   . HOH D 4 .   ? 19.829  23.006  0.396   1.00 0.69 ? 230 HOH A O   1 
HETATM 1117 O O   . HOH D 4 .   ? 17.362  10.117  2.699   1.00 0.66 ? 231 HOH A O   1 
HETATM 1118 O O   . HOH D 4 .   ? 12.461  26.708  -1.609  1.00 0.61 ? 232 HOH A O   1 
HETATM 1119 O O   . HOH D 4 .   ? 18.562  6.894   -7.808  1.00 0.77 ? 233 HOH A O   1 
HETATM 1120 O O   . HOH D 4 .   ? 17.035  5.901   -6.163  1.00 0.79 ? 234 HOH A O   1 
HETATM 1121 O O   . HOH D 4 .   ? 20.449  20.798  -4.007  1.00 0.61 ? 235 HOH A O   1 
HETATM 1122 O O   . HOH D 4 .   ? 22.513  14.214  -0.073  1.00 0.79 ? 236 HOH A O   1 
HETATM 1123 O O   . HOH D 4 .   ? 15.700  12.136  -10.074 1.00 0.56 ? 237 HOH A O   1 
HETATM 1124 O O   . HOH D 4 .   ? 13.210  11.587  -11.600 1.00 0.78 ? 238 HOH A O   1 
HETATM 1125 O O   . HOH D 4 .   ? 14.353  7.955   -11.723 1.00 0.71 ? 239 HOH A O   1 
HETATM 1126 O O   . HOH D 4 .   ? 15.333  5.642   4.407   1.00 0.77 ? 240 HOH A O   1 
HETATM 1127 O O   . HOH D 4 .   ? 14.867  20.576  -3.735  1.00 0.59 ? 241 HOH A O   1 
HETATM 1128 O O   . HOH D 4 .   ? 6.745   13.016  -11.033 1.00 0.77 ? 242 HOH A O   1 
HETATM 1129 O O   . HOH D 4 .   ? 8.576   16.962  -4.992  1.00 0.77 ? 243 HOH A O   1 
HETATM 1130 O O   . HOH D 4 .   ? 8.300   -18.562 9.929   1.00 0.19 ? 244 HOH A O   1 
HETATM 1131 O O   . HOH D 4 .   ? -7.764  7.482   18.947  1.00 0.34 ? 245 HOH A O   1 
HETATM 1132 O O   . HOH D 4 .   ? 4.514   5.411   -20.875 1.00 0.54 ? 246 HOH A O   1 
HETATM 1133 O O   . HOH D 4 .   ? -4.765  14.097  -11.591 1.00 0.58 ? 247 HOH A O   1 
HETATM 1134 O O   . HOH D 4 .   ? 21.158  16.662  -4.649  1.00 0.56 ? 248 HOH A O   1 
HETATM 1135 O O   . HOH D 4 .   ? -0.558  16.981  -2.930  1.00 0.62 ? 249 HOH A O   1 
HETATM 1136 O O   . HOH D 4 .   ? 0.030   2.457   -16.696 1.00 0.80 ? 250 HOH A O   1 
HETATM 1137 O O   . HOH D 4 .   ? -1.914  3.509   -16.119 1.00 0.77 ? 251 HOH A O   1 
HETATM 1138 O O   . HOH D 4 .   ? 9.275   9.392   -15.070 1.00 0.78 ? 252 HOH A O   1 
HETATM 1139 O O   . HOH D 4 .   ? -0.439  7.103   -21.600 1.00 0.66 ? 253 HOH A O   1 
HETATM 1140 O O   . HOH D 4 .   ? -5.154  4.439   21.346  1.00 0.79 ? 254 HOH A O   1 
HETATM 1141 O O   . HOH D 4 .   ? 12.526  3.326   5.879   1.00 0.55 ? 255 HOH A O   1 
HETATM 1142 O O   . HOH D 4 .   ? 0.549   4.692   -21.537 1.00 0.57 ? 256 HOH A O   1 
HETATM 1143 O O   . HOH D 4 .   ? 20.262  0.987   -6.064  1.00 0.79 ? 257 HOH A O   1 
HETATM 1144 O O   . HOH D 4 .   ? 9.946   1.116   8.592   1.00 0.79 ? 258 HOH A O   1 
HETATM 1145 O O   . HOH D 4 .   ? 2.847   14.068  -15.878 1.00 0.33 ? 259 HOH A O   1 
HETATM 1146 O O   . HOH D 4 .   ? -10.210 3.930   2.827   1.00 0.52 ? 260 HOH A O   1 
HETATM 1147 O O   . HOH D 4 .   ? -5.211  11.111  -8.950  1.00 0.59 ? 261 HOH A O   1 
HETATM 1148 O O   . HOH D 4 .   ? 1.659   -11.154 -11.100 1.00 0.65 ? 262 HOH A O   1 
HETATM 1149 O O   . HOH D 4 .   ? 2.134   10.441  9.544   1.00 0.79 ? 263 HOH A O   1 
HETATM 1150 O O   . HOH D 4 .   ? 6.523   4.040   -15.413 1.00 0.79 ? 264 HOH A O   1 
HETATM 1151 O O   . HOH D 4 .   ? -2.813  17.995  0.152   1.00 0.70 ? 265 HOH A O   1 
HETATM 1152 O O   . HOH D 4 .   ? 8.523   7.027   -19.482 1.00 0.79 ? 266 HOH A O   1 
HETATM 1153 O O   . HOH D 4 .   ? -7.712  6.687   -13.799 1.00 0.71 ? 267 HOH A O   1 
HETATM 1154 O O   . HOH D 4 .   ? -7.461  12.987  -13.277 1.00 0.70 ? 268 HOH A O   1 
HETATM 1155 O O   . HOH D 4 .   ? 10.342  29.734  12.677  1.00 0.78 ? 269 HOH A O   1 
HETATM 1156 O O   . HOH D 4 .   ? -1.983  17.990  3.104   1.00 0.66 ? 270 HOH A O   1 
HETATM 1157 O O   . HOH D 4 .   ? 17.511  20.008  -4.672  1.00 0.59 ? 271 HOH A O   1 
HETATM 1158 O O   . HOH D 4 .   ? 8.135   -4.567  8.843   1.00 0.74 ? 272 HOH A O   1 
HETATM 1159 O O   . HOH D 4 .   ? 0.789   -4.651  -15.541 1.00 0.65 ? 273 HOH A O   1 
HETATM 1160 O O   . HOH D 4 .   ? 10.997  2.580   -9.292  1.00 0.79 ? 274 HOH A O   1 
HETATM 1161 O O   . HOH D 4 .   ? 2.605   3.611   -18.987 1.00 0.67 ? 275 HOH A O   1 
HETATM 1162 O O   . HOH D 4 .   ? -3.841  17.801  -9.465  1.00 0.76 ? 276 HOH A O   1 
HETATM 1163 O O   . HOH D 4 .   ? 4.822   5.385   9.954   1.00 0.70 ? 277 HOH A O   1 
HETATM 1164 O O   . HOH D 4 .   ? 5.458   3.466   5.743   1.00 0.52 ? 278 HOH A O   1 
HETATM 1165 O O   . HOH D 4 .   ? -5.333  15.858  -9.060  1.00 0.77 ? 279 HOH A O   1 
HETATM 1166 O O   . HOH D 4 .   ? 1.491   15.610  -13.754 1.00 0.55 ? 280 HOH A O   1 
HETATM 1167 O O   . HOH D 4 .   ? 8.581   3.006   5.870   1.00 0.77 ? 281 HOH A O   1 
HETATM 1168 O O   . HOH D 4 .   ? 6.942   2.126   10.096  1.00 0.77 ? 282 HOH A O   1 
HETATM 1169 O O   . HOH D 4 .   ? 10.707  -3.459  -0.004  1.00 0.79 ? 283 HOH A O   1 
HETATM 1170 O O   . HOH D 4 .   ? -4.071  4.200   -21.154 1.00 0.80 ? 284 HOH A O   1 
HETATM 1171 O O   . HOH D 4 .   ? 14.892  20.385  0.032   1.00 0.76 ? 285 HOH A O   1 
HETATM 1172 O O   . HOH D 4 .   ? -2.633  18.868  -10.968 1.00 0.78 ? 286 HOH A O   1 
HETATM 1173 O O   . HOH D 4 .   ? -6.405  12.708  -3.037  1.00 0.79 ? 287 HOH A O   1 
HETATM 1174 O O   . HOH D 4 .   ? 10.735  23.515  -4.729  1.00 0.78 ? 288 HOH A O   1 
HETATM 1175 O O   . HOH D 4 .   ? 10.023  -3.925  2.296   1.00 0.79 ? 289 HOH A O   1 
HETATM 1176 O O   . HOH D 4 .   ? 12.774  -6.405  0.140   1.00 0.78 ? 290 HOH A O   1 
HETATM 1177 O O   . HOH D 4 .   ? 15.866  20.796  4.853   1.00 0.79 ? 291 HOH A O   1 
# 
